data_1B4Q
#
_entry.id   1B4Q
#
_cell.length_a   1.000
_cell.length_b   1.000
_cell.length_c   1.000
_cell.angle_alpha   90.00
_cell.angle_beta   90.00
_cell.angle_gamma   90.00
#
_symmetry.space_group_name_H-M   'P 1'
#
loop_
_entity.id
_entity.type
_entity.pdbx_description
1 polymer 'PROTEIN (HUMAN THIOLTRANSFERASE)'
2 non-polymer GLUTATHIONE
#
_entity_poly.entity_id   1
_entity_poly.type   'polypeptide(L)'
_entity_poly.pdbx_seq_one_letter_code
;AQEFVNSKIQPGKVVVFIKPTCPYSRRAQEILSQLPIKQGLLEFVDITATNHTNEIQDYLQQLTGARTVPRVFIGKDSIG
GSSDLVSLQQSGELLTRLKQIGALQ
;
_entity_poly.pdbx_strand_id   A
#
# COMPACT_ATOMS: atom_id res chain seq x y z
N ALA A 1 -12.27 3.15 11.97
CA ALA A 1 -11.80 2.58 10.68
C ALA A 1 -11.18 1.21 10.93
N GLN A 2 -12.00 0.19 11.05
CA GLN A 2 -11.45 -1.17 11.30
C GLN A 2 -11.72 -2.05 10.07
N GLU A 3 -12.94 -2.47 9.89
CA GLU A 3 -13.27 -3.32 8.71
C GLU A 3 -12.94 -2.57 7.43
N PHE A 4 -12.64 -1.30 7.53
CA PHE A 4 -12.31 -0.51 6.31
C PHE A 4 -11.08 -1.09 5.62
N VAL A 5 -9.93 -0.92 6.21
CA VAL A 5 -8.68 -1.42 5.59
C VAL A 5 -8.61 -2.95 5.69
N ASN A 6 -9.00 -3.50 6.80
CA ASN A 6 -8.93 -4.98 6.96
C ASN A 6 -9.73 -5.67 5.85
N SER A 7 -10.80 -5.08 5.40
CA SER A 7 -11.60 -5.73 4.33
C SER A 7 -10.89 -5.60 2.98
N LYS A 8 -9.95 -4.70 2.86
CA LYS A 8 -9.26 -4.51 1.55
C LYS A 8 -7.91 -5.26 1.53
N ILE A 9 -7.14 -5.20 2.58
CA ILE A 9 -5.83 -5.91 2.58
C ILE A 9 -6.05 -7.41 2.82
N GLN A 10 -5.54 -8.22 1.96
CA GLN A 10 -5.67 -9.68 2.12
C GLN A 10 -4.44 -10.35 1.48
N PRO A 11 -4.15 -11.57 1.87
CA PRO A 11 -2.98 -12.29 1.34
C PRO A 11 -2.97 -12.32 -0.19
N GLY A 12 -1.83 -12.09 -0.77
CA GLY A 12 -1.72 -12.10 -2.26
C GLY A 12 -2.46 -10.91 -2.88
N LYS A 13 -2.58 -9.83 -2.17
CA LYS A 13 -3.29 -8.64 -2.73
C LYS A 13 -2.55 -7.37 -2.33
N VAL A 14 -2.28 -6.51 -3.27
CA VAL A 14 -1.54 -5.25 -2.96
C VAL A 14 -2.54 -4.08 -2.90
N VAL A 15 -2.42 -3.27 -1.88
CA VAL A 15 -3.33 -2.09 -1.74
C VAL A 15 -2.51 -0.91 -1.21
N VAL A 16 -2.73 0.25 -1.76
CA VAL A 16 -1.93 1.44 -1.32
C VAL A 16 -2.84 2.54 -0.76
N PHE A 17 -2.54 3.03 0.41
CA PHE A 17 -3.35 4.14 1.01
C PHE A 17 -2.65 5.46 0.68
N ILE A 18 -3.31 6.33 -0.03
CA ILE A 18 -2.67 7.63 -0.41
C ILE A 18 -3.58 8.81 -0.09
N LYS A 19 -3.12 9.97 -0.47
CA LYS A 19 -3.88 11.22 -0.26
C LYS A 19 -3.57 12.11 -1.48
N PRO A 20 -4.40 12.04 -2.49
CA PRO A 20 -4.18 12.80 -3.72
C PRO A 20 -3.85 14.26 -3.39
N THR A 21 -2.61 14.52 -3.08
CA THR A 21 -2.20 15.91 -2.75
C THR A 21 -0.69 15.93 -2.48
N CYS A 22 -0.18 14.91 -1.86
CA CYS A 22 1.29 14.86 -1.56
C CYS A 22 2.00 14.01 -2.64
N PRO A 23 3.01 14.56 -3.26
CA PRO A 23 3.77 13.87 -4.33
C PRO A 23 4.34 12.51 -3.88
N TYR A 24 4.54 12.29 -2.61
CA TYR A 24 5.10 10.97 -2.19
C TYR A 24 4.09 9.87 -2.46
N SER A 25 2.84 10.10 -2.15
CA SER A 25 1.83 9.07 -2.41
C SER A 25 1.77 8.83 -3.92
N ARG A 26 1.90 9.89 -4.67
CA ARG A 26 1.89 9.74 -6.15
C ARG A 26 3.06 8.86 -6.55
N ARG A 27 4.20 9.02 -5.93
CA ARG A 27 5.37 8.18 -6.29
C ARG A 27 4.95 6.71 -6.20
N ALA A 28 4.27 6.35 -5.15
CA ALA A 28 3.83 4.94 -5.00
C ALA A 28 2.91 4.58 -6.17
N GLN A 29 2.11 5.51 -6.61
CA GLN A 29 1.19 5.24 -7.74
C GLN A 29 2.01 5.11 -9.02
N GLU A 30 3.05 5.89 -9.13
CA GLU A 30 3.90 5.86 -10.35
C GLU A 30 4.71 4.56 -10.43
N ILE A 31 5.25 4.10 -9.33
CA ILE A 31 6.06 2.85 -9.37
C ILE A 31 5.17 1.62 -9.58
N LEU A 32 4.40 1.28 -8.59
CA LEU A 32 3.54 0.08 -8.72
C LEU A 32 2.74 0.15 -10.01
N SER A 33 2.64 1.30 -10.61
CA SER A 33 1.90 1.40 -11.89
C SER A 33 2.70 0.65 -12.96
N GLN A 34 4.00 0.63 -12.82
CA GLN A 34 4.86 -0.06 -13.83
C GLN A 34 5.13 -1.51 -13.41
N LEU A 35 4.58 -1.95 -12.31
CA LEU A 35 4.83 -3.35 -11.87
C LEU A 35 3.76 -4.27 -12.52
N PRO A 36 4.21 -5.34 -13.16
CA PRO A 36 3.28 -6.29 -13.81
C PRO A 36 2.50 -7.06 -12.74
N ILE A 37 1.62 -6.40 -12.07
CA ILE A 37 0.81 -7.07 -11.02
C ILE A 37 -0.34 -7.84 -11.68
N LYS A 38 -0.84 -8.85 -11.03
CA LYS A 38 -1.95 -9.64 -11.62
C LYS A 38 -3.10 -8.71 -11.98
N GLN A 39 -4.24 -9.26 -12.28
CA GLN A 39 -5.43 -8.42 -12.67
C GLN A 39 -5.73 -7.38 -11.59
N GLY A 40 -6.98 -7.32 -11.17
CA GLY A 40 -7.38 -6.32 -10.15
C GLY A 40 -6.73 -6.63 -8.81
N LEU A 41 -5.44 -6.79 -8.78
CA LEU A 41 -4.74 -7.08 -7.50
C LEU A 41 -4.14 -5.80 -6.95
N LEU A 42 -3.74 -4.93 -7.82
CA LEU A 42 -3.13 -3.64 -7.37
C LEU A 42 -4.20 -2.55 -7.33
N GLU A 43 -4.22 -1.78 -6.29
CA GLU A 43 -5.24 -0.70 -6.18
C GLU A 43 -4.64 0.53 -5.51
N PHE A 44 -5.37 1.61 -5.49
CA PHE A 44 -4.88 2.86 -4.84
C PHE A 44 -6.02 3.38 -3.96
N VAL A 45 -5.84 3.33 -2.66
CA VAL A 45 -6.93 3.75 -1.74
C VAL A 45 -6.77 5.19 -1.27
N ASP A 46 -7.59 6.07 -1.77
CA ASP A 46 -7.54 7.50 -1.35
C ASP A 46 -8.34 7.65 -0.05
N ILE A 47 -7.69 7.66 1.07
CA ILE A 47 -8.41 7.79 2.36
C ILE A 47 -9.16 9.13 2.43
N THR A 48 -9.10 9.91 1.39
CA THR A 48 -9.81 11.23 1.41
C THR A 48 -11.18 11.09 0.75
N ALA A 49 -11.27 10.29 -0.28
CA ALA A 49 -12.57 10.10 -0.97
C ALA A 49 -13.45 9.15 -0.17
N THR A 50 -13.29 9.10 1.13
CA THR A 50 -14.12 8.19 1.96
C THR A 50 -14.45 8.83 3.31
N ASN A 51 -13.92 9.99 3.56
CA ASN A 51 -14.19 10.67 4.86
C ASN A 51 -13.49 9.91 5.98
N HIS A 52 -13.64 10.34 7.20
CA HIS A 52 -12.97 9.63 8.33
C HIS A 52 -11.47 9.52 8.02
N THR A 53 -10.95 10.43 7.24
CA THR A 53 -9.52 10.39 6.87
C THR A 53 -8.66 10.04 8.10
N ASN A 54 -8.78 10.80 9.15
CA ASN A 54 -7.95 10.55 10.36
C ASN A 54 -8.22 9.15 10.93
N GLU A 55 -9.41 8.64 10.80
CA GLU A 55 -9.70 7.29 11.36
C GLU A 55 -8.84 6.23 10.68
N ILE A 56 -8.72 6.29 9.38
CA ILE A 56 -7.89 5.26 8.69
C ILE A 56 -6.43 5.43 9.10
N GLN A 57 -5.87 6.59 8.93
CA GLN A 57 -4.44 6.77 9.32
C GLN A 57 -4.32 6.37 10.78
N ASP A 58 -5.24 6.82 11.59
CA ASP A 58 -5.20 6.45 13.02
C ASP A 58 -5.14 4.93 13.08
N TYR A 59 -5.80 4.28 12.15
CA TYR A 59 -5.77 2.80 12.12
C TYR A 59 -4.45 2.33 11.51
N LEU A 60 -4.04 2.93 10.42
CA LEU A 60 -2.73 2.52 9.80
C LEU A 60 -1.66 2.60 10.89
N GLN A 61 -1.79 3.58 11.75
CA GLN A 61 -0.80 3.75 12.84
C GLN A 61 -0.80 2.51 13.73
N GLN A 62 -1.93 2.16 14.28
CA GLN A 62 -1.98 0.96 15.17
C GLN A 62 -1.73 -0.31 14.35
N LEU A 63 -2.19 -0.36 13.14
CA LEU A 63 -2.00 -1.57 12.30
C LEU A 63 -0.51 -1.77 12.01
N THR A 64 0.15 -0.73 11.59
CA THR A 64 1.60 -0.84 11.26
C THR A 64 2.41 -0.03 12.28
N GLY A 65 2.23 1.26 12.32
CA GLY A 65 2.99 2.09 13.29
C GLY A 65 3.11 3.52 12.78
N ALA A 66 3.44 3.70 11.53
CA ALA A 66 3.58 5.08 10.97
C ALA A 66 2.29 5.50 10.27
N ARG A 67 1.95 6.76 10.36
CA ARG A 67 0.72 7.27 9.69
C ARG A 67 1.11 8.19 8.53
N THR A 68 2.23 7.93 7.92
CA THR A 68 2.70 8.79 6.80
C THR A 68 2.06 8.37 5.47
N VAL A 69 2.20 9.19 4.46
CA VAL A 69 1.65 8.86 3.11
C VAL A 69 2.82 8.60 2.16
N PRO A 70 2.77 7.55 1.38
CA PRO A 70 1.67 6.57 1.35
C PRO A 70 1.79 5.54 2.48
N ARG A 71 1.04 4.48 2.35
CA ARG A 71 1.07 3.35 3.32
C ARG A 71 0.75 2.08 2.51
N VAL A 72 1.78 1.42 2.02
CA VAL A 72 1.57 0.22 1.14
C VAL A 72 1.38 -1.05 1.96
N PHE A 73 0.76 -2.05 1.36
CA PHE A 73 0.52 -3.34 2.08
C PHE A 73 0.65 -4.54 1.13
N ILE A 74 1.81 -5.11 0.99
CA ILE A 74 1.90 -6.31 0.12
C ILE A 74 1.22 -7.42 0.92
N GLY A 75 0.13 -7.95 0.45
CA GLY A 75 -0.57 -8.97 1.26
C GLY A 75 -0.94 -8.26 2.57
N LYS A 76 -1.09 -8.96 3.66
CA LYS A 76 -1.41 -8.26 4.93
C LYS A 76 -0.13 -7.72 5.57
N ASP A 77 1.00 -7.94 4.94
CA ASP A 77 2.29 -7.47 5.52
C ASP A 77 2.61 -6.05 5.03
N SER A 78 2.72 -5.11 5.93
CA SER A 78 3.05 -3.70 5.54
C SER A 78 4.55 -3.60 5.22
N ILE A 79 4.92 -2.83 4.23
CA ILE A 79 6.37 -2.68 3.90
C ILE A 79 6.85 -1.30 4.33
N GLY A 80 5.95 -0.38 4.56
CA GLY A 80 6.36 0.99 4.99
C GLY A 80 5.69 2.05 4.12
N GLY A 81 6.26 3.22 4.06
CA GLY A 81 5.67 4.32 3.23
C GLY A 81 6.26 4.30 1.83
N SER A 82 6.40 5.44 1.23
CA SER A 82 6.96 5.50 -0.15
C SER A 82 8.46 5.21 -0.11
N SER A 83 9.19 6.03 0.57
CA SER A 83 10.66 5.83 0.65
C SER A 83 10.94 4.38 1.07
N ASP A 84 10.00 3.77 1.74
CA ASP A 84 10.20 2.36 2.16
C ASP A 84 10.02 1.43 0.94
N LEU A 85 8.96 1.62 0.21
CA LEU A 85 8.71 0.78 -1.00
C LEU A 85 9.92 0.80 -1.92
N VAL A 86 10.29 1.97 -2.39
CA VAL A 86 11.45 2.07 -3.32
C VAL A 86 12.66 1.33 -2.75
N SER A 87 13.03 1.62 -1.53
CA SER A 87 14.21 0.92 -0.94
C SER A 87 14.10 -0.58 -1.25
N LEU A 88 12.91 -1.11 -1.23
CA LEU A 88 12.72 -2.56 -1.51
C LEU A 88 12.76 -2.84 -3.02
N GLN A 89 12.14 -2.01 -3.83
CA GLN A 89 12.12 -2.27 -5.30
C GLN A 89 13.56 -2.34 -5.83
N GLN A 90 14.34 -1.31 -5.63
CA GLN A 90 15.74 -1.34 -6.14
C GLN A 90 16.50 -2.48 -5.46
N SER A 91 16.09 -2.85 -4.29
CA SER A 91 16.79 -3.96 -3.58
C SER A 91 16.27 -5.30 -4.10
N GLY A 92 15.11 -5.31 -4.70
CA GLY A 92 14.55 -6.58 -5.25
C GLY A 92 13.80 -7.35 -4.16
N GLU A 93 13.89 -6.92 -2.93
CA GLU A 93 13.17 -7.63 -1.84
C GLU A 93 11.67 -7.43 -2.04
N LEU A 94 11.31 -6.36 -2.71
CA LEU A 94 9.88 -6.06 -2.96
C LEU A 94 9.22 -7.17 -3.78
N LEU A 95 9.64 -7.31 -5.01
CA LEU A 95 9.02 -8.33 -5.88
C LEU A 95 9.07 -9.67 -5.17
N THR A 96 10.03 -9.84 -4.32
CA THR A 96 10.11 -11.11 -3.56
C THR A 96 8.88 -11.21 -2.65
N ARG A 97 8.58 -10.15 -1.93
CA ARG A 97 7.39 -10.19 -1.04
C ARG A 97 6.16 -10.49 -1.90
N LEU A 98 6.16 -10.00 -3.10
CA LEU A 98 5.03 -10.27 -4.03
C LEU A 98 5.08 -11.74 -4.46
N LYS A 99 6.27 -12.23 -4.70
CA LYS A 99 6.44 -13.63 -5.16
C LYS A 99 5.98 -14.63 -4.09
N GLN A 100 6.50 -14.55 -2.89
CA GLN A 100 6.11 -15.54 -1.84
C GLN A 100 4.59 -15.63 -1.72
N ILE A 101 3.87 -14.58 -2.03
CA ILE A 101 2.38 -14.66 -1.93
C ILE A 101 1.80 -14.85 -3.33
N GLY A 102 2.56 -14.52 -4.34
CA GLY A 102 2.06 -14.69 -5.74
C GLY A 102 1.23 -13.47 -6.15
N ALA A 103 1.65 -12.30 -5.79
CA ALA A 103 0.86 -11.08 -6.17
C ALA A 103 1.27 -10.63 -7.57
N LEU A 104 2.36 -11.14 -8.08
CA LEU A 104 2.81 -10.75 -9.45
C LEU A 104 2.28 -11.74 -10.48
N GLN A 105 2.52 -11.49 -11.73
CA GLN A 105 2.03 -12.43 -12.79
C GLN A 105 2.94 -13.65 -12.86
N ALA A 1 -11.50 3.94 12.77
CA ALA A 1 -11.59 3.05 11.58
C ALA A 1 -11.16 1.63 11.99
N GLN A 2 -11.56 0.65 11.23
CA GLN A 2 -11.19 -0.76 11.56
C GLN A 2 -11.48 -1.66 10.37
N GLU A 3 -12.70 -2.09 10.22
CA GLU A 3 -13.06 -2.97 9.06
C GLU A 3 -12.75 -2.22 7.77
N PHE A 4 -12.39 -0.97 7.87
CA PHE A 4 -12.08 -0.17 6.65
C PHE A 4 -10.88 -0.76 5.91
N VAL A 5 -9.71 -0.67 6.47
CA VAL A 5 -8.50 -1.21 5.78
C VAL A 5 -8.50 -2.74 5.80
N ASN A 6 -8.93 -3.34 6.88
CA ASN A 6 -8.94 -4.82 6.95
C ASN A 6 -9.73 -5.37 5.77
N SER A 7 -10.79 -4.72 5.40
CA SER A 7 -11.61 -5.22 4.25
C SER A 7 -10.90 -4.93 2.94
N LYS A 8 -9.88 -4.11 2.96
CA LYS A 8 -9.16 -3.77 1.70
C LYS A 8 -7.91 -4.63 1.53
N ILE A 9 -7.12 -4.77 2.57
CA ILE A 9 -5.88 -5.59 2.43
C ILE A 9 -6.24 -7.08 2.52
N GLN A 10 -5.65 -7.87 1.65
CA GLN A 10 -5.93 -9.34 1.65
C GLN A 10 -4.66 -10.08 1.22
N PRO A 11 -4.52 -11.31 1.65
CA PRO A 11 -3.34 -12.13 1.30
C PRO A 11 -3.22 -12.26 -0.22
N GLY A 12 -2.04 -12.02 -0.75
CA GLY A 12 -1.84 -12.14 -2.21
C GLY A 12 -2.53 -10.96 -2.91
N LYS A 13 -2.66 -9.85 -2.24
CA LYS A 13 -3.31 -8.67 -2.87
C LYS A 13 -2.56 -7.40 -2.48
N VAL A 14 -2.30 -6.52 -3.41
CA VAL A 14 -1.57 -5.27 -3.09
C VAL A 14 -2.54 -4.10 -3.00
N VAL A 15 -2.40 -3.28 -2.00
CA VAL A 15 -3.30 -2.10 -1.85
C VAL A 15 -2.47 -0.93 -1.33
N VAL A 16 -2.72 0.26 -1.80
CA VAL A 16 -1.91 1.42 -1.33
C VAL A 16 -2.82 2.53 -0.79
N PHE A 17 -2.57 2.95 0.43
CA PHE A 17 -3.38 4.05 1.01
C PHE A 17 -2.68 5.36 0.67
N ILE A 18 -3.36 6.27 0.04
CA ILE A 18 -2.71 7.55 -0.37
C ILE A 18 -3.57 8.75 -0.02
N LYS A 19 -3.12 9.90 -0.41
CA LYS A 19 -3.87 11.15 -0.16
C LYS A 19 -3.62 12.06 -1.38
N PRO A 20 -4.50 12.00 -2.35
CA PRO A 20 -4.35 12.78 -3.59
C PRO A 20 -3.98 14.24 -3.26
N THR A 21 -2.73 14.47 -2.98
CA THR A 21 -2.26 15.85 -2.67
C THR A 21 -0.74 15.82 -2.49
N CYS A 22 -0.21 14.77 -1.91
CA CYS A 22 1.27 14.70 -1.71
C CYS A 22 1.91 13.83 -2.82
N PRO A 23 2.94 14.36 -3.46
CA PRO A 23 3.63 13.64 -4.55
C PRO A 23 4.26 12.33 -4.07
N TYR A 24 4.38 12.13 -2.78
CA TYR A 24 5.01 10.86 -2.30
C TYR A 24 4.05 9.71 -2.59
N SER A 25 2.79 9.89 -2.30
CA SER A 25 1.81 8.82 -2.58
C SER A 25 1.69 8.64 -4.10
N ARG A 26 1.87 9.70 -4.83
CA ARG A 26 1.77 9.63 -6.31
C ARG A 26 2.85 8.71 -6.89
N ARG A 27 4.11 8.97 -6.61
CA ARG A 27 5.16 8.09 -7.17
C ARG A 27 4.82 6.63 -6.87
N ALA A 28 4.23 6.36 -5.74
CA ALA A 28 3.85 4.96 -5.42
C ALA A 28 2.83 4.50 -6.46
N GLN A 29 1.97 5.39 -6.88
CA GLN A 29 0.95 5.03 -7.90
C GLN A 29 1.63 4.87 -9.26
N GLU A 30 2.44 5.80 -9.64
CA GLU A 30 3.13 5.74 -10.96
C GLU A 30 4.16 4.60 -10.99
N ILE A 31 4.78 4.30 -9.87
CA ILE A 31 5.80 3.20 -9.89
C ILE A 31 5.10 1.83 -9.90
N LEU A 32 4.24 1.57 -8.94
CA LEU A 32 3.54 0.26 -8.93
C LEU A 32 2.75 0.10 -10.22
N SER A 33 2.43 1.19 -10.87
CA SER A 33 1.67 1.09 -12.14
C SER A 33 2.55 0.38 -13.17
N GLN A 34 3.84 0.48 -13.03
CA GLN A 34 4.77 -0.19 -13.98
C GLN A 34 5.11 -1.61 -13.51
N LEU A 35 4.53 -2.05 -12.42
CA LEU A 35 4.85 -3.44 -11.93
C LEU A 35 3.85 -4.43 -12.55
N PRO A 36 4.36 -5.50 -13.15
CA PRO A 36 3.50 -6.52 -13.76
C PRO A 36 2.67 -7.23 -12.69
N ILE A 37 1.75 -6.52 -12.11
CA ILE A 37 0.90 -7.12 -11.05
C ILE A 37 -0.24 -7.89 -11.71
N LYS A 38 -0.74 -8.90 -11.06
CA LYS A 38 -1.85 -9.69 -11.66
C LYS A 38 -3.00 -8.76 -12.04
N GLN A 39 -4.12 -9.33 -12.43
CA GLN A 39 -5.29 -8.50 -12.85
C GLN A 39 -5.60 -7.43 -11.78
N GLY A 40 -6.83 -7.35 -11.36
CA GLY A 40 -7.21 -6.32 -10.35
C GLY A 40 -6.54 -6.61 -9.01
N LEU A 41 -5.26 -6.85 -9.01
CA LEU A 41 -4.56 -7.14 -7.72
C LEU A 41 -3.87 -5.87 -7.20
N LEU A 42 -3.76 -4.87 -8.04
CA LEU A 42 -3.11 -3.59 -7.60
C LEU A 42 -4.19 -2.52 -7.46
N GLU A 43 -4.24 -1.84 -6.35
CA GLU A 43 -5.30 -0.80 -6.16
C GLU A 43 -4.73 0.42 -5.42
N PHE A 44 -5.43 1.51 -5.45
CA PHE A 44 -4.98 2.75 -4.75
C PHE A 44 -6.14 3.23 -3.87
N VAL A 45 -5.98 3.18 -2.58
CA VAL A 45 -7.10 3.59 -1.67
C VAL A 45 -6.92 5.04 -1.20
N ASP A 46 -7.73 5.93 -1.72
CA ASP A 46 -7.65 7.35 -1.29
C ASP A 46 -8.44 7.51 0.02
N ILE A 47 -7.76 7.57 1.13
CA ILE A 47 -8.47 7.70 2.44
C ILE A 47 -9.25 9.02 2.49
N THR A 48 -9.12 9.87 1.52
CA THR A 48 -9.86 11.16 1.55
C THR A 48 -11.17 11.02 0.75
N ALA A 49 -11.22 10.08 -0.15
CA ALA A 49 -12.45 9.89 -0.95
C ALA A 49 -13.50 9.15 -0.11
N THR A 50 -13.34 9.14 1.18
CA THR A 50 -14.32 8.41 2.04
C THR A 50 -14.51 9.17 3.36
N ASN A 51 -13.79 10.23 3.57
CA ASN A 51 -13.92 11.01 4.84
C ASN A 51 -13.24 10.24 5.97
N HIS A 52 -13.31 10.74 7.17
CA HIS A 52 -12.66 10.03 8.31
C HIS A 52 -11.18 9.82 7.97
N THR A 53 -10.63 10.68 7.17
CA THR A 53 -9.20 10.53 6.79
C THR A 53 -8.35 10.19 8.02
N ASN A 54 -8.36 11.04 9.01
CA ASN A 54 -7.54 10.78 10.24
C ASN A 54 -7.92 9.45 10.88
N GLU A 55 -9.15 9.01 10.73
CA GLU A 55 -9.54 7.71 11.36
C GLU A 55 -8.74 6.58 10.74
N ILE A 56 -8.61 6.55 9.44
CA ILE A 56 -7.84 5.46 8.80
C ILE A 56 -6.36 5.57 9.19
N GLN A 57 -5.76 6.72 8.98
CA GLN A 57 -4.33 6.86 9.36
C GLN A 57 -4.20 6.53 10.84
N ASP A 58 -5.14 6.99 11.62
CA ASP A 58 -5.11 6.67 13.06
C ASP A 58 -5.06 5.16 13.20
N TYR A 59 -5.70 4.47 12.29
CA TYR A 59 -5.69 2.98 12.33
C TYR A 59 -4.34 2.49 11.78
N LEU A 60 -3.91 3.00 10.66
CA LEU A 60 -2.60 2.57 10.10
C LEU A 60 -1.54 2.75 11.18
N GLN A 61 -1.67 3.78 11.95
CA GLN A 61 -0.69 4.04 13.03
C GLN A 61 -0.63 2.85 13.99
N GLN A 62 -1.76 2.41 14.47
CA GLN A 62 -1.77 1.27 15.42
C GLN A 62 -1.31 -0.04 14.73
N LEU A 63 -1.92 -0.39 13.63
CA LEU A 63 -1.53 -1.65 12.94
C LEU A 63 -0.09 -1.58 12.44
N THR A 64 0.37 -0.42 12.08
CA THR A 64 1.77 -0.29 11.57
C THR A 64 2.62 0.52 12.56
N GLY A 65 2.36 1.79 12.65
CA GLY A 65 3.15 2.64 13.59
C GLY A 65 3.32 4.03 12.98
N ALA A 66 3.61 4.10 11.71
CA ALA A 66 3.78 5.42 11.04
C ALA A 66 2.51 5.80 10.29
N ARG A 67 2.04 7.01 10.49
CA ARG A 67 0.81 7.47 9.79
C ARG A 67 1.22 8.33 8.58
N THR A 68 2.32 8.00 7.97
CA THR A 68 2.80 8.79 6.80
C THR A 68 2.08 8.35 5.51
N VAL A 69 2.32 9.06 4.43
CA VAL A 69 1.68 8.70 3.12
C VAL A 69 2.79 8.45 2.09
N PRO A 70 2.65 7.42 1.29
CA PRO A 70 1.51 6.47 1.30
C PRO A 70 1.75 5.39 2.35
N ARG A 71 0.89 4.42 2.39
CA ARG A 71 1.08 3.27 3.31
C ARG A 71 0.75 2.03 2.49
N VAL A 72 1.76 1.33 2.07
CA VAL A 72 1.53 0.14 1.19
C VAL A 72 1.31 -1.13 2.01
N PHE A 73 0.71 -2.12 1.42
CA PHE A 73 0.45 -3.39 2.13
C PHE A 73 0.55 -4.58 1.17
N ILE A 74 1.72 -5.14 0.98
CA ILE A 74 1.80 -6.32 0.09
C ILE A 74 1.16 -7.47 0.85
N GLY A 75 -0.01 -7.89 0.46
CA GLY A 75 -0.68 -8.96 1.24
C GLY A 75 -1.06 -8.34 2.59
N LYS A 76 -1.19 -9.12 3.63
CA LYS A 76 -1.53 -8.51 4.94
C LYS A 76 -0.24 -8.00 5.61
N ASP A 77 0.89 -8.22 4.99
CA ASP A 77 2.17 -7.75 5.60
C ASP A 77 2.50 -6.33 5.12
N SER A 78 2.56 -5.38 6.02
CA SER A 78 2.89 -3.99 5.62
C SER A 78 4.37 -3.90 5.26
N ILE A 79 4.74 -2.98 4.41
CA ILE A 79 6.18 -2.84 4.03
C ILE A 79 6.74 -1.51 4.56
N GLY A 80 5.89 -0.52 4.67
CA GLY A 80 6.36 0.81 5.19
C GLY A 80 5.65 1.93 4.44
N GLY A 81 6.37 2.94 4.04
CA GLY A 81 5.74 4.07 3.30
C GLY A 81 6.31 4.13 1.88
N SER A 82 6.45 5.30 1.32
CA SER A 82 6.99 5.42 -0.05
C SER A 82 8.49 5.09 -0.05
N SER A 83 9.25 5.80 0.72
CA SER A 83 10.72 5.54 0.76
C SER A 83 10.96 4.05 1.06
N ASP A 84 10.03 3.43 1.73
CA ASP A 84 10.18 1.97 2.04
C ASP A 84 9.95 1.16 0.76
N LEU A 85 8.87 1.44 0.07
CA LEU A 85 8.57 0.69 -1.18
C LEU A 85 9.80 0.73 -2.11
N VAL A 86 10.19 1.91 -2.51
CA VAL A 86 11.36 2.02 -3.44
C VAL A 86 12.54 1.23 -2.88
N SER A 87 12.88 1.41 -1.63
CA SER A 87 14.02 0.65 -1.07
C SER A 87 13.89 -0.85 -1.40
N LEU A 88 12.73 -1.42 -1.18
CA LEU A 88 12.53 -2.86 -1.47
C LEU A 88 12.53 -3.11 -2.99
N GLN A 89 11.92 -2.25 -3.75
CA GLN A 89 11.85 -2.48 -5.22
C GLN A 89 13.25 -2.51 -5.83
N GLN A 90 14.03 -1.48 -5.66
CA GLN A 90 15.40 -1.48 -6.25
C GLN A 90 16.21 -2.61 -5.63
N SER A 91 15.85 -3.03 -4.46
CA SER A 91 16.59 -4.14 -3.80
C SER A 91 16.11 -5.49 -4.34
N GLY A 92 14.92 -5.51 -4.89
CA GLY A 92 14.39 -6.79 -5.46
C GLY A 92 13.62 -7.56 -4.38
N GLU A 93 13.72 -7.13 -3.15
CA GLU A 93 12.99 -7.83 -2.06
C GLU A 93 11.48 -7.63 -2.25
N LEU A 94 11.10 -6.51 -2.79
CA LEU A 94 9.64 -6.24 -2.98
C LEU A 94 9.01 -7.32 -3.85
N LEU A 95 9.48 -7.48 -5.06
CA LEU A 95 8.88 -8.51 -5.94
C LEU A 95 8.94 -9.85 -5.24
N THR A 96 9.95 -10.05 -4.45
CA THR A 96 10.06 -11.33 -3.70
C THR A 96 8.87 -11.43 -2.75
N ARG A 97 8.57 -10.36 -2.07
CA ARG A 97 7.42 -10.37 -1.12
C ARG A 97 6.15 -10.66 -1.92
N LEU A 98 6.06 -10.12 -3.11
CA LEU A 98 4.87 -10.38 -3.95
C LEU A 98 4.93 -11.84 -4.44
N LYS A 99 6.12 -12.32 -4.67
CA LYS A 99 6.30 -13.72 -5.17
C LYS A 99 5.84 -14.76 -4.14
N GLN A 100 6.38 -14.73 -2.94
CA GLN A 100 5.99 -15.74 -1.92
C GLN A 100 4.47 -15.86 -1.84
N ILE A 101 3.74 -14.80 -2.05
CA ILE A 101 2.26 -14.89 -1.97
C ILE A 101 1.68 -14.94 -3.39
N GLY A 102 2.49 -14.73 -4.39
CA GLY A 102 1.99 -14.78 -5.79
C GLY A 102 1.17 -13.54 -6.12
N ALA A 103 1.61 -12.39 -5.70
CA ALA A 103 0.85 -11.14 -6.00
C ALA A 103 1.26 -10.62 -7.38
N LEU A 104 2.35 -11.12 -7.89
CA LEU A 104 2.82 -10.67 -9.24
C LEU A 104 2.36 -11.69 -10.30
N GLN A 105 2.80 -11.53 -11.52
CA GLN A 105 2.40 -12.49 -12.60
C GLN A 105 3.20 -13.78 -12.47
N ALA A 1 -12.13 3.49 12.33
CA ALA A 1 -11.99 2.64 11.11
C ALA A 1 -11.38 1.29 11.51
N GLN A 2 -11.91 0.22 10.98
CA GLN A 2 -11.36 -1.13 11.31
C GLN A 2 -11.63 -2.07 10.13
N GLU A 3 -12.82 -2.54 9.99
CA GLU A 3 -13.13 -3.45 8.84
C GLU A 3 -12.82 -2.70 7.54
N PHE A 4 -12.51 -1.44 7.66
CA PHE A 4 -12.20 -0.62 6.45
C PHE A 4 -10.96 -1.17 5.73
N VAL A 5 -9.82 -1.06 6.34
CA VAL A 5 -8.57 -1.53 5.68
C VAL A 5 -8.52 -3.06 5.69
N ASN A 6 -8.91 -3.68 6.76
CA ASN A 6 -8.88 -5.16 6.82
C ASN A 6 -9.66 -5.73 5.63
N SER A 7 -10.75 -5.10 5.28
CA SER A 7 -11.55 -5.60 4.12
C SER A 7 -10.83 -5.25 2.81
N LYS A 8 -9.84 -4.41 2.86
CA LYS A 8 -9.12 -4.02 1.61
C LYS A 8 -7.85 -4.85 1.45
N ILE A 9 -7.06 -4.99 2.49
CA ILE A 9 -5.80 -5.79 2.36
C ILE A 9 -6.13 -7.28 2.44
N GLN A 10 -5.54 -8.05 1.59
CA GLN A 10 -5.79 -9.52 1.59
C GLN A 10 -4.49 -10.23 1.16
N PRO A 11 -4.32 -11.45 1.59
CA PRO A 11 -3.12 -12.22 1.22
C PRO A 11 -2.98 -12.29 -0.30
N GLY A 12 -1.81 -11.99 -0.80
CA GLY A 12 -1.59 -12.03 -2.27
C GLY A 12 -2.30 -10.84 -2.93
N LYS A 13 -2.43 -9.75 -2.23
CA LYS A 13 -3.11 -8.56 -2.82
C LYS A 13 -2.34 -7.30 -2.44
N VAL A 14 -2.08 -6.43 -3.39
CA VAL A 14 -1.34 -5.18 -3.08
C VAL A 14 -2.33 -4.02 -3.02
N VAL A 15 -2.31 -3.26 -1.95
CA VAL A 15 -3.24 -2.10 -1.82
C VAL A 15 -2.45 -0.91 -1.29
N VAL A 16 -2.73 0.27 -1.79
CA VAL A 16 -1.98 1.47 -1.34
C VAL A 16 -2.92 2.53 -0.78
N PHE A 17 -2.69 2.95 0.44
CA PHE A 17 -3.53 4.01 1.06
C PHE A 17 -2.87 5.36 0.78
N ILE A 18 -3.52 6.22 0.04
CA ILE A 18 -2.89 7.53 -0.30
C ILE A 18 -3.82 8.69 0.04
N LYS A 19 -3.35 9.87 -0.25
CA LYS A 19 -4.13 11.11 0.00
C LYS A 19 -3.87 12.02 -1.21
N PRO A 20 -4.68 11.90 -2.23
CA PRO A 20 -4.49 12.68 -3.46
C PRO A 20 -4.22 14.15 -3.14
N THR A 21 -3.00 14.45 -2.79
CA THR A 21 -2.63 15.86 -2.45
C THR A 21 -1.13 15.91 -2.20
N CYS A 22 -0.57 14.86 -1.65
CA CYS A 22 0.90 14.84 -1.36
C CYS A 22 1.63 14.08 -2.49
N PRO A 23 2.61 14.73 -3.11
CA PRO A 23 3.37 14.12 -4.22
C PRO A 23 4.05 12.80 -3.82
N TYR A 24 4.17 12.50 -2.56
CA TYR A 24 4.82 11.21 -2.16
C TYR A 24 3.89 10.04 -2.47
N SER A 25 2.63 10.18 -2.20
CA SER A 25 1.70 9.07 -2.50
C SER A 25 1.66 8.89 -4.01
N ARG A 26 1.84 9.95 -4.74
CA ARG A 26 1.84 9.87 -6.21
C ARG A 26 3.00 8.97 -6.65
N ARG A 27 4.13 9.09 -6.00
CA ARG A 27 5.28 8.22 -6.38
C ARG A 27 4.85 6.77 -6.31
N ALA A 28 4.21 6.38 -5.25
CA ALA A 28 3.75 4.98 -5.13
C ALA A 28 2.82 4.65 -6.30
N GLN A 29 2.02 5.60 -6.71
CA GLN A 29 1.10 5.36 -7.84
C GLN A 29 1.89 5.27 -9.15
N GLU A 30 2.80 6.19 -9.34
CA GLU A 30 3.62 6.20 -10.59
C GLU A 30 4.60 5.02 -10.61
N ILE A 31 5.10 4.61 -9.47
CA ILE A 31 6.08 3.49 -9.47
C ILE A 31 5.37 2.14 -9.59
N LEU A 32 4.46 1.82 -8.71
CA LEU A 32 3.75 0.51 -8.81
C LEU A 32 3.04 0.42 -10.16
N SER A 33 2.75 1.52 -10.78
CA SER A 33 2.06 1.46 -12.09
C SER A 33 2.97 0.79 -13.10
N GLN A 34 4.26 0.81 -12.84
CA GLN A 34 5.22 0.18 -13.78
C GLN A 34 5.50 -1.27 -13.35
N LEU A 35 4.92 -1.70 -12.26
CA LEU A 35 5.17 -3.11 -11.81
C LEU A 35 4.14 -4.04 -12.49
N PRO A 36 4.62 -5.10 -13.10
CA PRO A 36 3.73 -6.06 -13.78
C PRO A 36 2.89 -6.81 -12.74
N ILE A 37 2.00 -6.12 -12.10
CA ILE A 37 1.15 -6.77 -11.08
C ILE A 37 0.02 -7.51 -11.78
N LYS A 38 -0.45 -8.58 -11.21
CA LYS A 38 -1.53 -9.37 -11.85
C LYS A 38 -2.73 -8.45 -12.16
N GLN A 39 -3.84 -9.04 -12.49
CA GLN A 39 -5.06 -8.24 -12.83
C GLN A 39 -5.39 -7.21 -11.73
N GLY A 40 -6.64 -7.15 -11.34
CA GLY A 40 -7.06 -6.17 -10.31
C GLY A 40 -6.41 -6.50 -8.96
N LEU A 41 -5.12 -6.67 -8.95
CA LEU A 41 -4.41 -6.98 -7.67
C LEU A 41 -3.81 -5.69 -7.11
N LEU A 42 -3.49 -4.78 -7.99
CA LEU A 42 -2.90 -3.49 -7.54
C LEU A 42 -4.01 -2.46 -7.46
N GLU A 43 -4.10 -1.75 -6.37
CA GLU A 43 -5.18 -0.72 -6.23
C GLU A 43 -4.63 0.52 -5.53
N PHE A 44 -5.41 1.55 -5.48
CA PHE A 44 -4.99 2.81 -4.81
C PHE A 44 -6.16 3.28 -3.94
N VAL A 45 -6.03 3.17 -2.64
CA VAL A 45 -7.15 3.54 -1.74
C VAL A 45 -7.03 4.99 -1.25
N ASP A 46 -7.79 5.88 -1.83
CA ASP A 46 -7.75 7.31 -1.40
C ASP A 46 -8.62 7.45 -0.14
N ILE A 47 -8.02 7.44 1.01
CA ILE A 47 -8.80 7.56 2.28
C ILE A 47 -9.53 8.90 2.34
N THR A 48 -9.42 9.71 1.33
CA THR A 48 -10.12 11.02 1.34
C THR A 48 -11.45 10.89 0.61
N ALA A 49 -11.52 10.00 -0.34
CA ALA A 49 -12.80 9.79 -1.09
C ALA A 49 -13.76 8.95 -0.25
N THR A 50 -13.53 8.89 1.03
CA THR A 50 -14.44 8.08 1.90
C THR A 50 -14.63 8.77 3.25
N ASN A 51 -14.01 9.90 3.45
CA ASN A 51 -14.15 10.60 4.76
C ASN A 51 -13.52 9.72 5.84
N HIS A 52 -13.66 10.07 7.09
CA HIS A 52 -13.04 9.22 8.15
C HIS A 52 -11.52 9.19 7.91
N THR A 53 -11.06 10.04 7.02
CA THR A 53 -9.61 10.08 6.68
C THR A 53 -8.74 9.80 7.91
N ASN A 54 -8.71 10.70 8.85
CA ASN A 54 -7.84 10.49 10.05
C ASN A 54 -8.16 9.16 10.74
N GLU A 55 -9.37 8.70 10.66
CA GLU A 55 -9.71 7.41 11.33
C GLU A 55 -8.93 6.27 10.67
N ILE A 56 -8.83 6.25 9.37
CA ILE A 56 -8.06 5.17 8.71
C ILE A 56 -6.58 5.31 9.05
N GLN A 57 -6.01 6.48 8.83
CA GLN A 57 -4.57 6.66 9.17
C GLN A 57 -4.39 6.31 10.63
N ASP A 58 -5.30 6.76 11.45
CA ASP A 58 -5.22 6.43 12.88
C ASP A 58 -5.13 4.92 13.00
N TYR A 59 -5.80 4.23 12.10
CA TYR A 59 -5.73 2.75 12.12
C TYR A 59 -4.41 2.29 11.49
N LEU A 60 -4.05 2.86 10.37
CA LEU A 60 -2.75 2.47 9.73
C LEU A 60 -1.65 2.61 10.77
N GLN A 61 -1.79 3.57 11.63
CA GLN A 61 -0.79 3.79 12.69
C GLN A 61 -0.70 2.55 13.58
N GLN A 62 -1.81 2.15 14.17
CA GLN A 62 -1.79 0.95 15.06
C GLN A 62 -1.52 -0.31 14.23
N LEU A 63 -2.02 -0.36 13.03
CA LEU A 63 -1.81 -1.57 12.18
C LEU A 63 -0.32 -1.72 11.84
N THR A 64 0.29 -0.65 11.41
CA THR A 64 1.74 -0.71 11.06
C THR A 64 2.55 0.09 12.07
N GLY A 65 2.30 1.37 12.17
CA GLY A 65 3.06 2.20 13.15
C GLY A 65 3.09 3.66 12.68
N ALA A 66 3.45 3.88 11.45
CA ALA A 66 3.51 5.28 10.93
C ALA A 66 2.22 5.63 10.17
N ARG A 67 1.76 6.83 10.34
CA ARG A 67 0.53 7.29 9.63
C ARG A 67 0.95 8.16 8.44
N THR A 68 2.03 7.80 7.80
CA THR A 68 2.55 8.60 6.65
C THR A 68 1.87 8.23 5.33
N VAL A 69 2.03 9.06 4.34
CA VAL A 69 1.46 8.80 2.99
C VAL A 69 2.63 8.62 2.03
N PRO A 70 2.63 7.59 1.24
CA PRO A 70 1.57 6.56 1.17
C PRO A 70 1.64 5.57 2.34
N ARG A 71 0.93 4.48 2.18
CA ARG A 71 0.93 3.38 3.19
C ARG A 71 0.66 2.10 2.40
N VAL A 72 1.70 1.45 1.94
CA VAL A 72 1.54 0.24 1.09
C VAL A 72 1.37 -1.03 1.93
N PHE A 73 0.76 -2.05 1.36
CA PHE A 73 0.54 -3.32 2.10
C PHE A 73 0.69 -4.54 1.17
N ILE A 74 1.86 -5.10 1.04
CA ILE A 74 1.98 -6.32 0.19
C ILE A 74 1.32 -7.44 0.97
N GLY A 75 0.23 -7.98 0.49
CA GLY A 75 -0.45 -9.03 1.29
C GLY A 75 -0.85 -8.37 2.60
N LYS A 76 -1.01 -9.11 3.66
CA LYS A 76 -1.38 -8.45 4.95
C LYS A 76 -0.12 -7.91 5.62
N ASP A 77 1.03 -8.12 5.02
CA ASP A 77 2.30 -7.63 5.62
C ASP A 77 2.61 -6.21 5.12
N SER A 78 2.68 -5.26 6.03
CA SER A 78 2.98 -3.86 5.63
C SER A 78 4.48 -3.73 5.30
N ILE A 79 4.83 -2.84 4.41
CA ILE A 79 6.28 -2.63 4.08
C ILE A 79 6.70 -1.23 4.51
N GLY A 80 5.77 -0.32 4.64
CA GLY A 80 6.13 1.06 5.06
C GLY A 80 5.35 2.09 4.23
N GLY A 81 6.04 3.04 3.66
CA GLY A 81 5.36 4.09 2.84
C GLY A 81 6.05 4.22 1.49
N SER A 82 6.25 5.43 1.03
CA SER A 82 6.91 5.63 -0.29
C SER A 82 8.40 5.31 -0.19
N SER A 83 9.12 6.05 0.60
CA SER A 83 10.58 5.81 0.74
C SER A 83 10.83 4.35 1.12
N ASP A 84 9.90 3.72 1.76
CA ASP A 84 10.10 2.30 2.15
C ASP A 84 9.95 1.42 0.90
N LEU A 85 8.92 1.64 0.13
CA LEU A 85 8.70 0.83 -1.11
C LEU A 85 9.96 0.84 -1.98
N VAL A 86 10.37 2.00 -2.39
CA VAL A 86 11.59 2.10 -3.27
C VAL A 86 12.76 1.32 -2.66
N SER A 87 13.08 1.56 -1.42
CA SER A 87 14.23 0.84 -0.82
C SER A 87 14.12 -0.65 -1.14
N LEU A 88 12.92 -1.17 -1.11
CA LEU A 88 12.72 -2.62 -1.40
C LEU A 88 12.74 -2.92 -2.91
N GLN A 89 12.12 -2.09 -3.72
CA GLN A 89 12.09 -2.39 -5.19
C GLN A 89 13.51 -2.48 -5.75
N GLN A 90 14.30 -1.46 -5.60
CA GLN A 90 15.68 -1.52 -6.15
C GLN A 90 16.46 -2.64 -5.46
N SER A 91 16.09 -2.97 -4.27
CA SER A 91 16.80 -4.06 -3.55
C SER A 91 16.31 -5.42 -4.04
N GLY A 92 15.14 -5.45 -4.62
CA GLY A 92 14.61 -6.74 -5.14
C GLY A 92 13.83 -7.48 -4.05
N GLU A 93 13.89 -7.02 -2.83
CA GLU A 93 13.15 -7.69 -1.75
C GLU A 93 11.66 -7.48 -1.97
N LEU A 94 11.31 -6.38 -2.59
CA LEU A 94 9.86 -6.09 -2.86
C LEU A 94 9.25 -7.16 -3.75
N LEU A 95 9.72 -7.29 -4.96
CA LEU A 95 9.13 -8.30 -5.87
C LEU A 95 9.15 -9.65 -5.17
N THR A 96 10.10 -9.86 -4.33
CA THR A 96 10.15 -11.14 -3.57
C THR A 96 8.94 -11.20 -2.65
N ARG A 97 8.69 -10.15 -1.91
CA ARG A 97 7.51 -10.15 -1.01
C ARG A 97 6.27 -10.43 -1.87
N LEU A 98 6.27 -9.92 -3.07
CA LEU A 98 5.14 -10.17 -3.97
C LEU A 98 5.21 -11.63 -4.46
N LYS A 99 6.41 -12.10 -4.69
CA LYS A 99 6.60 -13.49 -5.19
C LYS A 99 6.13 -14.54 -4.16
N GLN A 100 6.63 -14.48 -2.96
CA GLN A 100 6.24 -15.50 -1.94
C GLN A 100 4.71 -15.64 -1.89
N ILE A 101 3.97 -14.58 -2.10
CA ILE A 101 2.49 -14.71 -2.06
C ILE A 101 1.95 -14.79 -3.49
N GLY A 102 2.77 -14.45 -4.45
CA GLY A 102 2.34 -14.52 -5.87
C GLY A 102 1.51 -13.28 -6.24
N ALA A 103 1.94 -12.12 -5.83
CA ALA A 103 1.18 -10.89 -6.18
C ALA A 103 1.62 -10.36 -7.54
N LEU A 104 2.77 -10.77 -8.00
CA LEU A 104 3.26 -10.30 -9.33
C LEU A 104 2.88 -11.32 -10.40
N GLN A 105 3.31 -11.10 -11.61
CA GLN A 105 2.97 -12.05 -12.72
C GLN A 105 3.88 -13.28 -12.63
N ALA A 1 -11.84 2.82 12.42
CA ALA A 1 -11.52 2.38 11.02
C ALA A 1 -10.90 0.97 11.06
N GLN A 2 -11.67 -0.01 11.46
CA GLN A 2 -11.13 -1.40 11.52
C GLN A 2 -11.48 -2.14 10.22
N GLU A 3 -12.73 -2.45 10.04
CA GLU A 3 -13.13 -3.18 8.80
C GLU A 3 -12.78 -2.35 7.57
N PHE A 4 -12.42 -1.11 7.77
CA PHE A 4 -12.07 -0.24 6.61
C PHE A 4 -10.86 -0.80 5.87
N VAL A 5 -9.69 -0.69 6.43
CA VAL A 5 -8.48 -1.19 5.74
C VAL A 5 -8.45 -2.72 5.78
N ASN A 6 -8.87 -3.32 6.86
CA ASN A 6 -8.86 -4.79 6.96
C ASN A 6 -9.66 -5.38 5.79
N SER A 7 -10.73 -4.75 5.39
CA SER A 7 -11.54 -5.27 4.26
C SER A 7 -10.81 -5.02 2.93
N LYS A 8 -9.80 -4.20 2.95
CA LYS A 8 -9.07 -3.89 1.67
C LYS A 8 -7.81 -4.75 1.56
N ILE A 9 -7.05 -4.89 2.60
CA ILE A 9 -5.81 -5.71 2.52
C ILE A 9 -6.17 -7.20 2.59
N GLN A 10 -5.56 -7.99 1.77
CA GLN A 10 -5.83 -9.45 1.75
C GLN A 10 -4.54 -10.20 1.37
N PRO A 11 -4.25 -11.29 2.04
CA PRO A 11 -3.03 -12.06 1.73
C PRO A 11 -2.96 -12.35 0.23
N GLY A 12 -1.86 -12.06 -0.38
CA GLY A 12 -1.72 -12.30 -1.85
C GLY A 12 -2.40 -11.16 -2.60
N LYS A 13 -2.52 -10.01 -1.99
CA LYS A 13 -3.17 -8.84 -2.67
C LYS A 13 -2.42 -7.56 -2.31
N VAL A 14 -2.20 -6.70 -3.27
CA VAL A 14 -1.47 -5.43 -2.98
C VAL A 14 -2.46 -4.28 -2.92
N VAL A 15 -2.30 -3.41 -1.96
CA VAL A 15 -3.22 -2.23 -1.83
C VAL A 15 -2.40 -1.03 -1.34
N VAL A 16 -2.72 0.15 -1.78
CA VAL A 16 -1.94 1.34 -1.36
C VAL A 16 -2.87 2.45 -0.84
N PHE A 17 -2.65 2.89 0.38
CA PHE A 17 -3.48 3.99 0.93
C PHE A 17 -2.77 5.31 0.59
N ILE A 18 -3.42 6.20 -0.10
CA ILE A 18 -2.77 7.48 -0.50
C ILE A 18 -3.66 8.67 -0.15
N LYS A 19 -3.26 9.82 -0.63
CA LYS A 19 -4.02 11.07 -0.40
C LYS A 19 -3.78 11.94 -1.63
N PRO A 20 -4.64 11.82 -2.62
CA PRO A 20 -4.47 12.57 -3.88
C PRO A 20 -4.17 14.05 -3.61
N THR A 21 -2.96 14.34 -3.20
CA THR A 21 -2.56 15.74 -2.91
C THR A 21 -1.04 15.79 -2.70
N CYS A 22 -0.47 14.76 -2.11
CA CYS A 22 1.00 14.77 -1.86
C CYS A 22 1.74 13.97 -2.97
N PRO A 23 2.80 14.53 -3.50
CA PRO A 23 3.59 13.88 -4.57
C PRO A 23 4.14 12.51 -4.13
N TYR A 24 4.32 12.30 -2.85
CA TYR A 24 4.86 10.99 -2.40
C TYR A 24 3.81 9.92 -2.59
N SER A 25 2.57 10.24 -2.35
CA SER A 25 1.51 9.23 -2.56
C SER A 25 1.45 8.91 -4.05
N ARG A 26 1.59 9.92 -4.88
CA ARG A 26 1.56 9.69 -6.34
C ARG A 26 2.72 8.76 -6.73
N ARG A 27 3.87 8.96 -6.14
CA ARG A 27 5.03 8.09 -6.47
C ARG A 27 4.61 6.62 -6.36
N ALA A 28 3.97 6.27 -5.29
CA ALA A 28 3.53 4.84 -5.13
C ALA A 28 2.61 4.47 -6.29
N GLN A 29 1.82 5.40 -6.74
CA GLN A 29 0.89 5.10 -7.87
C GLN A 29 1.68 4.99 -9.17
N GLU A 30 2.59 5.89 -9.39
CA GLU A 30 3.39 5.86 -10.64
C GLU A 30 4.37 4.68 -10.66
N ILE A 31 4.90 4.31 -9.52
CA ILE A 31 5.87 3.17 -9.50
C ILE A 31 5.14 1.83 -9.58
N LEU A 32 4.25 1.54 -8.66
CA LEU A 32 3.53 0.24 -8.71
C LEU A 32 2.75 0.11 -10.01
N SER A 33 2.46 1.21 -10.66
CA SER A 33 1.70 1.12 -11.94
C SER A 33 2.56 0.39 -12.97
N GLN A 34 3.86 0.45 -12.83
CA GLN A 34 4.77 -0.24 -13.81
C GLN A 34 5.06 -1.67 -13.36
N LEU A 35 4.45 -2.13 -12.30
CA LEU A 35 4.72 -3.53 -11.84
C LEU A 35 3.71 -4.49 -12.49
N PRO A 36 4.19 -5.56 -13.09
CA PRO A 36 3.31 -6.55 -13.74
C PRO A 36 2.50 -7.29 -12.68
N ILE A 37 1.63 -6.60 -12.00
CA ILE A 37 0.81 -7.26 -10.95
C ILE A 37 -0.35 -8.02 -11.62
N LYS A 38 -0.85 -9.04 -10.97
CA LYS A 38 -1.96 -9.82 -11.58
C LYS A 38 -3.12 -8.87 -11.89
N GLN A 39 -4.26 -9.42 -12.23
CA GLN A 39 -5.44 -8.57 -12.57
C GLN A 39 -5.72 -7.53 -11.47
N GLY A 40 -6.94 -7.46 -11.02
CA GLY A 40 -7.30 -6.46 -9.97
C GLY A 40 -6.59 -6.77 -8.66
N LEU A 41 -5.31 -7.01 -8.70
CA LEU A 41 -4.56 -7.31 -7.44
C LEU A 41 -3.89 -6.03 -6.93
N LEU A 42 -3.72 -5.06 -7.80
CA LEU A 42 -3.09 -3.77 -7.37
C LEU A 42 -4.16 -2.70 -7.30
N GLU A 43 -4.24 -1.97 -6.22
CA GLU A 43 -5.28 -0.92 -6.11
C GLU A 43 -4.71 0.33 -5.40
N PHE A 44 -5.44 1.41 -5.47
CA PHE A 44 -5.01 2.67 -4.80
C PHE A 44 -6.17 3.15 -3.94
N VAL A 45 -6.04 3.07 -2.65
CA VAL A 45 -7.17 3.47 -1.76
C VAL A 45 -7.02 4.92 -1.30
N ASP A 46 -7.85 5.79 -1.82
CA ASP A 46 -7.81 7.21 -1.40
C ASP A 46 -8.59 7.35 -0.09
N ILE A 47 -7.90 7.45 1.02
CA ILE A 47 -8.62 7.55 2.33
C ILE A 47 -9.44 8.84 2.40
N THR A 48 -9.34 9.70 1.42
CA THR A 48 -10.12 10.96 1.46
C THR A 48 -11.44 10.76 0.71
N ALA A 49 -11.55 9.71 -0.04
CA ALA A 49 -12.81 9.44 -0.80
C ALA A 49 -13.88 8.91 0.16
N THR A 50 -13.62 8.97 1.44
CA THR A 50 -14.62 8.45 2.42
C THR A 50 -14.65 9.35 3.67
N ASN A 51 -13.68 10.23 3.80
CA ASN A 51 -13.64 11.14 4.99
C ASN A 51 -13.01 10.39 6.17
N HIS A 52 -13.01 10.99 7.33
CA HIS A 52 -12.41 10.31 8.51
C HIS A 52 -10.95 9.99 8.21
N THR A 53 -10.31 10.79 7.41
CA THR A 53 -8.89 10.53 7.06
C THR A 53 -8.11 10.18 8.33
N ASN A 54 -8.09 11.05 9.30
CA ASN A 54 -7.33 10.79 10.55
C ASN A 54 -7.75 9.45 11.16
N GLU A 55 -8.99 9.08 11.04
CA GLU A 55 -9.42 7.77 11.64
C GLU A 55 -8.68 6.63 10.96
N ILE A 56 -8.60 6.64 9.65
CA ILE A 56 -7.89 5.54 8.94
C ILE A 56 -6.40 5.62 9.26
N GLN A 57 -5.78 6.76 9.07
CA GLN A 57 -4.33 6.85 9.38
C GLN A 57 -4.14 6.48 10.84
N ASP A 58 -5.03 6.92 11.68
CA ASP A 58 -4.94 6.57 13.12
C ASP A 58 -4.90 5.05 13.20
N TYR A 59 -5.58 4.41 12.29
CA TYR A 59 -5.59 2.92 12.29
C TYR A 59 -4.27 2.42 11.68
N LEU A 60 -3.86 2.99 10.57
CA LEU A 60 -2.59 2.55 9.95
C LEU A 60 -1.48 2.67 10.98
N GLN A 61 -1.56 3.69 11.80
CA GLN A 61 -0.54 3.88 12.86
C GLN A 61 -0.55 2.65 13.77
N GLN A 62 -1.69 2.28 14.28
CA GLN A 62 -1.77 1.09 15.18
C GLN A 62 -1.47 -0.20 14.39
N LEU A 63 -2.03 -0.34 13.22
CA LEU A 63 -1.78 -1.57 12.41
C LEU A 63 -0.30 -1.66 12.04
N THR A 64 0.29 -0.56 11.65
CA THR A 64 1.73 -0.58 11.24
C THR A 64 2.55 0.24 12.24
N GLY A 65 2.44 1.55 12.17
CA GLY A 65 3.23 2.40 13.11
C GLY A 65 3.39 3.80 12.52
N ALA A 66 3.60 3.90 11.23
CA ALA A 66 3.77 5.23 10.59
C ALA A 66 2.45 5.70 9.96
N ARG A 67 2.09 6.93 10.21
CA ARG A 67 0.82 7.46 9.63
C ARG A 67 1.17 8.34 8.43
N THR A 68 2.32 8.14 7.85
CA THR A 68 2.75 8.97 6.69
C THR A 68 2.06 8.47 5.41
N VAL A 69 2.21 9.21 4.32
CA VAL A 69 1.58 8.80 3.03
C VAL A 69 2.69 8.52 2.01
N PRO A 70 2.56 7.48 1.23
CA PRO A 70 1.43 6.53 1.25
C PRO A 70 1.62 5.49 2.37
N ARG A 71 0.80 4.47 2.33
CA ARG A 71 0.90 3.36 3.31
C ARG A 71 0.65 2.07 2.52
N VAL A 72 1.69 1.46 2.04
CA VAL A 72 1.53 0.24 1.20
C VAL A 72 1.37 -1.02 2.05
N PHE A 73 0.74 -2.03 1.49
CA PHE A 73 0.53 -3.31 2.23
C PHE A 73 0.67 -4.51 1.29
N ILE A 74 1.85 -5.04 1.10
CA ILE A 74 1.95 -6.24 0.22
C ILE A 74 1.32 -7.39 1.01
N GLY A 75 0.17 -7.85 0.62
CA GLY A 75 -0.48 -8.92 1.41
C GLY A 75 -0.84 -8.30 2.76
N LYS A 76 -0.86 -9.07 3.82
CA LYS A 76 -1.19 -8.48 5.15
C LYS A 76 0.10 -7.92 5.77
N ASP A 77 1.22 -8.14 5.14
CA ASP A 77 2.52 -7.64 5.70
C ASP A 77 2.80 -6.22 5.19
N SER A 78 2.84 -5.26 6.07
CA SER A 78 3.13 -3.86 5.64
C SER A 78 4.61 -3.74 5.25
N ILE A 79 4.93 -2.83 4.38
CA ILE A 79 6.35 -2.67 3.96
C ILE A 79 6.87 -1.30 4.42
N GLY A 80 5.99 -0.36 4.62
CA GLY A 80 6.43 1.00 5.08
C GLY A 80 5.72 2.08 4.26
N GLY A 81 6.37 3.19 4.04
CA GLY A 81 5.74 4.30 3.26
C GLY A 81 6.31 4.31 1.84
N SER A 82 6.39 5.47 1.24
CA SER A 82 6.93 5.54 -0.15
C SER A 82 8.43 5.27 -0.14
N SER A 83 9.17 6.04 0.60
CA SER A 83 10.65 5.83 0.66
C SER A 83 10.93 4.38 1.03
N ASP A 84 10.03 3.76 1.73
CA ASP A 84 10.22 2.33 2.12
C ASP A 84 10.02 1.46 0.88
N LEU A 85 8.98 1.71 0.14
CA LEU A 85 8.70 0.90 -1.08
C LEU A 85 9.91 0.95 -2.01
N VAL A 86 10.27 2.11 -2.47
CA VAL A 86 11.42 2.23 -3.41
C VAL A 86 12.63 1.46 -2.88
N SER A 87 12.98 1.65 -1.64
CA SER A 87 14.16 0.92 -1.09
C SER A 87 14.04 -0.57 -1.42
N LEU A 88 12.89 -1.13 -1.21
CA LEU A 88 12.69 -2.59 -1.50
C LEU A 88 12.70 -2.84 -3.02
N GLN A 89 12.10 -1.96 -3.77
CA GLN A 89 12.06 -2.15 -5.25
C GLN A 89 13.46 -2.22 -5.83
N GLN A 90 14.25 -1.19 -5.64
CA GLN A 90 15.63 -1.21 -6.21
C GLN A 90 16.42 -2.36 -5.59
N SER A 91 16.04 -2.76 -4.41
CA SER A 91 16.77 -3.88 -3.75
C SER A 91 16.23 -5.22 -4.26
N GLY A 92 15.09 -5.20 -4.91
CA GLY A 92 14.52 -6.47 -5.44
C GLY A 92 13.78 -7.22 -4.33
N GLU A 93 13.89 -6.74 -3.11
CA GLU A 93 13.20 -7.42 -1.99
C GLU A 93 11.69 -7.24 -2.15
N LEU A 94 11.29 -6.17 -2.77
CA LEU A 94 9.84 -5.91 -2.97
C LEU A 94 9.19 -7.05 -3.75
N LEU A 95 9.62 -7.23 -4.98
CA LEU A 95 9.03 -8.32 -5.80
C LEU A 95 9.13 -9.63 -5.05
N THR A 96 10.12 -9.75 -4.25
CA THR A 96 10.28 -11.00 -3.45
C THR A 96 9.08 -11.11 -2.51
N ARG A 97 8.72 -10.02 -1.89
CA ARG A 97 7.55 -10.04 -0.96
C ARG A 97 6.31 -10.42 -1.76
N LEU A 98 6.23 -9.98 -2.98
CA LEU A 98 5.07 -10.33 -3.84
C LEU A 98 5.17 -11.80 -4.24
N LYS A 99 6.35 -12.28 -4.49
CA LYS A 99 6.55 -13.69 -4.92
C LYS A 99 6.14 -14.68 -3.82
N GLN A 100 6.71 -14.58 -2.65
CA GLN A 100 6.36 -15.55 -1.57
C GLN A 100 4.84 -15.71 -1.47
N ILE A 101 4.08 -14.72 -1.85
CA ILE A 101 2.59 -14.84 -1.78
C ILE A 101 2.02 -15.02 -3.18
N GLY A 102 2.78 -14.69 -4.19
CA GLY A 102 2.28 -14.85 -5.58
C GLY A 102 1.38 -13.68 -5.96
N ALA A 103 1.72 -12.49 -5.56
CA ALA A 103 0.88 -11.31 -5.91
C ALA A 103 1.26 -10.81 -7.31
N LEU A 104 2.33 -11.31 -7.87
CA LEU A 104 2.75 -10.87 -9.23
C LEU A 104 2.20 -11.83 -10.29
N GLN A 105 2.55 -11.60 -11.52
CA GLN A 105 2.06 -12.50 -12.62
C GLN A 105 2.93 -13.75 -12.67
N ALA A 1 -11.88 3.26 12.74
CA ALA A 1 -11.77 2.47 11.48
C ALA A 1 -11.03 1.16 11.77
N GLN A 2 -11.63 0.05 11.43
CA GLN A 2 -10.97 -1.27 11.69
C GLN A 2 -11.25 -2.20 10.50
N GLU A 3 -12.45 -2.70 10.41
CA GLU A 3 -12.80 -3.60 9.28
C GLU A 3 -12.57 -2.85 7.95
N PHE A 4 -12.34 -1.57 8.03
CA PHE A 4 -12.11 -0.76 6.79
C PHE A 4 -10.87 -1.26 6.04
N VAL A 5 -9.71 -1.07 6.59
CA VAL A 5 -8.48 -1.51 5.88
C VAL A 5 -8.35 -3.05 5.92
N ASN A 6 -8.71 -3.65 7.02
CA ASN A 6 -8.61 -5.13 7.10
C ASN A 6 -9.38 -5.76 5.94
N SER A 7 -10.50 -5.20 5.57
CA SER A 7 -11.28 -5.77 4.45
C SER A 7 -10.60 -5.44 3.11
N LYS A 8 -9.65 -4.54 3.12
CA LYS A 8 -8.97 -4.17 1.86
C LYS A 8 -7.65 -4.94 1.69
N ILE A 9 -6.84 -5.02 2.72
CA ILE A 9 -5.56 -5.76 2.60
C ILE A 9 -5.83 -7.27 2.68
N GLN A 10 -5.24 -8.03 1.80
CA GLN A 10 -5.46 -9.51 1.81
C GLN A 10 -4.18 -10.20 1.33
N PRO A 11 -3.93 -11.41 1.82
CA PRO A 11 -2.74 -12.16 1.43
C PRO A 11 -2.73 -12.36 -0.09
N GLY A 12 -1.66 -11.99 -0.73
CA GLY A 12 -1.57 -12.14 -2.20
C GLY A 12 -2.29 -10.97 -2.88
N LYS A 13 -2.45 -9.88 -2.19
CA LYS A 13 -3.15 -8.70 -2.78
C LYS A 13 -2.39 -7.42 -2.40
N VAL A 14 -2.15 -6.55 -3.34
CA VAL A 14 -1.43 -5.30 -3.02
C VAL A 14 -2.42 -4.14 -2.90
N VAL A 15 -2.25 -3.30 -1.92
CA VAL A 15 -3.17 -2.14 -1.75
C VAL A 15 -2.35 -0.95 -1.26
N VAL A 16 -2.73 0.24 -1.64
CA VAL A 16 -1.96 1.44 -1.22
C VAL A 16 -2.89 2.53 -0.69
N PHE A 17 -2.70 2.95 0.53
CA PHE A 17 -3.55 4.04 1.08
C PHE A 17 -2.87 5.37 0.75
N ILE A 18 -3.57 6.27 0.12
CA ILE A 18 -2.93 7.57 -0.26
C ILE A 18 -3.82 8.75 0.11
N LYS A 19 -3.42 9.91 -0.34
CA LYS A 19 -4.19 11.15 -0.08
C LYS A 19 -3.97 12.06 -1.30
N PRO A 20 -4.91 12.03 -2.23
CA PRO A 20 -4.79 12.82 -3.48
C PRO A 20 -4.44 14.28 -3.17
N THR A 21 -3.27 14.51 -2.66
CA THR A 21 -2.83 15.89 -2.34
C THR A 21 -1.31 15.92 -2.17
N CYS A 22 -0.75 14.87 -1.63
CA CYS A 22 0.73 14.83 -1.44
C CYS A 22 1.40 14.07 -2.59
N PRO A 23 2.39 14.67 -3.20
CA PRO A 23 3.12 14.04 -4.33
C PRO A 23 3.83 12.74 -3.91
N TYR A 24 3.98 12.50 -2.63
CA TYR A 24 4.67 11.24 -2.21
C TYR A 24 3.79 10.03 -2.50
N SER A 25 2.53 10.13 -2.21
CA SER A 25 1.62 8.98 -2.49
C SER A 25 1.52 8.76 -4.00
N ARG A 26 1.63 9.79 -4.77
CA ARG A 26 1.54 9.64 -6.26
C ARG A 26 2.69 8.74 -6.74
N ARG A 27 3.90 8.98 -6.31
CA ARG A 27 5.03 8.13 -6.77
C ARG A 27 4.66 6.67 -6.55
N ALA A 28 4.05 6.36 -5.44
CA ALA A 28 3.65 4.95 -5.19
C ALA A 28 2.69 4.51 -6.30
N GLN A 29 1.84 5.40 -6.72
CA GLN A 29 0.87 5.06 -7.79
C GLN A 29 1.61 4.95 -9.13
N GLU A 30 2.46 5.90 -9.41
CA GLU A 30 3.21 5.90 -10.70
C GLU A 30 4.23 4.75 -10.73
N ILE A 31 4.82 4.41 -9.61
CA ILE A 31 5.83 3.31 -9.62
C ILE A 31 5.13 1.95 -9.70
N LEU A 32 4.25 1.66 -8.78
CA LEU A 32 3.55 0.35 -8.82
C LEU A 32 2.80 0.23 -10.14
N SER A 33 2.53 1.33 -10.78
CA SER A 33 1.81 1.28 -12.08
C SER A 33 2.70 0.57 -13.11
N GLN A 34 3.99 0.69 -12.96
CA GLN A 34 4.92 0.03 -13.92
C GLN A 34 5.25 -1.39 -13.45
N LEU A 35 4.66 -1.84 -12.37
CA LEU A 35 4.96 -3.21 -11.88
C LEU A 35 3.95 -4.21 -12.50
N PRO A 36 4.45 -5.27 -13.10
CA PRO A 36 3.58 -6.29 -13.74
C PRO A 36 2.74 -7.00 -12.69
N ILE A 37 1.88 -6.29 -12.03
CA ILE A 37 1.02 -6.92 -10.99
C ILE A 37 -0.16 -7.62 -11.69
N LYS A 38 -0.62 -8.70 -11.13
CA LYS A 38 -1.75 -9.45 -11.77
C LYS A 38 -2.93 -8.50 -12.02
N GLN A 39 -4.03 -9.04 -12.47
CA GLN A 39 -5.24 -8.21 -12.77
C GLN A 39 -5.58 -7.28 -11.60
N GLY A 40 -6.82 -7.30 -11.17
CA GLY A 40 -7.25 -6.39 -10.06
C GLY A 40 -6.51 -6.73 -8.76
N LEU A 41 -5.22 -6.88 -8.83
CA LEU A 41 -4.44 -7.20 -7.60
C LEU A 41 -3.77 -5.92 -7.08
N LEU A 42 -3.70 -4.90 -7.90
CA LEU A 42 -3.09 -3.61 -7.46
C LEU A 42 -4.19 -2.57 -7.33
N GLU A 43 -4.26 -1.88 -6.22
CA GLU A 43 -5.33 -0.86 -6.05
C GLU A 43 -4.79 0.37 -5.31
N PHE A 44 -5.56 1.42 -5.28
CA PHE A 44 -5.13 2.65 -4.56
C PHE A 44 -6.29 3.14 -3.69
N VAL A 45 -6.14 3.09 -2.40
CA VAL A 45 -7.25 3.49 -1.50
C VAL A 45 -7.09 4.94 -1.05
N ASP A 46 -7.83 5.84 -1.64
CA ASP A 46 -7.75 7.27 -1.23
C ASP A 46 -8.59 7.45 0.04
N ILE A 47 -7.96 7.49 1.18
CA ILE A 47 -8.73 7.63 2.45
C ILE A 47 -9.47 8.97 2.46
N THR A 48 -9.32 9.77 1.43
CA THR A 48 -10.02 11.09 1.39
C THR A 48 -11.34 10.94 0.62
N ALA A 49 -11.42 10.02 -0.28
CA ALA A 49 -12.68 9.84 -1.05
C ALA A 49 -13.70 9.08 -0.19
N THR A 50 -13.49 9.03 1.10
CA THR A 50 -14.45 8.31 1.98
C THR A 50 -14.57 9.01 3.33
N ASN A 51 -13.81 10.07 3.53
CA ASN A 51 -13.89 10.80 4.84
C ASN A 51 -13.33 9.88 5.93
N HIS A 52 -13.61 10.15 7.18
CA HIS A 52 -13.05 9.28 8.27
C HIS A 52 -11.53 9.27 8.13
N THR A 53 -11.01 10.14 7.31
CA THR A 53 -9.53 10.21 7.08
C THR A 53 -8.76 9.91 8.36
N ASN A 54 -8.81 10.79 9.32
CA ASN A 54 -8.04 10.57 10.58
C ASN A 54 -8.35 9.20 11.19
N GLU A 55 -9.54 8.71 11.01
CA GLU A 55 -9.86 7.38 11.61
C GLU A 55 -9.02 6.29 10.93
N ILE A 56 -8.93 6.29 9.62
CA ILE A 56 -8.12 5.24 8.95
C ILE A 56 -6.64 5.43 9.29
N GLN A 57 -6.11 6.60 9.10
CA GLN A 57 -4.67 6.80 9.44
C GLN A 57 -4.49 6.46 10.90
N ASP A 58 -5.41 6.87 11.72
CA ASP A 58 -5.30 6.54 13.17
C ASP A 58 -5.19 5.02 13.28
N TYR A 59 -5.84 4.32 12.39
CA TYR A 59 -5.76 2.83 12.42
C TYR A 59 -4.43 2.40 11.80
N LEU A 60 -4.12 2.90 10.63
CA LEU A 60 -2.83 2.49 9.99
C LEU A 60 -1.71 2.73 10.99
N GLN A 61 -1.85 3.74 11.81
CA GLN A 61 -0.82 4.03 12.83
C GLN A 61 -0.67 2.83 13.76
N GLN A 62 -1.74 2.41 14.38
CA GLN A 62 -1.65 1.24 15.32
C GLN A 62 -1.31 -0.03 14.53
N LEU A 63 -1.89 -0.20 13.38
CA LEU A 63 -1.60 -1.42 12.58
C LEU A 63 -0.14 -1.41 12.13
N THR A 64 0.37 -0.25 11.79
CA THR A 64 1.79 -0.16 11.32
C THR A 64 2.61 0.61 12.34
N GLY A 65 2.29 1.86 12.54
CA GLY A 65 3.06 2.69 13.51
C GLY A 65 3.14 4.12 12.98
N ALA A 66 3.52 4.28 11.74
CA ALA A 66 3.63 5.65 11.15
C ALA A 66 2.36 5.97 10.34
N ARG A 67 1.77 7.10 10.58
CA ARG A 67 0.55 7.49 9.82
C ARG A 67 0.98 8.33 8.62
N THR A 68 2.10 8.00 8.02
CA THR A 68 2.59 8.77 6.86
C THR A 68 1.89 8.31 5.57
N VAL A 69 2.07 9.04 4.51
CA VAL A 69 1.43 8.68 3.21
C VAL A 69 2.54 8.48 2.17
N PRO A 70 2.47 7.43 1.38
CA PRO A 70 1.38 6.44 1.41
C PRO A 70 1.62 5.39 2.50
N ARG A 71 0.88 4.32 2.43
CA ARG A 71 1.02 3.20 3.39
C ARG A 71 0.80 1.93 2.58
N VAL A 72 1.86 1.36 2.05
CA VAL A 72 1.71 0.16 1.18
C VAL A 72 1.58 -1.11 2.01
N PHE A 73 0.95 -2.10 1.45
CA PHE A 73 0.77 -3.38 2.19
C PHE A 73 0.88 -4.56 1.23
N ILE A 74 2.05 -5.08 1.00
CA ILE A 74 2.15 -6.26 0.10
C ILE A 74 1.56 -7.43 0.88
N GLY A 75 0.34 -7.80 0.59
CA GLY A 75 -0.29 -8.88 1.38
C GLY A 75 -0.68 -8.25 2.72
N LYS A 76 -0.69 -9.01 3.77
CA LYS A 76 -1.05 -8.41 5.09
C LYS A 76 0.21 -7.83 5.74
N ASP A 77 1.36 -8.06 5.16
CA ASP A 77 2.64 -7.53 5.75
C ASP A 77 2.96 -6.16 5.16
N SER A 78 3.09 -5.16 5.99
CA SER A 78 3.42 -3.79 5.48
C SER A 78 4.89 -3.75 5.07
N ILE A 79 5.27 -2.86 4.19
CA ILE A 79 6.69 -2.77 3.76
C ILE A 79 7.25 -1.38 4.11
N GLY A 80 6.39 -0.42 4.38
CA GLY A 80 6.88 0.95 4.74
C GLY A 80 6.05 2.01 4.01
N GLY A 81 6.64 3.14 3.71
CA GLY A 81 5.89 4.22 3.01
C GLY A 81 6.38 4.33 1.56
N SER A 82 6.42 5.52 1.03
CA SER A 82 6.86 5.72 -0.37
C SER A 82 8.36 5.48 -0.48
N SER A 83 9.14 6.27 0.20
CA SER A 83 10.62 6.10 0.13
C SER A 83 10.97 4.66 0.49
N ASP A 84 10.15 4.02 1.26
CA ASP A 84 10.44 2.61 1.64
C ASP A 84 10.17 1.71 0.43
N LEU A 85 9.07 1.90 -0.23
CA LEU A 85 8.74 1.06 -1.42
C LEU A 85 9.90 1.11 -2.41
N VAL A 86 10.23 2.27 -2.89
CA VAL A 86 11.34 2.39 -3.88
C VAL A 86 12.62 1.74 -3.35
N SER A 87 12.96 1.95 -2.12
CA SER A 87 14.20 1.32 -1.57
C SER A 87 14.17 -0.20 -1.78
N LEU A 88 13.00 -0.80 -1.67
CA LEU A 88 12.92 -2.28 -1.85
C LEU A 88 12.88 -2.66 -3.33
N GLN A 89 12.28 -1.85 -4.15
CA GLN A 89 12.17 -2.20 -5.61
C GLN A 89 13.56 -2.30 -6.26
N GLN A 90 14.31 -1.23 -6.25
CA GLN A 90 15.66 -1.29 -6.88
C GLN A 90 16.52 -2.36 -6.20
N SER A 91 16.11 -2.77 -5.03
CA SER A 91 16.88 -3.82 -4.32
C SER A 91 16.52 -5.19 -4.88
N GLY A 92 15.27 -5.57 -4.74
CA GLY A 92 14.81 -6.89 -5.26
C GLY A 92 13.97 -7.59 -4.19
N GLU A 93 14.02 -7.12 -2.98
CA GLU A 93 13.23 -7.75 -1.90
C GLU A 93 11.74 -7.50 -2.17
N LEU A 94 11.42 -6.40 -2.80
CA LEU A 94 10.00 -6.09 -3.09
C LEU A 94 9.36 -7.20 -3.91
N LEU A 95 9.85 -7.39 -5.11
CA LEU A 95 9.27 -8.44 -5.99
C LEU A 95 9.31 -9.77 -5.24
N THR A 96 10.28 -9.94 -4.40
CA THR A 96 10.38 -11.20 -3.63
C THR A 96 9.16 -11.29 -2.72
N ARG A 97 8.83 -10.22 -2.04
CA ARG A 97 7.64 -10.25 -1.14
C ARG A 97 6.40 -10.56 -1.99
N LEU A 98 6.37 -10.07 -3.20
CA LEU A 98 5.22 -10.36 -4.09
C LEU A 98 5.27 -11.83 -4.51
N LYS A 99 6.45 -12.33 -4.70
CA LYS A 99 6.62 -13.76 -5.14
C LYS A 99 6.11 -14.74 -4.06
N GLN A 100 6.65 -14.66 -2.86
CA GLN A 100 6.22 -15.62 -1.80
C GLN A 100 4.69 -15.70 -1.76
N ILE A 101 4.00 -14.64 -2.07
CA ILE A 101 2.51 -14.69 -2.02
C ILE A 101 1.97 -14.78 -3.45
N GLY A 102 2.81 -14.55 -4.43
CA GLY A 102 2.35 -14.64 -5.85
C GLY A 102 1.49 -13.43 -6.21
N ALA A 103 1.91 -12.26 -5.83
CA ALA A 103 1.11 -11.04 -6.16
C ALA A 103 1.52 -10.54 -7.55
N LEU A 104 2.59 -11.05 -8.09
CA LEU A 104 3.05 -10.61 -9.44
C LEU A 104 2.55 -11.58 -10.51
N GLN A 105 2.90 -11.34 -11.74
CA GLN A 105 2.45 -12.24 -12.85
C GLN A 105 3.36 -13.48 -12.88
N ALA A 1 -11.62 3.23 12.78
CA ALA A 1 -11.59 2.48 11.49
C ALA A 1 -10.89 1.13 11.71
N GLN A 2 -11.58 0.05 11.47
CA GLN A 2 -10.96 -1.30 11.65
C GLN A 2 -11.24 -2.15 10.42
N GLU A 3 -12.45 -2.61 10.27
CA GLU A 3 -12.80 -3.45 9.09
C GLU A 3 -12.53 -2.64 7.81
N PHE A 4 -12.23 -1.38 7.96
CA PHE A 4 -11.96 -0.53 6.76
C PHE A 4 -10.74 -1.06 6.01
N VAL A 5 -9.57 -0.89 6.55
CA VAL A 5 -8.34 -1.38 5.84
C VAL A 5 -8.26 -2.90 5.93
N ASN A 6 -8.59 -3.46 7.05
CA ASN A 6 -8.52 -4.95 7.19
C ASN A 6 -9.35 -5.60 6.08
N SER A 7 -10.46 -5.02 5.74
CA SER A 7 -11.30 -5.63 4.66
C SER A 7 -10.66 -5.38 3.30
N LYS A 8 -9.68 -4.50 3.24
CA LYS A 8 -9.02 -4.21 1.94
C LYS A 8 -7.73 -5.03 1.81
N ILE A 9 -6.90 -5.03 2.81
CA ILE A 9 -5.62 -5.80 2.71
C ILE A 9 -5.89 -7.28 2.97
N GLN A 10 -5.44 -8.12 2.08
CA GLN A 10 -5.66 -9.59 2.25
C GLN A 10 -4.46 -10.33 1.64
N PRO A 11 -4.27 -11.58 2.02
CA PRO A 11 -3.14 -12.38 1.51
C PRO A 11 -3.17 -12.46 -0.02
N GLY A 12 -2.06 -12.17 -0.65
CA GLY A 12 -2.00 -12.25 -2.13
C GLY A 12 -2.65 -11.02 -2.78
N LYS A 13 -2.63 -9.89 -2.12
CA LYS A 13 -3.26 -8.68 -2.73
C LYS A 13 -2.45 -7.43 -2.36
N VAL A 14 -2.22 -6.56 -3.31
CA VAL A 14 -1.46 -5.32 -3.02
C VAL A 14 -2.43 -4.14 -2.94
N VAL A 15 -2.30 -3.32 -1.93
CA VAL A 15 -3.20 -2.14 -1.80
C VAL A 15 -2.37 -0.95 -1.32
N VAL A 16 -2.69 0.23 -1.77
CA VAL A 16 -1.90 1.43 -1.36
C VAL A 16 -2.81 2.53 -0.83
N PHE A 17 -2.58 2.99 0.37
CA PHE A 17 -3.39 4.09 0.93
C PHE A 17 -2.71 5.40 0.55
N ILE A 18 -3.39 6.27 -0.15
CA ILE A 18 -2.75 7.53 -0.59
C ILE A 18 -3.63 8.74 -0.27
N LYS A 19 -3.19 9.89 -0.70
CA LYS A 19 -3.95 11.14 -0.48
C LYS A 19 -3.65 12.05 -1.68
N PRO A 20 -4.42 11.91 -2.74
CA PRO A 20 -4.20 12.70 -3.96
C PRO A 20 -3.95 14.17 -3.63
N THR A 21 -2.76 14.46 -3.18
CA THR A 21 -2.39 15.85 -2.82
C THR A 21 -0.90 15.90 -2.52
N CYS A 22 -0.36 14.85 -1.94
CA CYS A 22 1.09 14.82 -1.62
C CYS A 22 1.85 14.05 -2.72
N PRO A 23 2.91 14.64 -3.25
CA PRO A 23 3.71 14.00 -4.31
C PRO A 23 4.31 12.66 -3.86
N TYR A 24 4.40 12.42 -2.58
CA TYR A 24 4.99 11.12 -2.13
C TYR A 24 4.01 9.99 -2.42
N SER A 25 2.75 10.21 -2.19
CA SER A 25 1.76 9.14 -2.47
C SER A 25 1.74 8.89 -3.98
N ARG A 26 1.94 9.92 -4.77
CA ARG A 26 1.96 9.75 -6.25
C ARG A 26 3.09 8.80 -6.63
N ARG A 27 4.26 9.01 -6.08
CA ARG A 27 5.41 8.12 -6.40
C ARG A 27 4.98 6.66 -6.29
N ALA A 28 4.28 6.32 -5.23
CA ALA A 28 3.83 4.92 -5.07
C ALA A 28 2.93 4.55 -6.26
N GLN A 29 2.11 5.47 -6.68
CA GLN A 29 1.20 5.20 -7.82
C GLN A 29 2.01 5.11 -9.12
N GLU A 30 2.95 6.00 -9.28
CA GLU A 30 3.78 5.99 -10.52
C GLU A 30 4.71 4.78 -10.57
N ILE A 31 5.23 4.35 -9.44
CA ILE A 31 6.16 3.18 -9.45
C ILE A 31 5.37 1.87 -9.56
N LEU A 32 4.45 1.60 -8.67
CA LEU A 32 3.69 0.34 -8.75
C LEU A 32 2.94 0.28 -10.08
N SER A 33 2.73 1.40 -10.71
CA SER A 33 2.02 1.39 -12.01
C SER A 33 2.87 0.65 -13.04
N GLN A 34 4.16 0.65 -12.86
CA GLN A 34 5.06 -0.05 -13.83
C GLN A 34 5.28 -1.51 -13.40
N LEU A 35 4.63 -1.96 -12.35
CA LEU A 35 4.83 -3.36 -11.90
C LEU A 35 3.77 -4.27 -12.55
N PRO A 36 4.21 -5.33 -13.21
CA PRO A 36 3.28 -6.27 -13.87
C PRO A 36 2.48 -7.03 -12.82
N ILE A 37 1.63 -6.36 -12.12
CA ILE A 37 0.80 -7.03 -11.06
C ILE A 37 -0.36 -7.76 -11.73
N LYS A 38 -0.80 -8.83 -11.15
CA LYS A 38 -1.93 -9.60 -11.74
C LYS A 38 -3.12 -8.68 -12.00
N GLN A 39 -4.24 -9.26 -12.36
CA GLN A 39 -5.46 -8.44 -12.65
C GLN A 39 -5.76 -7.45 -11.52
N GLY A 40 -6.99 -7.41 -11.08
CA GLY A 40 -7.37 -6.45 -10.00
C GLY A 40 -6.63 -6.76 -8.70
N LEU A 41 -5.34 -6.92 -8.76
CA LEU A 41 -4.56 -7.21 -7.52
C LEU A 41 -3.89 -5.92 -7.03
N LEU A 42 -3.79 -4.94 -7.88
CA LEU A 42 -3.16 -3.65 -7.46
C LEU A 42 -4.25 -2.59 -7.34
N GLU A 43 -4.28 -1.87 -6.25
CA GLU A 43 -5.34 -0.83 -6.08
C GLU A 43 -4.77 0.41 -5.40
N PHE A 44 -5.53 1.47 -5.39
CA PHE A 44 -5.07 2.73 -4.73
C PHE A 44 -6.22 3.22 -3.84
N VAL A 45 -6.05 3.15 -2.55
CA VAL A 45 -7.15 3.56 -1.63
C VAL A 45 -6.97 5.02 -1.19
N ASP A 46 -7.75 5.91 -1.75
CA ASP A 46 -7.67 7.34 -1.35
C ASP A 46 -8.45 7.54 -0.05
N ILE A 47 -7.78 7.62 1.07
CA ILE A 47 -8.50 7.79 2.36
C ILE A 47 -9.24 9.14 2.38
N THR A 48 -9.03 9.95 1.39
CA THR A 48 -9.74 11.27 1.34
C THR A 48 -10.92 11.17 0.39
N ALA A 49 -11.69 10.12 0.50
CA ALA A 49 -12.86 9.94 -0.39
C ALA A 49 -13.87 9.02 0.29
N THR A 50 -13.78 8.90 1.58
CA THR A 50 -14.74 8.01 2.32
C THR A 50 -15.05 8.63 3.69
N ASN A 51 -14.40 9.71 4.02
CA ASN A 51 -14.64 10.37 5.35
C ASN A 51 -13.86 9.63 6.43
N HIS A 52 -13.91 10.11 7.64
CA HIS A 52 -13.15 9.43 8.74
C HIS A 52 -11.67 9.36 8.34
N THR A 53 -11.22 10.28 7.53
CA THR A 53 -9.81 10.27 7.09
C THR A 53 -8.88 9.96 8.28
N ASN A 54 -8.89 10.79 9.28
CA ASN A 54 -8.00 10.57 10.46
C ASN A 54 -8.24 9.19 11.08
N GLU A 55 -9.44 8.68 10.99
CA GLU A 55 -9.71 7.34 11.60
C GLU A 55 -8.86 6.28 10.91
N ILE A 56 -8.80 6.30 9.60
CA ILE A 56 -7.99 5.28 8.88
C ILE A 56 -6.51 5.47 9.21
N GLN A 57 -6.00 6.65 9.02
CA GLN A 57 -4.55 6.88 9.34
C GLN A 57 -4.34 6.52 10.80
N ASP A 58 -5.25 6.94 11.64
CA ASP A 58 -5.12 6.61 13.08
C ASP A 58 -4.99 5.10 13.19
N TYR A 59 -5.67 4.39 12.33
CA TYR A 59 -5.58 2.91 12.35
C TYR A 59 -4.28 2.46 11.68
N LEU A 60 -3.97 3.01 10.52
CA LEU A 60 -2.70 2.62 9.84
C LEU A 60 -1.55 2.82 10.81
N GLN A 61 -1.67 3.80 11.66
CA GLN A 61 -0.61 4.05 12.65
C GLN A 61 -0.44 2.80 13.53
N GLN A 62 -1.49 2.35 14.14
CA GLN A 62 -1.39 1.14 15.02
C GLN A 62 -1.10 -0.10 14.16
N LEU A 63 -1.63 -0.16 12.98
CA LEU A 63 -1.39 -1.35 12.11
C LEU A 63 0.10 -1.43 11.74
N THR A 64 0.66 -0.33 11.33
CA THR A 64 2.11 -0.33 10.95
C THR A 64 2.91 0.46 11.98
N GLY A 65 2.58 1.70 12.19
CA GLY A 65 3.32 2.52 13.19
C GLY A 65 3.30 3.98 12.76
N ALA A 66 3.70 4.26 11.55
CA ALA A 66 3.73 5.68 11.06
C ALA A 66 2.46 5.98 10.26
N ARG A 67 1.89 7.13 10.47
CA ARG A 67 0.67 7.51 9.71
C ARG A 67 1.09 8.35 8.50
N THR A 68 2.24 8.06 7.96
CA THR A 68 2.74 8.83 6.78
C THR A 68 2.08 8.32 5.50
N VAL A 69 2.20 9.07 4.43
CA VAL A 69 1.61 8.66 3.13
C VAL A 69 2.75 8.46 2.13
N PRO A 70 2.69 7.43 1.32
CA PRO A 70 1.59 6.42 1.31
C PRO A 70 1.77 5.39 2.43
N ARG A 71 1.01 4.34 2.35
CA ARG A 71 1.10 3.23 3.33
C ARG A 71 0.79 1.96 2.54
N VAL A 72 1.81 1.34 2.00
CA VAL A 72 1.60 0.13 1.15
C VAL A 72 1.45 -1.13 2.00
N PHE A 73 0.79 -2.13 1.46
CA PHE A 73 0.59 -3.39 2.20
C PHE A 73 0.65 -4.61 1.25
N ILE A 74 1.80 -5.18 1.02
CA ILE A 74 1.84 -6.38 0.15
C ILE A 74 1.21 -7.51 0.97
N GLY A 75 0.05 -7.97 0.59
CA GLY A 75 -0.60 -9.02 1.42
C GLY A 75 -0.94 -8.38 2.76
N LYS A 76 -1.02 -9.13 3.82
CA LYS A 76 -1.34 -8.52 5.15
C LYS A 76 -0.04 -7.98 5.77
N ASP A 77 1.08 -8.19 5.14
CA ASP A 77 2.37 -7.69 5.70
C ASP A 77 2.67 -6.28 5.18
N SER A 78 2.75 -5.31 6.06
CA SER A 78 3.06 -3.92 5.61
C SER A 78 4.53 -3.84 5.19
N ILE A 79 4.86 -2.95 4.30
CA ILE A 79 6.29 -2.81 3.86
C ILE A 79 6.82 -1.44 4.31
N GLY A 80 5.95 -0.49 4.52
CA GLY A 80 6.41 0.85 4.98
C GLY A 80 5.74 1.95 4.14
N GLY A 81 6.35 3.10 4.05
CA GLY A 81 5.75 4.22 3.26
C GLY A 81 6.36 4.26 1.86
N SER A 82 6.49 5.44 1.31
CA SER A 82 7.05 5.56 -0.06
C SER A 82 8.55 5.25 -0.03
N SER A 83 9.30 5.99 0.71
CA SER A 83 10.77 5.75 0.79
C SER A 83 11.02 4.28 1.13
N ASP A 84 10.08 3.66 1.78
CA ASP A 84 10.26 2.22 2.14
C ASP A 84 10.07 1.37 0.89
N LEU A 85 9.02 1.60 0.16
CA LEU A 85 8.76 0.80 -1.08
C LEU A 85 9.97 0.86 -2.01
N VAL A 86 10.35 2.04 -2.43
CA VAL A 86 11.51 2.16 -3.36
C VAL A 86 12.71 1.38 -2.82
N SER A 87 13.02 1.50 -1.56
CA SER A 87 14.18 0.75 -1.02
C SER A 87 14.04 -0.73 -1.38
N LEU A 88 12.89 -1.30 -1.16
CA LEU A 88 12.68 -2.75 -1.48
C LEU A 88 12.69 -2.97 -2.98
N GLN A 89 12.16 -2.06 -3.75
CA GLN A 89 12.12 -2.26 -5.23
C GLN A 89 13.54 -2.38 -5.79
N GLN A 90 14.35 -1.39 -5.59
CA GLN A 90 15.74 -1.45 -6.13
C GLN A 90 16.49 -2.61 -5.49
N SER A 91 16.06 -3.01 -4.32
CA SER A 91 16.74 -4.13 -3.63
C SER A 91 16.22 -5.46 -4.16
N GLY A 92 15.10 -5.45 -4.84
CA GLY A 92 14.54 -6.72 -5.39
C GLY A 92 13.78 -7.46 -4.30
N GLU A 93 13.89 -7.03 -3.08
CA GLU A 93 13.15 -7.71 -1.98
C GLU A 93 11.65 -7.49 -2.18
N LEU A 94 11.29 -6.41 -2.79
CA LEU A 94 9.85 -6.11 -3.03
C LEU A 94 9.21 -7.22 -3.85
N LEU A 95 9.64 -7.36 -5.08
CA LEU A 95 9.05 -8.40 -5.94
C LEU A 95 9.14 -9.74 -5.23
N THR A 96 10.13 -9.90 -4.42
CA THR A 96 10.28 -11.18 -3.67
C THR A 96 9.06 -11.34 -2.76
N ARG A 97 8.67 -10.29 -2.07
CA ARG A 97 7.49 -10.40 -1.17
C ARG A 97 6.26 -10.70 -2.02
N LEU A 98 6.21 -10.18 -3.21
CA LEU A 98 5.04 -10.45 -4.10
C LEU A 98 5.11 -11.91 -4.56
N LYS A 99 6.29 -12.41 -4.79
CA LYS A 99 6.46 -13.81 -5.27
C LYS A 99 5.98 -14.83 -4.22
N GLN A 100 6.52 -14.79 -3.03
CA GLN A 100 6.12 -15.80 -2.00
C GLN A 100 4.59 -15.93 -1.96
N ILE A 101 3.87 -14.88 -2.25
CA ILE A 101 2.38 -14.97 -2.23
C ILE A 101 1.86 -15.04 -3.66
N GLY A 102 2.68 -14.72 -4.62
CA GLY A 102 2.23 -14.78 -6.04
C GLY A 102 1.38 -13.56 -6.38
N ALA A 103 1.74 -12.41 -5.90
CA ALA A 103 0.95 -11.19 -6.20
C ALA A 103 1.38 -10.62 -7.55
N LEU A 104 2.43 -11.14 -8.13
CA LEU A 104 2.92 -10.64 -9.44
C LEU A 104 2.36 -11.51 -10.57
N GLN A 105 2.72 -11.21 -11.78
CA GLN A 105 2.22 -12.01 -12.94
C GLN A 105 3.06 -13.28 -13.08
N ALA A 1 -12.77 3.31 11.43
CA ALA A 1 -12.03 2.55 10.39
C ALA A 1 -12.01 1.06 10.74
N GLN A 2 -10.92 0.59 11.30
CA GLN A 2 -10.85 -0.85 11.67
C GLN A 2 -11.19 -1.73 10.47
N GLU A 3 -12.40 -2.21 10.39
CA GLU A 3 -12.78 -3.09 9.24
C GLU A 3 -12.54 -2.34 7.92
N PHE A 4 -12.20 -1.09 7.99
CA PHE A 4 -11.96 -0.30 6.75
C PHE A 4 -10.79 -0.89 5.96
N VAL A 5 -9.59 -0.77 6.48
CA VAL A 5 -8.40 -1.30 5.76
C VAL A 5 -8.37 -2.83 5.82
N ASN A 6 -8.70 -3.39 6.94
CA ASN A 6 -8.67 -4.87 7.06
C ASN A 6 -9.55 -5.48 5.95
N SER A 7 -10.57 -4.78 5.55
CA SER A 7 -11.47 -5.33 4.48
C SER A 7 -10.78 -5.23 3.11
N LYS A 8 -9.78 -4.40 2.99
CA LYS A 8 -9.09 -4.25 1.68
C LYS A 8 -7.82 -5.10 1.60
N ILE A 9 -7.02 -5.10 2.64
CA ILE A 9 -5.75 -5.89 2.59
C ILE A 9 -6.03 -7.37 2.84
N GLN A 10 -5.53 -8.21 1.97
CA GLN A 10 -5.73 -9.67 2.12
C GLN A 10 -4.49 -10.39 1.52
N PRO A 11 -4.26 -11.61 1.93
CA PRO A 11 -3.10 -12.39 1.44
C PRO A 11 -3.13 -12.49 -0.09
N GLY A 12 -2.04 -12.14 -0.72
CA GLY A 12 -1.97 -12.23 -2.20
C GLY A 12 -2.63 -11.02 -2.85
N LYS A 13 -2.65 -9.89 -2.19
CA LYS A 13 -3.29 -8.69 -2.79
C LYS A 13 -2.50 -7.43 -2.42
N VAL A 14 -2.28 -6.55 -3.37
CA VAL A 14 -1.52 -5.31 -3.07
C VAL A 14 -2.50 -4.14 -2.97
N VAL A 15 -2.35 -3.31 -1.96
CA VAL A 15 -3.27 -2.15 -1.81
C VAL A 15 -2.45 -0.96 -1.30
N VAL A 16 -2.75 0.23 -1.76
CA VAL A 16 -1.98 1.42 -1.31
C VAL A 16 -2.92 2.50 -0.77
N PHE A 17 -2.71 2.91 0.45
CA PHE A 17 -3.56 3.98 1.02
C PHE A 17 -2.88 5.32 0.69
N ILE A 18 -3.58 6.20 0.03
CA ILE A 18 -2.96 7.50 -0.37
C ILE A 18 -3.87 8.67 -0.02
N LYS A 19 -3.47 9.84 -0.43
CA LYS A 19 -4.26 11.08 -0.19
C LYS A 19 -4.04 11.98 -1.41
N PRO A 20 -4.93 11.91 -2.37
CA PRO A 20 -4.79 12.71 -3.61
C PRO A 20 -4.45 14.16 -3.28
N THR A 21 -3.19 14.42 -3.05
CA THR A 21 -2.73 15.80 -2.74
C THR A 21 -1.22 15.77 -2.49
N CYS A 22 -0.73 14.68 -1.94
CA CYS A 22 0.74 14.59 -1.67
C CYS A 22 1.42 13.79 -2.79
N PRO A 23 2.39 14.38 -3.46
CA PRO A 23 3.11 13.70 -4.56
C PRO A 23 3.82 12.44 -4.08
N TYR A 24 4.01 12.28 -2.79
CA TYR A 24 4.69 11.04 -2.32
C TYR A 24 3.76 9.86 -2.55
N SER A 25 2.51 10.03 -2.25
CA SER A 25 1.54 8.94 -2.48
C SER A 25 1.43 8.72 -3.99
N ARG A 26 1.50 9.78 -4.75
CA ARG A 26 1.44 9.66 -6.23
C ARG A 26 2.64 8.83 -6.68
N ARG A 27 3.77 9.04 -6.05
CA ARG A 27 4.98 8.24 -6.41
C ARG A 27 4.65 6.75 -6.33
N ALA A 28 4.01 6.35 -5.27
CA ALA A 28 3.65 4.91 -5.12
C ALA A 28 2.77 4.51 -6.30
N GLN A 29 1.91 5.39 -6.73
CA GLN A 29 1.02 5.06 -7.88
C GLN A 29 1.84 4.98 -9.16
N GLU A 30 2.74 5.91 -9.36
CA GLU A 30 3.56 5.92 -10.60
C GLU A 30 4.56 4.76 -10.60
N ILE A 31 5.07 4.37 -9.47
CA ILE A 31 6.06 3.25 -9.45
C ILE A 31 5.34 1.90 -9.55
N LEU A 32 4.42 1.61 -8.66
CA LEU A 32 3.71 0.31 -8.72
C LEU A 32 3.00 0.19 -10.07
N SER A 33 2.70 1.28 -10.70
CA SER A 33 2.02 1.21 -12.02
C SER A 33 2.96 0.52 -13.00
N GLN A 34 4.23 0.55 -12.72
CA GLN A 34 5.23 -0.09 -13.63
C GLN A 34 5.44 -1.56 -13.21
N LEU A 35 4.76 -2.01 -12.19
CA LEU A 35 4.95 -3.42 -11.75
C LEU A 35 3.90 -4.32 -12.43
N PRO A 36 4.34 -5.39 -13.05
CA PRO A 36 3.43 -6.32 -13.74
C PRO A 36 2.55 -7.04 -12.71
N ILE A 37 1.70 -6.32 -12.06
CA ILE A 37 0.82 -6.96 -11.04
C ILE A 37 -0.36 -7.64 -11.76
N LYS A 38 -0.85 -8.72 -11.20
CA LYS A 38 -1.98 -9.43 -11.84
C LYS A 38 -3.15 -8.48 -12.10
N GLN A 39 -4.28 -9.02 -12.47
CA GLN A 39 -5.48 -8.16 -12.76
C GLN A 39 -5.76 -7.20 -11.61
N GLY A 40 -6.99 -7.16 -11.15
CA GLY A 40 -7.37 -6.23 -10.05
C GLY A 40 -6.63 -6.59 -8.76
N LEU A 41 -5.34 -6.79 -8.83
CA LEU A 41 -4.57 -7.12 -7.59
C LEU A 41 -3.88 -5.85 -7.07
N LEU A 42 -3.76 -4.85 -7.90
CA LEU A 42 -3.12 -3.58 -7.46
C LEU A 42 -4.21 -2.52 -7.35
N GLU A 43 -4.31 -1.86 -6.22
CA GLU A 43 -5.38 -0.83 -6.07
C GLU A 43 -4.83 0.39 -5.33
N PHE A 44 -5.53 1.49 -5.41
CA PHE A 44 -5.10 2.73 -4.71
C PHE A 44 -6.28 3.21 -3.85
N VAL A 45 -6.15 3.13 -2.56
CA VAL A 45 -7.27 3.53 -1.66
C VAL A 45 -7.10 4.98 -1.18
N ASP A 46 -7.92 5.86 -1.69
CA ASP A 46 -7.84 7.28 -1.25
C ASP A 46 -8.63 7.43 0.05
N ILE A 47 -7.96 7.44 1.16
CA ILE A 47 -8.68 7.55 2.47
C ILE A 47 -9.44 8.88 2.55
N THR A 48 -9.47 9.64 1.50
CA THR A 48 -10.20 10.94 1.53
C THR A 48 -11.60 10.76 0.92
N ALA A 49 -11.77 9.80 0.06
CA ALA A 49 -13.11 9.60 -0.55
C ALA A 49 -14.03 8.85 0.42
N THR A 50 -13.76 8.92 1.70
CA THR A 50 -14.62 8.21 2.68
C THR A 50 -14.71 9.00 3.99
N ASN A 51 -14.07 10.13 4.07
CA ASN A 51 -14.11 10.94 5.33
C ASN A 51 -13.41 10.17 6.44
N HIS A 52 -13.39 10.71 7.64
CA HIS A 52 -12.70 10.01 8.76
C HIS A 52 -11.25 9.75 8.37
N THR A 53 -10.70 10.61 7.56
CA THR A 53 -9.29 10.42 7.12
C THR A 53 -8.41 10.05 8.32
N ASN A 54 -8.40 10.87 9.33
CA ASN A 54 -7.55 10.59 10.53
C ASN A 54 -7.89 9.22 11.13
N GLU A 55 -9.12 8.79 11.04
CA GLU A 55 -9.47 7.47 11.63
C GLU A 55 -8.69 6.36 10.92
N ILE A 56 -8.63 6.38 9.61
CA ILE A 56 -7.89 5.31 8.89
C ILE A 56 -6.39 5.43 9.20
N GLN A 57 -5.80 6.58 8.99
CA GLN A 57 -4.35 6.72 9.29
C GLN A 57 -4.14 6.36 10.75
N ASP A 58 -5.04 6.79 11.60
CA ASP A 58 -4.91 6.45 13.03
C ASP A 58 -4.83 4.94 13.12
N TYR A 59 -5.51 4.26 12.23
CA TYR A 59 -5.46 2.77 12.23
C TYR A 59 -4.16 2.32 11.57
N LEU A 60 -3.84 2.86 10.42
CA LEU A 60 -2.57 2.45 9.75
C LEU A 60 -1.42 2.64 10.72
N GLN A 61 -1.54 3.64 11.56
CA GLN A 61 -0.48 3.89 12.57
C GLN A 61 -0.34 2.67 13.48
N GLN A 62 -1.40 2.28 14.13
CA GLN A 62 -1.35 1.10 15.04
C GLN A 62 -1.10 -0.17 14.23
N LEU A 63 -1.67 -0.27 13.06
CA LEU A 63 -1.47 -1.50 12.24
C LEU A 63 0.00 -1.62 11.84
N THR A 64 0.56 -0.56 11.31
CA THR A 64 1.98 -0.60 10.88
C THR A 64 2.84 0.23 11.84
N GLY A 65 2.64 1.53 11.85
CA GLY A 65 3.45 2.37 12.78
C GLY A 65 3.43 3.83 12.34
N ALA A 66 3.69 4.12 11.09
CA ALA A 66 3.71 5.53 10.64
C ALA A 66 2.37 5.92 9.99
N ARG A 67 1.87 7.08 10.31
CA ARG A 67 0.61 7.53 9.70
C ARG A 67 0.97 8.37 8.48
N THR A 68 2.13 8.12 7.92
CA THR A 68 2.59 8.89 6.75
C THR A 68 1.92 8.38 5.47
N VAL A 69 2.07 9.11 4.40
CA VAL A 69 1.45 8.72 3.11
C VAL A 69 2.58 8.52 2.09
N PRO A 70 2.54 7.45 1.32
CA PRO A 70 1.49 6.42 1.36
C PRO A 70 1.78 5.40 2.46
N ARG A 71 1.10 4.29 2.39
CA ARG A 71 1.30 3.17 3.34
C ARG A 71 0.91 1.91 2.57
N VAL A 72 1.87 1.28 1.95
CA VAL A 72 1.59 0.09 1.10
C VAL A 72 1.45 -1.19 1.92
N PHE A 73 0.82 -2.18 1.34
CA PHE A 73 0.62 -3.47 2.05
C PHE A 73 0.72 -4.65 1.07
N ILE A 74 1.87 -5.22 0.89
CA ILE A 74 1.97 -6.40 -0.02
C ILE A 74 1.28 -7.54 0.73
N GLY A 75 0.09 -7.89 0.35
CA GLY A 75 -0.62 -8.95 1.12
C GLY A 75 -0.91 -8.36 2.49
N LYS A 76 -0.95 -9.15 3.52
CA LYS A 76 -1.20 -8.56 4.87
C LYS A 76 0.12 -8.08 5.47
N ASP A 77 1.20 -8.26 4.76
CA ASP A 77 2.53 -7.81 5.29
C ASP A 77 2.81 -6.37 4.86
N SER A 78 2.83 -5.44 5.79
CA SER A 78 3.10 -4.03 5.43
C SER A 78 4.58 -3.86 5.09
N ILE A 79 4.91 -2.96 4.19
CA ILE A 79 6.34 -2.73 3.83
C ILE A 79 6.73 -1.31 4.25
N GLY A 80 5.78 -0.44 4.42
CA GLY A 80 6.11 0.95 4.84
C GLY A 80 5.40 1.96 3.92
N GLY A 81 6.01 3.11 3.72
CA GLY A 81 5.39 4.14 2.85
C GLY A 81 6.15 4.25 1.53
N SER A 82 6.31 5.45 1.05
CA SER A 82 7.02 5.65 -0.24
C SER A 82 8.51 5.34 -0.08
N SER A 83 9.20 6.12 0.69
CA SER A 83 10.67 5.87 0.88
C SER A 83 10.91 4.41 1.26
N ASP A 84 9.95 3.80 1.87
CA ASP A 84 10.11 2.37 2.26
C ASP A 84 10.00 1.49 1.01
N LEU A 85 8.97 1.70 0.23
CA LEU A 85 8.78 0.87 -1.00
C LEU A 85 10.03 0.97 -1.90
N VAL A 86 10.37 2.15 -2.33
CA VAL A 86 11.54 2.30 -3.25
C VAL A 86 12.74 1.54 -2.68
N SER A 87 13.04 1.70 -1.42
CA SER A 87 14.22 0.97 -0.86
C SER A 87 14.13 -0.51 -1.25
N LEU A 88 12.98 -1.12 -1.09
CA LEU A 88 12.83 -2.55 -1.45
C LEU A 88 12.90 -2.76 -2.96
N GLN A 89 12.31 -1.87 -3.72
CA GLN A 89 12.31 -2.03 -5.20
C GLN A 89 13.74 -2.04 -5.75
N GLN A 90 14.49 -1.01 -5.51
CA GLN A 90 15.88 -0.98 -6.04
C GLN A 90 16.67 -2.15 -5.45
N SER A 91 16.25 -2.62 -4.32
CA SER A 91 16.97 -3.76 -3.68
C SER A 91 16.53 -5.07 -4.34
N GLY A 92 15.26 -5.22 -4.57
CA GLY A 92 14.74 -6.47 -5.22
C GLY A 92 13.93 -7.26 -4.20
N GLU A 93 13.99 -6.89 -2.96
CA GLU A 93 13.22 -7.62 -1.91
C GLU A 93 11.73 -7.39 -2.13
N LEU A 94 11.38 -6.29 -2.74
CA LEU A 94 9.95 -5.98 -3.00
C LEU A 94 9.32 -7.08 -3.84
N LEU A 95 9.79 -7.24 -5.04
CA LEU A 95 9.19 -8.28 -5.93
C LEU A 95 9.22 -9.61 -5.20
N THR A 96 10.18 -9.79 -4.35
CA THR A 96 10.25 -11.06 -3.59
C THR A 96 9.01 -11.15 -2.70
N ARG A 97 8.66 -10.07 -2.06
CA ARG A 97 7.45 -10.08 -1.19
C ARG A 97 6.23 -10.39 -2.06
N LEU A 98 6.24 -9.92 -3.27
CA LEU A 98 5.10 -10.20 -4.18
C LEU A 98 5.16 -11.67 -4.59
N LYS A 99 6.34 -12.17 -4.81
CA LYS A 99 6.51 -13.59 -5.24
C LYS A 99 6.07 -14.59 -4.16
N GLN A 100 6.58 -14.47 -2.97
CA GLN A 100 6.19 -15.46 -1.90
C GLN A 100 4.67 -15.62 -1.85
N ILE A 101 3.92 -14.60 -2.16
CA ILE A 101 2.44 -14.74 -2.12
C ILE A 101 1.90 -14.84 -3.55
N GLY A 102 2.71 -14.52 -4.52
CA GLY A 102 2.25 -14.62 -5.94
C GLY A 102 1.38 -13.41 -6.29
N ALA A 103 1.80 -12.24 -5.94
CA ALA A 103 0.99 -11.03 -6.26
C ALA A 103 1.35 -10.55 -7.67
N LEU A 104 2.41 -11.08 -8.22
CA LEU A 104 2.82 -10.66 -9.60
C LEU A 104 2.30 -11.65 -10.64
N GLN A 105 2.62 -11.43 -11.88
CA GLN A 105 2.14 -12.35 -12.95
C GLN A 105 3.01 -13.60 -12.99
N ALA A 1 -13.09 3.24 11.29
CA ALA A 1 -12.37 2.55 10.20
C ALA A 1 -12.33 1.05 10.47
N GLN A 2 -11.22 0.55 10.95
CA GLN A 2 -11.12 -0.91 11.25
C GLN A 2 -11.54 -1.73 10.02
N GLU A 3 -12.78 -2.12 9.95
CA GLU A 3 -13.25 -2.92 8.78
C GLU A 3 -12.90 -2.17 7.49
N PHE A 4 -12.52 -0.93 7.61
CA PHE A 4 -12.17 -0.14 6.40
C PHE A 4 -10.96 -0.74 5.69
N VAL A 5 -9.81 -0.65 6.28
CA VAL A 5 -8.59 -1.19 5.62
C VAL A 5 -8.60 -2.72 5.66
N ASN A 6 -9.03 -3.29 6.75
CA ASN A 6 -9.05 -4.77 6.84
C ASN A 6 -9.86 -5.34 5.68
N SER A 7 -10.93 -4.68 5.31
CA SER A 7 -11.75 -5.19 4.18
C SER A 7 -11.03 -4.90 2.86
N LYS A 8 -10.01 -4.09 2.88
CA LYS A 8 -9.28 -3.75 1.62
C LYS A 8 -8.04 -4.64 1.46
N ILE A 9 -7.26 -4.81 2.50
CA ILE A 9 -6.04 -5.65 2.37
C ILE A 9 -6.42 -7.13 2.41
N GLN A 10 -5.79 -7.92 1.58
CA GLN A 10 -6.08 -9.38 1.52
C GLN A 10 -4.80 -10.09 1.10
N PRO A 11 -4.47 -11.19 1.74
CA PRO A 11 -3.25 -11.94 1.39
C PRO A 11 -3.21 -12.18 -0.12
N GLY A 12 -2.09 -11.89 -0.74
CA GLY A 12 -1.99 -12.08 -2.20
C GLY A 12 -2.67 -10.91 -2.91
N LYS A 13 -2.83 -9.80 -2.23
CA LYS A 13 -3.49 -8.62 -2.85
C LYS A 13 -2.72 -7.37 -2.46
N VAL A 14 -2.42 -6.52 -3.41
CA VAL A 14 -1.67 -5.28 -3.09
C VAL A 14 -2.63 -4.09 -3.03
N VAL A 15 -2.49 -3.26 -2.03
CA VAL A 15 -3.39 -2.07 -1.89
C VAL A 15 -2.56 -0.91 -1.35
N VAL A 16 -2.82 0.29 -1.82
CA VAL A 16 -2.02 1.46 -1.36
C VAL A 16 -2.91 2.55 -0.79
N PHE A 17 -2.61 3.02 0.40
CA PHE A 17 -3.41 4.11 1.02
C PHE A 17 -2.71 5.44 0.71
N ILE A 18 -3.37 6.29 -0.05
CA ILE A 18 -2.73 7.60 -0.42
C ILE A 18 -3.62 8.78 -0.06
N LYS A 19 -3.21 9.93 -0.49
CA LYS A 19 -3.96 11.19 -0.25
C LYS A 19 -3.72 12.05 -1.50
N PRO A 20 -4.61 11.98 -2.46
CA PRO A 20 -4.44 12.72 -3.72
C PRO A 20 -4.08 14.18 -3.46
N THR A 21 -2.83 14.43 -3.15
CA THR A 21 -2.39 15.83 -2.90
C THR A 21 -0.89 15.85 -2.62
N CYS A 22 -0.35 14.81 -2.02
CA CYS A 22 1.11 14.77 -1.72
C CYS A 22 1.84 13.95 -2.81
N PRO A 23 2.84 14.54 -3.44
CA PRO A 23 3.61 13.86 -4.52
C PRO A 23 4.25 12.54 -4.06
N TYR A 24 4.37 12.29 -2.79
CA TYR A 24 5.00 11.00 -2.36
C TYR A 24 4.07 9.85 -2.68
N SER A 25 2.82 9.96 -2.30
CA SER A 25 1.87 8.87 -2.59
C SER A 25 1.80 8.70 -4.10
N ARG A 26 1.95 9.78 -4.81
CA ARG A 26 1.92 9.70 -6.29
C ARG A 26 3.05 8.79 -6.76
N ARG A 27 4.23 8.93 -6.19
CA ARG A 27 5.35 8.06 -6.61
C ARG A 27 4.92 6.61 -6.49
N ALA A 28 4.34 6.24 -5.38
CA ALA A 28 3.89 4.84 -5.20
C ALA A 28 2.90 4.48 -6.31
N GLN A 29 2.09 5.42 -6.70
CA GLN A 29 1.10 5.15 -7.78
C GLN A 29 1.82 4.99 -9.11
N GLU A 30 2.79 5.84 -9.35
CA GLU A 30 3.54 5.78 -10.64
C GLU A 30 4.47 4.56 -10.70
N ILE A 31 5.10 4.21 -9.60
CA ILE A 31 6.04 3.05 -9.64
C ILE A 31 5.24 1.73 -9.70
N LEU A 32 4.36 1.50 -8.78
CA LEU A 32 3.58 0.23 -8.83
C LEU A 32 2.78 0.16 -10.13
N SER A 33 2.57 1.28 -10.77
CA SER A 33 1.81 1.27 -12.04
C SER A 33 2.60 0.51 -13.11
N GLN A 34 3.90 0.54 -13.03
CA GLN A 34 4.74 -0.16 -14.05
C GLN A 34 5.11 -1.57 -13.59
N LEU A 35 4.58 -2.01 -12.47
CA LEU A 35 4.92 -3.39 -11.99
C LEU A 35 3.90 -4.37 -12.61
N PRO A 36 4.38 -5.46 -13.17
CA PRO A 36 3.49 -6.46 -13.78
C PRO A 36 2.61 -7.14 -12.72
N ILE A 37 1.80 -6.39 -12.06
CA ILE A 37 0.93 -6.99 -11.02
C ILE A 37 -0.24 -7.68 -11.72
N LYS A 38 -0.73 -8.75 -11.18
CA LYS A 38 -1.86 -9.47 -11.83
C LYS A 38 -3.01 -8.49 -12.10
N GLN A 39 -4.13 -9.00 -12.56
CA GLN A 39 -5.30 -8.13 -12.88
C GLN A 39 -5.67 -7.20 -11.73
N GLY A 40 -6.93 -7.23 -11.33
CA GLY A 40 -7.41 -6.33 -10.25
C GLY A 40 -6.72 -6.65 -8.92
N LEU A 41 -5.43 -6.76 -8.93
CA LEU A 41 -4.71 -7.07 -7.66
C LEU A 41 -4.12 -5.77 -7.11
N LEU A 42 -3.76 -4.88 -7.98
CA LEU A 42 -3.17 -3.59 -7.54
C LEU A 42 -4.26 -2.53 -7.47
N GLU A 43 -4.30 -1.79 -6.39
CA GLU A 43 -5.35 -0.74 -6.24
C GLU A 43 -4.74 0.49 -5.57
N PHE A 44 -5.51 1.54 -5.47
CA PHE A 44 -5.02 2.78 -4.80
C PHE A 44 -6.15 3.30 -3.92
N VAL A 45 -5.97 3.24 -2.63
CA VAL A 45 -7.07 3.67 -1.70
C VAL A 45 -6.89 5.13 -1.24
N ASP A 46 -7.66 6.02 -1.81
CA ASP A 46 -7.59 7.45 -1.39
C ASP A 46 -8.43 7.64 -0.13
N ILE A 47 -7.81 7.64 1.02
CA ILE A 47 -8.59 7.80 2.28
C ILE A 47 -9.30 9.15 2.30
N THR A 48 -9.18 9.92 1.25
CA THR A 48 -9.87 11.25 1.23
C THR A 48 -11.23 11.07 0.54
N ALA A 49 -11.40 10.00 -0.17
CA ALA A 49 -12.69 9.75 -0.87
C ALA A 49 -13.73 9.25 0.14
N THR A 50 -13.39 9.27 1.40
CA THR A 50 -14.36 8.78 2.44
C THR A 50 -14.26 9.64 3.69
N ASN A 51 -13.35 10.58 3.72
CA ASN A 51 -13.22 11.42 4.95
C ASN A 51 -12.74 10.52 6.08
N HIS A 52 -13.06 10.82 7.30
CA HIS A 52 -12.62 9.94 8.41
C HIS A 52 -11.11 9.70 8.27
N THR A 53 -10.46 10.48 7.44
CA THR A 53 -9.00 10.29 7.22
C THR A 53 -8.28 10.02 8.55
N ASN A 54 -8.43 10.89 9.51
CA ASN A 54 -7.74 10.71 10.82
C ASN A 54 -8.02 9.31 11.37
N GLU A 55 -9.21 8.81 11.20
CA GLU A 55 -9.51 7.45 11.74
C GLU A 55 -8.67 6.40 11.00
N ILE A 56 -8.59 6.49 9.69
CA ILE A 56 -7.77 5.49 8.96
C ILE A 56 -6.29 5.68 9.30
N GLN A 57 -5.76 6.87 9.17
CA GLN A 57 -4.33 7.06 9.51
C GLN A 57 -4.14 6.60 10.94
N ASP A 58 -5.05 6.97 11.79
CA ASP A 58 -4.96 6.54 13.21
C ASP A 58 -4.89 5.01 13.19
N TYR A 59 -5.58 4.41 12.25
CA TYR A 59 -5.56 2.93 12.14
C TYR A 59 -4.26 2.49 11.46
N LEU A 60 -3.90 3.08 10.35
CA LEU A 60 -2.64 2.68 9.67
C LEU A 60 -1.51 2.73 10.69
N GLN A 61 -1.60 3.66 11.60
CA GLN A 61 -0.57 3.79 12.64
C GLN A 61 -0.52 2.50 13.49
N GLN A 62 -1.62 2.15 14.10
CA GLN A 62 -1.64 0.91 14.95
C GLN A 62 -1.48 -0.35 14.10
N LEU A 63 -2.03 -0.37 12.92
CA LEU A 63 -1.91 -1.58 12.07
C LEU A 63 -0.45 -1.84 11.71
N THR A 64 0.23 -0.82 11.26
CA THR A 64 1.66 -0.99 10.87
C THR A 64 2.54 -0.21 11.84
N GLY A 65 2.38 1.08 11.89
CA GLY A 65 3.21 1.90 12.81
C GLY A 65 3.19 3.36 12.38
N ALA A 66 3.58 3.63 11.16
CA ALA A 66 3.57 5.03 10.65
C ALA A 66 2.31 5.27 9.83
N ARG A 67 1.75 6.44 9.91
CA ARG A 67 0.52 6.75 9.13
C ARG A 67 0.91 7.73 8.02
N THR A 68 2.16 7.79 7.70
CA THR A 68 2.62 8.74 6.64
C THR A 68 2.07 8.31 5.28
N VAL A 69 2.13 9.17 4.31
CA VAL A 69 1.61 8.82 2.95
C VAL A 69 2.80 8.57 2.01
N PRO A 70 2.79 7.47 1.28
CA PRO A 70 1.73 6.44 1.33
C PRO A 70 1.96 5.43 2.45
N ARG A 71 1.25 4.34 2.37
CA ARG A 71 1.38 3.22 3.34
C ARG A 71 0.96 1.97 2.56
N VAL A 72 1.92 1.31 1.96
CA VAL A 72 1.62 0.14 1.08
C VAL A 72 1.41 -1.14 1.89
N PHE A 73 0.71 -2.09 1.32
CA PHE A 73 0.43 -3.37 2.03
C PHE A 73 0.54 -4.56 1.10
N ILE A 74 1.71 -5.15 0.95
CA ILE A 74 1.79 -6.36 0.09
C ILE A 74 1.11 -7.45 0.91
N GLY A 75 -0.01 -7.97 0.46
CA GLY A 75 -0.70 -8.97 1.30
C GLY A 75 -1.01 -8.26 2.63
N LYS A 76 -1.14 -8.97 3.71
CA LYS A 76 -1.41 -8.25 5.00
C LYS A 76 -0.07 -7.78 5.57
N ASP A 77 1.01 -8.05 4.88
CA ASP A 77 2.35 -7.64 5.38
C ASP A 77 2.67 -6.21 4.92
N SER A 78 2.69 -5.28 5.83
CA SER A 78 2.99 -3.87 5.47
C SER A 78 4.49 -3.71 5.19
N ILE A 79 4.86 -2.91 4.22
CA ILE A 79 6.31 -2.73 3.92
C ILE A 79 6.75 -1.34 4.39
N GLY A 80 5.82 -0.42 4.52
CA GLY A 80 6.19 0.95 4.99
C GLY A 80 5.51 2.01 4.11
N GLY A 81 6.17 3.13 3.91
CA GLY A 81 5.57 4.22 3.08
C GLY A 81 6.21 4.23 1.70
N SER A 82 6.37 5.39 1.14
CA SER A 82 6.98 5.49 -0.22
C SER A 82 8.48 5.19 -0.13
N SER A 83 9.18 5.97 0.63
CA SER A 83 10.64 5.75 0.76
C SER A 83 10.91 4.29 1.12
N ASP A 84 9.94 3.64 1.72
CA ASP A 84 10.13 2.21 2.10
C ASP A 84 10.01 1.34 0.84
N LEU A 85 8.94 1.51 0.10
CA LEU A 85 8.74 0.68 -1.13
C LEU A 85 10.00 0.74 -2.01
N VAL A 86 10.38 1.92 -2.42
CA VAL A 86 11.57 2.05 -3.29
C VAL A 86 12.75 1.29 -2.68
N SER A 87 13.09 1.57 -1.46
CA SER A 87 14.23 0.87 -0.83
C SER A 87 14.14 -0.63 -1.14
N LEU A 88 12.95 -1.15 -1.18
CA LEU A 88 12.77 -2.61 -1.48
C LEU A 88 12.84 -2.88 -2.99
N GLN A 89 12.20 -2.07 -3.80
CA GLN A 89 12.21 -2.31 -5.27
C GLN A 89 13.63 -2.27 -5.82
N GLN A 90 14.34 -1.20 -5.62
CA GLN A 90 15.74 -1.14 -6.17
C GLN A 90 16.55 -2.28 -5.59
N SER A 91 16.17 -2.73 -4.43
CA SER A 91 16.91 -3.86 -3.79
C SER A 91 16.46 -5.16 -4.43
N GLY A 92 15.20 -5.48 -4.33
CA GLY A 92 14.67 -6.73 -4.93
C GLY A 92 13.85 -7.51 -3.90
N GLU A 93 13.86 -7.09 -2.67
CA GLU A 93 13.08 -7.81 -1.64
C GLU A 93 11.58 -7.57 -1.89
N LEU A 94 11.27 -6.48 -2.52
CA LEU A 94 9.83 -6.16 -2.81
C LEU A 94 9.21 -7.24 -3.69
N LEU A 95 9.71 -7.42 -4.87
CA LEU A 95 9.13 -8.44 -5.77
C LEU A 95 9.09 -9.77 -5.04
N THR A 96 10.00 -9.96 -4.14
CA THR A 96 10.00 -11.23 -3.37
C THR A 96 8.74 -11.27 -2.50
N ARG A 97 8.47 -10.20 -1.78
CA ARG A 97 7.24 -10.19 -0.93
C ARG A 97 6.06 -10.46 -1.85
N LEU A 98 6.13 -10.01 -3.07
CA LEU A 98 5.04 -10.26 -4.04
C LEU A 98 5.09 -11.74 -4.45
N LYS A 99 6.27 -12.26 -4.66
CA LYS A 99 6.41 -13.68 -5.10
C LYS A 99 5.91 -14.66 -4.03
N GLN A 100 6.39 -14.53 -2.81
CA GLN A 100 5.95 -15.50 -1.77
C GLN A 100 4.42 -15.62 -1.72
N ILE A 101 3.70 -14.56 -1.98
CA ILE A 101 2.21 -14.67 -1.94
C ILE A 101 1.68 -14.82 -3.37
N GLY A 102 2.48 -14.47 -4.34
CA GLY A 102 2.05 -14.61 -5.76
C GLY A 102 1.25 -13.38 -6.20
N ALA A 103 1.67 -12.21 -5.81
CA ALA A 103 0.93 -10.98 -6.24
C ALA A 103 1.40 -10.54 -7.61
N LEU A 104 2.47 -11.12 -8.09
CA LEU A 104 3.00 -10.76 -9.44
C LEU A 104 2.46 -11.73 -10.49
N GLN A 105 2.80 -11.52 -11.73
CA GLN A 105 2.31 -12.42 -12.80
C GLN A 105 3.16 -13.71 -12.82
N ALA A 1 -11.74 2.55 12.54
CA ALA A 1 -11.50 2.17 11.12
C ALA A 1 -10.85 0.78 11.07
N GLN A 2 -11.42 -0.18 11.75
CA GLN A 2 -10.84 -1.54 11.74
C GLN A 2 -11.26 -2.26 10.46
N GLU A 3 -12.52 -2.54 10.30
CA GLU A 3 -12.99 -3.24 9.07
C GLU A 3 -12.66 -2.40 7.84
N PHE A 4 -12.31 -1.16 8.03
CA PHE A 4 -12.00 -0.28 6.86
C PHE A 4 -10.80 -0.84 6.09
N VAL A 5 -9.62 -0.69 6.60
CA VAL A 5 -8.42 -1.19 5.87
C VAL A 5 -8.35 -2.72 5.99
N ASN A 6 -8.73 -3.25 7.10
CA ASN A 6 -8.68 -4.73 7.28
C ASN A 6 -9.49 -5.41 6.17
N SER A 7 -10.60 -4.83 5.80
CA SER A 7 -11.44 -5.46 4.74
C SER A 7 -10.77 -5.25 3.37
N LYS A 8 -9.79 -4.39 3.29
CA LYS A 8 -9.13 -4.13 1.98
C LYS A 8 -7.84 -4.96 1.85
N ILE A 9 -7.01 -4.99 2.87
CA ILE A 9 -5.75 -5.78 2.77
C ILE A 9 -6.04 -7.26 2.98
N GLN A 10 -5.55 -8.09 2.10
CA GLN A 10 -5.75 -9.55 2.24
C GLN A 10 -4.54 -10.26 1.59
N PRO A 11 -4.30 -11.48 1.99
CA PRO A 11 -3.15 -12.25 1.47
C PRO A 11 -3.21 -12.38 -0.06
N GLY A 12 -2.12 -12.10 -0.70
CA GLY A 12 -2.06 -12.22 -2.19
C GLY A 12 -2.72 -11.02 -2.87
N LYS A 13 -2.83 -9.91 -2.18
CA LYS A 13 -3.46 -8.71 -2.82
C LYS A 13 -2.68 -7.46 -2.41
N VAL A 14 -2.36 -6.62 -3.36
CA VAL A 14 -1.61 -5.38 -3.04
C VAL A 14 -2.58 -4.20 -2.96
N VAL A 15 -2.45 -3.40 -1.94
CA VAL A 15 -3.37 -2.22 -1.79
C VAL A 15 -2.55 -1.03 -1.29
N VAL A 16 -2.85 0.15 -1.77
CA VAL A 16 -2.07 1.34 -1.34
C VAL A 16 -3.00 2.44 -0.79
N PHE A 17 -2.71 2.91 0.40
CA PHE A 17 -3.53 4.01 1.00
C PHE A 17 -2.85 5.34 0.66
N ILE A 18 -3.50 6.19 -0.09
CA ILE A 18 -2.86 7.48 -0.50
C ILE A 18 -3.76 8.67 -0.16
N LYS A 19 -3.34 9.81 -0.63
CA LYS A 19 -4.10 11.07 -0.44
C LYS A 19 -3.80 11.93 -1.66
N PRO A 20 -4.59 11.76 -2.70
CA PRO A 20 -4.36 12.49 -3.96
C PRO A 20 -4.13 13.98 -3.70
N THR A 21 -2.98 14.30 -3.17
CA THR A 21 -2.63 15.72 -2.87
C THR A 21 -1.12 15.80 -2.71
N CYS A 22 -0.53 14.79 -2.12
CA CYS A 22 0.94 14.78 -1.93
C CYS A 22 1.61 13.93 -3.03
N PRO A 23 2.62 14.47 -3.68
CA PRO A 23 3.34 13.76 -4.77
C PRO A 23 3.93 12.41 -4.30
N TYR A 24 4.20 12.24 -3.03
CA TYR A 24 4.77 10.92 -2.58
C TYR A 24 3.72 9.83 -2.80
N SER A 25 2.50 10.13 -2.47
CA SER A 25 1.43 9.13 -2.67
C SER A 25 1.34 8.85 -4.16
N ARG A 26 1.43 9.87 -4.96
CA ARG A 26 1.39 9.66 -6.43
C ARG A 26 2.58 8.77 -6.80
N ARG A 27 3.68 8.95 -6.12
CA ARG A 27 4.88 8.12 -6.40
C ARG A 27 4.51 6.65 -6.32
N ALA A 28 3.82 6.26 -5.26
CA ALA A 28 3.43 4.83 -5.13
C ALA A 28 2.54 4.45 -6.31
N GLN A 29 1.73 5.37 -6.77
CA GLN A 29 0.84 5.07 -7.91
C GLN A 29 1.67 4.97 -9.19
N GLU A 30 2.62 5.84 -9.36
CA GLU A 30 3.45 5.82 -10.59
C GLU A 30 4.40 4.63 -10.60
N ILE A 31 4.94 4.25 -9.48
CA ILE A 31 5.90 3.11 -9.47
C ILE A 31 5.15 1.77 -9.58
N LEU A 32 4.25 1.49 -8.67
CA LEU A 32 3.52 0.19 -8.76
C LEU A 32 2.78 0.09 -10.09
N SER A 33 2.50 1.21 -10.70
CA SER A 33 1.79 1.16 -12.00
C SER A 33 2.69 0.48 -13.04
N GLN A 34 3.98 0.53 -12.83
CA GLN A 34 4.92 -0.12 -13.80
C GLN A 34 5.24 -1.53 -13.34
N LEU A 35 4.70 -1.97 -12.24
CA LEU A 35 4.98 -3.36 -11.77
C LEU A 35 3.95 -4.31 -12.41
N PRO A 36 4.43 -5.40 -12.99
CA PRO A 36 3.54 -6.37 -13.65
C PRO A 36 2.67 -7.10 -12.62
N ILE A 37 1.79 -6.38 -11.98
CA ILE A 37 0.90 -7.02 -10.98
C ILE A 37 -0.25 -7.70 -11.72
N LYS A 38 -0.74 -8.79 -11.20
CA LYS A 38 -1.85 -9.51 -11.90
C LYS A 38 -3.03 -8.56 -12.17
N GLN A 39 -4.15 -9.13 -12.53
CA GLN A 39 -5.36 -8.32 -12.84
C GLN A 39 -5.71 -7.33 -11.72
N GLY A 40 -6.95 -7.30 -11.32
CA GLY A 40 -7.38 -6.36 -10.26
C GLY A 40 -6.72 -6.70 -8.93
N LEU A 41 -5.43 -6.87 -8.93
CA LEU A 41 -4.71 -7.19 -7.66
C LEU A 41 -4.12 -5.91 -7.09
N LEU A 42 -3.78 -5.01 -7.96
CA LEU A 42 -3.17 -3.73 -7.51
C LEU A 42 -4.26 -2.67 -7.42
N GLU A 43 -4.30 -1.93 -6.35
CA GLU A 43 -5.35 -0.89 -6.20
C GLU A 43 -4.77 0.36 -5.52
N PHE A 44 -5.55 1.39 -5.43
CA PHE A 44 -5.10 2.65 -4.77
C PHE A 44 -6.25 3.15 -3.90
N VAL A 45 -6.08 3.09 -2.61
CA VAL A 45 -7.18 3.49 -1.69
C VAL A 45 -7.02 4.95 -1.22
N ASP A 46 -7.82 5.84 -1.75
CA ASP A 46 -7.76 7.27 -1.33
C ASP A 46 -8.56 7.42 -0.04
N ILE A 47 -7.91 7.51 1.08
CA ILE A 47 -8.63 7.63 2.38
C ILE A 47 -9.44 8.93 2.46
N THR A 48 -9.37 9.77 1.46
CA THR A 48 -10.16 11.05 1.51
C THR A 48 -11.50 10.81 0.82
N ALA A 49 -11.59 9.78 0.04
CA ALA A 49 -12.87 9.49 -0.67
C ALA A 49 -13.84 8.81 0.31
N THR A 50 -13.55 8.85 1.57
CA THR A 50 -14.46 8.20 2.57
C THR A 50 -14.51 9.04 3.86
N ASN A 51 -13.80 10.13 3.89
CA ASN A 51 -13.81 10.99 5.11
C ASN A 51 -13.15 10.25 6.27
N HIS A 52 -13.22 10.80 7.45
CA HIS A 52 -12.60 10.11 8.63
C HIS A 52 -11.12 9.87 8.35
N THR A 53 -10.49 10.73 7.59
CA THR A 53 -9.05 10.54 7.28
C THR A 53 -8.28 10.20 8.56
N ASN A 54 -8.41 11.02 9.56
CA ASN A 54 -7.67 10.77 10.84
C ASN A 54 -7.98 9.37 11.38
N GLU A 55 -9.19 8.90 11.24
CA GLU A 55 -9.51 7.55 11.77
C GLU A 55 -8.68 6.49 11.06
N ILE A 56 -8.60 6.54 9.76
CA ILE A 56 -7.81 5.50 9.03
C ILE A 56 -6.33 5.65 9.37
N GLN A 57 -5.75 6.81 9.18
CA GLN A 57 -4.30 6.95 9.51
C GLN A 57 -4.12 6.57 10.97
N ASP A 58 -5.03 7.00 11.79
CA ASP A 58 -4.93 6.63 13.22
C ASP A 58 -4.84 5.11 13.30
N TYR A 59 -5.49 4.44 12.39
CA TYR A 59 -5.44 2.96 12.36
C TYR A 59 -4.13 2.51 11.70
N LEU A 60 -3.80 3.08 10.56
CA LEU A 60 -2.54 2.67 9.88
C LEU A 60 -1.39 2.81 10.88
N GLN A 61 -1.49 3.77 11.74
CA GLN A 61 -0.44 3.99 12.76
C GLN A 61 -0.30 2.73 13.62
N GLN A 62 -1.37 2.27 14.21
CA GLN A 62 -1.30 1.07 15.08
C GLN A 62 -0.98 -0.18 14.24
N LEU A 63 -1.60 -0.29 13.09
CA LEU A 63 -1.37 -1.49 12.23
C LEU A 63 0.09 -1.55 11.79
N THR A 64 0.63 -0.46 11.32
CA THR A 64 2.04 -0.46 10.85
C THR A 64 2.90 0.33 11.84
N GLY A 65 2.65 1.60 11.98
CA GLY A 65 3.46 2.42 12.92
C GLY A 65 3.57 3.85 12.37
N ALA A 66 3.71 3.99 11.09
CA ALA A 66 3.82 5.36 10.50
C ALA A 66 2.47 5.81 9.95
N ARG A 67 2.13 7.05 10.13
CA ARG A 67 0.84 7.58 9.61
C ARG A 67 1.13 8.46 8.40
N THR A 68 2.23 8.22 7.75
CA THR A 68 2.63 9.04 6.57
C THR A 68 1.93 8.54 5.30
N VAL A 69 2.03 9.30 4.23
CA VAL A 69 1.41 8.89 2.94
C VAL A 69 2.54 8.56 1.94
N PRO A 70 2.44 7.45 1.25
CA PRO A 70 1.34 6.46 1.36
C PRO A 70 1.59 5.43 2.47
N ARG A 71 0.85 4.37 2.39
CA ARG A 71 1.00 3.23 3.34
C ARG A 71 0.71 1.97 2.52
N VAL A 72 1.74 1.33 2.02
CA VAL A 72 1.53 0.14 1.14
C VAL A 72 1.38 -1.15 1.95
N PHE A 73 0.75 -2.15 1.38
CA PHE A 73 0.55 -3.43 2.10
C PHE A 73 0.64 -4.64 1.17
N ILE A 74 1.79 -5.23 1.01
CA ILE A 74 1.85 -6.44 0.15
C ILE A 74 1.17 -7.53 0.98
N GLY A 75 0.05 -8.05 0.54
CA GLY A 75 -0.64 -9.05 1.39
C GLY A 75 -0.90 -8.34 2.73
N LYS A 76 -1.06 -9.03 3.81
CA LYS A 76 -1.28 -8.30 5.09
C LYS A 76 0.08 -7.82 5.62
N ASP A 77 1.12 -8.01 4.86
CA ASP A 77 2.48 -7.58 5.31
C ASP A 77 2.76 -6.13 4.88
N SER A 78 2.91 -5.25 5.84
CA SER A 78 3.20 -3.82 5.50
C SER A 78 4.69 -3.68 5.13
N ILE A 79 5.00 -2.85 4.16
CA ILE A 79 6.43 -2.66 3.77
C ILE A 79 6.88 -1.26 4.19
N GLY A 80 5.96 -0.38 4.46
CA GLY A 80 6.33 1.00 4.88
C GLY A 80 5.63 2.03 3.99
N GLY A 81 6.13 3.24 3.96
CA GLY A 81 5.51 4.30 3.12
C GLY A 81 6.10 4.28 1.72
N SER A 82 6.17 5.42 1.09
CA SER A 82 6.73 5.48 -0.29
C SER A 82 8.23 5.26 -0.26
N SER A 83 8.95 6.09 0.42
CA SER A 83 10.43 5.94 0.49
C SER A 83 10.75 4.50 0.89
N ASP A 84 9.86 3.85 1.58
CA ASP A 84 10.11 2.45 2.00
C ASP A 84 9.94 1.53 0.79
N LEU A 85 8.87 1.70 0.06
CA LEU A 85 8.63 0.85 -1.14
C LEU A 85 9.83 0.90 -2.08
N VAL A 86 10.18 2.06 -2.54
CA VAL A 86 11.32 2.19 -3.49
C VAL A 86 12.56 1.49 -2.92
N SER A 87 12.93 1.79 -1.70
CA SER A 87 14.13 1.14 -1.13
C SER A 87 14.06 -0.36 -1.41
N LEU A 88 12.88 -0.91 -1.40
CA LEU A 88 12.72 -2.38 -1.65
C LEU A 88 12.73 -2.70 -3.16
N GLN A 89 12.12 -1.88 -3.97
CA GLN A 89 12.07 -2.19 -5.43
C GLN A 89 13.48 -2.27 -6.02
N GLN A 90 14.24 -1.22 -5.93
CA GLN A 90 15.62 -1.25 -6.50
C GLN A 90 16.44 -2.33 -5.80
N SER A 91 16.02 -2.74 -4.64
CA SER A 91 16.76 -3.80 -3.91
C SER A 91 16.37 -5.16 -4.47
N GLY A 92 15.10 -5.38 -4.65
CA GLY A 92 14.62 -6.69 -5.21
C GLY A 92 13.85 -7.47 -4.15
N GLU A 93 13.92 -7.06 -2.92
CA GLU A 93 13.18 -7.79 -1.85
C GLU A 93 11.68 -7.57 -2.08
N LEU A 94 11.34 -6.48 -2.72
CA LEU A 94 9.91 -6.17 -2.99
C LEU A 94 9.26 -7.27 -3.83
N LEU A 95 9.68 -7.40 -5.05
CA LEU A 95 9.08 -8.43 -5.94
C LEU A 95 9.10 -9.77 -5.23
N THR A 96 10.08 -9.95 -4.39
CA THR A 96 10.15 -11.23 -3.63
C THR A 96 8.92 -11.30 -2.72
N ARG A 97 8.64 -10.23 -2.02
CA ARG A 97 7.46 -10.22 -1.12
C ARG A 97 6.21 -10.49 -1.95
N LEU A 98 6.21 -10.02 -3.17
CA LEU A 98 5.06 -10.27 -4.07
C LEU A 98 5.06 -11.76 -4.46
N LYS A 99 6.22 -12.29 -4.72
CA LYS A 99 6.34 -13.72 -5.14
C LYS A 99 5.93 -14.68 -4.02
N GLN A 100 6.48 -14.56 -2.84
CA GLN A 100 6.14 -15.53 -1.76
C GLN A 100 4.61 -15.67 -1.63
N ILE A 101 3.86 -14.66 -1.94
CA ILE A 101 2.37 -14.80 -1.83
C ILE A 101 1.79 -14.99 -3.22
N GLY A 102 2.50 -14.58 -4.24
CA GLY A 102 2.00 -14.76 -5.64
C GLY A 102 1.19 -13.55 -6.07
N ALA A 103 1.69 -12.37 -5.84
CA ALA A 103 0.93 -11.14 -6.26
C ALA A 103 1.35 -10.71 -7.66
N LEU A 104 2.44 -11.23 -8.14
CA LEU A 104 2.92 -10.85 -9.51
C LEU A 104 2.42 -11.85 -10.55
N GLN A 105 2.73 -11.61 -11.81
CA GLN A 105 2.29 -12.53 -12.88
C GLN A 105 3.17 -13.77 -12.90
N ALA A 1 -11.50 2.81 12.46
CA ALA A 1 -11.35 2.34 11.06
C ALA A 1 -10.77 0.91 11.07
N GLN A 2 -11.48 -0.04 11.61
CA GLN A 2 -10.94 -1.43 11.67
C GLN A 2 -11.32 -2.23 10.42
N GLU A 3 -12.56 -2.60 10.29
CA GLU A 3 -13.01 -3.41 9.12
C GLU A 3 -12.71 -2.70 7.79
N PHE A 4 -12.59 -1.39 7.80
CA PHE A 4 -12.36 -0.66 6.53
C PHE A 4 -11.11 -1.16 5.80
N VAL A 5 -9.97 -1.04 6.41
CA VAL A 5 -8.71 -1.47 5.74
C VAL A 5 -8.61 -3.00 5.71
N ASN A 6 -9.00 -3.65 6.77
CA ASN A 6 -8.91 -5.14 6.78
C ASN A 6 -9.64 -5.69 5.55
N SER A 7 -10.73 -5.08 5.19
CA SER A 7 -11.49 -5.57 4.00
C SER A 7 -10.75 -5.15 2.73
N LYS A 8 -9.76 -4.30 2.86
CA LYS A 8 -9.00 -3.85 1.66
C LYS A 8 -7.72 -4.68 1.52
N ILE A 9 -6.94 -4.79 2.56
CA ILE A 9 -5.69 -5.61 2.46
C ILE A 9 -6.03 -7.09 2.58
N GLN A 10 -5.48 -7.89 1.71
CA GLN A 10 -5.73 -9.35 1.74
C GLN A 10 -4.44 -10.07 1.34
N PRO A 11 -4.26 -11.28 1.80
CA PRO A 11 -3.05 -12.06 1.47
C PRO A 11 -2.94 -12.16 -0.05
N GLY A 12 -1.80 -11.83 -0.59
CA GLY A 12 -1.63 -11.91 -2.06
C GLY A 12 -2.39 -10.75 -2.71
N LYS A 13 -2.63 -9.71 -1.98
CA LYS A 13 -3.36 -8.53 -2.56
C LYS A 13 -2.57 -7.26 -2.25
N VAL A 14 -2.31 -6.47 -3.26
CA VAL A 14 -1.54 -5.21 -3.03
C VAL A 14 -2.50 -4.04 -2.98
N VAL A 15 -2.39 -3.23 -1.97
CA VAL A 15 -3.30 -2.05 -1.83
C VAL A 15 -2.47 -0.86 -1.33
N VAL A 16 -2.76 0.31 -1.81
CA VAL A 16 -1.96 1.50 -1.41
C VAL A 16 -2.87 2.60 -0.83
N PHE A 17 -2.61 3.02 0.37
CA PHE A 17 -3.42 4.11 0.98
C PHE A 17 -2.74 5.43 0.64
N ILE A 18 -3.42 6.29 -0.09
CA ILE A 18 -2.78 7.59 -0.51
C ILE A 18 -3.69 8.77 -0.20
N LYS A 19 -3.28 9.91 -0.67
CA LYS A 19 -4.04 11.16 -0.49
C LYS A 19 -3.71 12.03 -1.71
N PRO A 20 -4.43 11.83 -2.80
CA PRO A 20 -4.15 12.57 -4.04
C PRO A 20 -3.95 14.06 -3.76
N THR A 21 -2.76 14.40 -3.34
CA THR A 21 -2.43 15.81 -3.03
C THR A 21 -0.94 15.90 -2.74
N CYS A 22 -0.39 14.89 -2.12
CA CYS A 22 1.06 14.88 -1.79
C CYS A 22 1.82 14.07 -2.87
N PRO A 23 2.85 14.65 -3.47
CA PRO A 23 3.63 13.97 -4.53
C PRO A 23 4.18 12.61 -4.09
N TYR A 24 4.34 12.36 -2.82
CA TYR A 24 4.89 11.03 -2.41
C TYR A 24 3.87 9.95 -2.73
N SER A 25 2.62 10.20 -2.45
CA SER A 25 1.59 9.19 -2.76
C SER A 25 1.63 8.93 -4.26
N ARG A 26 1.86 9.96 -5.03
CA ARG A 26 1.92 9.79 -6.50
C ARG A 26 3.08 8.85 -6.86
N ARG A 27 4.21 9.00 -6.20
CA ARG A 27 5.37 8.11 -6.50
C ARG A 27 4.93 6.65 -6.39
N ALA A 28 4.29 6.29 -5.31
CA ALA A 28 3.85 4.88 -5.16
C ALA A 28 2.93 4.51 -6.32
N GLN A 29 2.11 5.44 -6.75
CA GLN A 29 1.20 5.16 -7.88
C GLN A 29 1.99 5.07 -9.18
N GLU A 30 2.93 5.95 -9.36
CA GLU A 30 3.74 5.96 -10.62
C GLU A 30 4.70 4.75 -10.65
N ILE A 31 5.23 4.36 -9.54
CA ILE A 31 6.19 3.21 -9.53
C ILE A 31 5.44 1.87 -9.62
N LEU A 32 4.54 1.58 -8.71
CA LEU A 32 3.82 0.28 -8.79
C LEU A 32 3.09 0.17 -10.12
N SER A 33 2.78 1.27 -10.74
CA SER A 33 2.08 1.18 -12.06
C SER A 33 3.01 0.47 -13.05
N GLN A 34 4.28 0.43 -12.75
CA GLN A 34 5.26 -0.24 -13.66
C GLN A 34 5.45 -1.69 -13.23
N LEU A 35 4.86 -2.10 -12.14
CA LEU A 35 5.02 -3.51 -11.68
C LEU A 35 3.94 -4.38 -12.34
N PRO A 36 4.33 -5.49 -12.94
CA PRO A 36 3.37 -6.40 -13.60
C PRO A 36 2.51 -7.09 -12.54
N ILE A 37 1.67 -6.36 -11.88
CA ILE A 37 0.80 -6.96 -10.84
C ILE A 37 -0.39 -7.64 -11.50
N LYS A 38 -0.81 -8.76 -10.98
CA LYS A 38 -1.97 -9.47 -11.60
C LYS A 38 -3.19 -8.55 -11.63
N GLN A 39 -4.09 -8.82 -12.52
CA GLN A 39 -5.32 -7.99 -12.66
C GLN A 39 -6.13 -7.95 -11.36
N GLY A 40 -6.69 -6.81 -11.03
CA GLY A 40 -7.55 -6.70 -9.82
C GLY A 40 -6.73 -6.89 -8.53
N LEU A 41 -5.43 -6.93 -8.61
CA LEU A 41 -4.63 -7.13 -7.36
C LEU A 41 -4.07 -5.79 -6.89
N LEU A 42 -3.73 -4.93 -7.80
CA LEU A 42 -3.15 -3.61 -7.43
C LEU A 42 -4.27 -2.57 -7.34
N GLU A 43 -4.26 -1.77 -6.31
CA GLU A 43 -5.32 -0.74 -6.16
C GLU A 43 -4.72 0.53 -5.53
N PHE A 44 -5.50 1.56 -5.42
CA PHE A 44 -5.02 2.83 -4.80
C PHE A 44 -6.15 3.34 -3.90
N VAL A 45 -5.97 3.27 -2.61
CA VAL A 45 -7.06 3.69 -1.67
C VAL A 45 -6.88 5.14 -1.21
N ASP A 46 -7.70 6.02 -1.71
CA ASP A 46 -7.63 7.45 -1.31
C ASP A 46 -8.42 7.65 -0.01
N ILE A 47 -7.75 7.68 1.10
CA ILE A 47 -8.46 7.85 2.41
C ILE A 47 -9.10 9.23 2.49
N THR A 48 -8.80 10.11 1.57
CA THR A 48 -9.40 11.46 1.60
C THR A 48 -10.60 11.46 0.67
N ALA A 49 -11.34 10.39 0.71
CA ALA A 49 -12.54 10.31 -0.16
C ALA A 49 -13.60 9.40 0.45
N THR A 50 -13.39 9.00 1.67
CA THR A 50 -14.40 8.18 2.39
C THR A 50 -14.64 8.90 3.71
N ASN A 51 -13.89 9.95 3.91
CA ASN A 51 -14.01 10.78 5.13
C ASN A 51 -13.44 10.02 6.33
N HIS A 52 -13.56 10.57 7.50
CA HIS A 52 -12.98 9.91 8.70
C HIS A 52 -11.51 9.64 8.40
N THR A 53 -10.99 10.35 7.42
CA THR A 53 -9.56 10.21 7.01
C THR A 53 -8.70 9.83 8.20
N ASN A 54 -8.71 10.59 9.26
CA ASN A 54 -7.87 10.28 10.45
C ASN A 54 -8.21 8.91 11.04
N GLU A 55 -9.43 8.48 10.97
CA GLU A 55 -9.76 7.15 11.55
C GLU A 55 -8.94 6.08 10.85
N ILE A 56 -8.90 6.09 9.54
CA ILE A 56 -8.09 5.06 8.82
C ILE A 56 -6.62 5.21 9.18
N GLN A 57 -6.05 6.37 9.00
CA GLN A 57 -4.61 6.54 9.35
C GLN A 57 -4.42 6.19 10.81
N ASP A 58 -5.34 6.61 11.63
CA ASP A 58 -5.23 6.29 13.08
C ASP A 58 -5.06 4.79 13.22
N TYR A 59 -5.70 4.04 12.36
CA TYR A 59 -5.55 2.56 12.42
C TYR A 59 -4.23 2.16 11.75
N LEU A 60 -3.94 2.74 10.61
CA LEU A 60 -2.65 2.38 9.93
C LEU A 60 -1.54 2.54 10.95
N GLN A 61 -1.66 3.53 11.79
CA GLN A 61 -0.65 3.75 12.85
C GLN A 61 -0.59 2.53 13.76
N GLN A 62 -1.71 2.16 14.33
CA GLN A 62 -1.76 0.98 15.23
C GLN A 62 -1.49 -0.30 14.44
N LEU A 63 -1.98 -0.38 13.24
CA LEU A 63 -1.77 -1.61 12.42
C LEU A 63 -0.27 -1.76 12.10
N THR A 64 0.31 -0.73 11.56
CA THR A 64 1.76 -0.80 11.20
C THR A 64 2.57 0.08 12.14
N GLY A 65 2.37 1.38 12.10
CA GLY A 65 3.15 2.27 13.00
C GLY A 65 3.22 3.68 12.40
N ALA A 66 3.44 3.78 11.13
CA ALA A 66 3.53 5.13 10.48
C ALA A 66 2.19 5.52 9.86
N ARG A 67 1.81 6.75 10.01
CA ARG A 67 0.53 7.24 9.44
C ARG A 67 0.86 8.21 8.29
N THR A 68 1.95 7.98 7.62
CA THR A 68 2.38 8.87 6.52
C THR A 68 1.71 8.48 5.18
N VAL A 69 1.92 9.28 4.16
CA VAL A 69 1.35 8.98 2.81
C VAL A 69 2.52 8.67 1.87
N PRO A 70 2.49 7.58 1.14
CA PRO A 70 1.40 6.58 1.16
C PRO A 70 1.57 5.58 2.33
N ARG A 71 0.82 4.51 2.24
CA ARG A 71 0.88 3.42 3.25
C ARG A 71 0.64 2.12 2.45
N VAL A 72 1.69 1.51 1.97
CA VAL A 72 1.53 0.29 1.12
C VAL A 72 1.37 -0.99 1.94
N PHE A 73 0.78 -2.00 1.35
CA PHE A 73 0.57 -3.29 2.07
C PHE A 73 0.70 -4.48 1.13
N ILE A 74 1.88 -5.03 0.96
CA ILE A 74 1.97 -6.24 0.09
C ILE A 74 1.31 -7.35 0.89
N GLY A 75 0.23 -7.91 0.43
CA GLY A 75 -0.44 -8.93 1.27
C GLY A 75 -0.78 -8.24 2.59
N LYS A 76 -1.00 -8.96 3.65
CA LYS A 76 -1.30 -8.25 4.94
C LYS A 76 0.02 -7.77 5.56
N ASP A 77 1.12 -7.99 4.89
CA ASP A 77 2.44 -7.57 5.43
C ASP A 77 2.75 -6.13 4.98
N SER A 78 2.83 -5.21 5.92
CA SER A 78 3.14 -3.80 5.58
C SER A 78 4.62 -3.65 5.25
N ILE A 79 4.96 -2.83 4.29
CA ILE A 79 6.40 -2.62 3.95
C ILE A 79 6.81 -1.22 4.39
N GLY A 80 5.87 -0.35 4.57
CA GLY A 80 6.20 1.05 5.02
C GLY A 80 5.55 2.07 4.08
N GLY A 81 6.01 3.28 4.10
CA GLY A 81 5.43 4.34 3.22
C GLY A 81 6.10 4.32 1.86
N SER A 82 6.20 5.46 1.23
CA SER A 82 6.84 5.52 -0.12
C SER A 82 8.34 5.27 0.01
N SER A 83 9.03 6.10 0.72
CA SER A 83 10.50 5.94 0.88
C SER A 83 10.80 4.49 1.28
N ASP A 84 9.85 3.84 1.89
CA ASP A 84 10.06 2.43 2.30
C ASP A 84 9.96 1.52 1.08
N LEU A 85 8.92 1.68 0.30
CA LEU A 85 8.74 0.84 -0.91
C LEU A 85 10.00 0.88 -1.78
N VAL A 86 10.37 2.05 -2.21
CA VAL A 86 11.57 2.18 -3.09
C VAL A 86 12.75 1.42 -2.48
N SER A 87 13.08 1.69 -1.26
CA SER A 87 14.23 0.99 -0.63
C SER A 87 14.15 -0.50 -0.96
N LEU A 88 12.97 -1.04 -1.01
CA LEU A 88 12.79 -2.49 -1.31
C LEU A 88 12.86 -2.76 -2.82
N GLN A 89 12.26 -1.94 -3.63
CA GLN A 89 12.28 -2.20 -5.11
C GLN A 89 13.71 -2.29 -5.62
N GLN A 90 14.50 -1.28 -5.43
CA GLN A 90 15.91 -1.32 -5.93
C GLN A 90 16.65 -2.46 -5.25
N SER A 91 16.24 -2.83 -4.07
CA SER A 91 16.93 -3.94 -3.36
C SER A 91 16.44 -5.29 -3.92
N GLY A 92 15.26 -5.30 -4.48
CA GLY A 92 14.72 -6.56 -5.07
C GLY A 92 13.95 -7.36 -4.01
N GLU A 93 13.99 -6.95 -2.78
CA GLU A 93 13.26 -7.70 -1.73
C GLU A 93 11.76 -7.49 -1.95
N LEU A 94 11.42 -6.38 -2.56
CA LEU A 94 9.99 -6.06 -2.84
C LEU A 94 9.36 -7.13 -3.72
N LEU A 95 9.82 -7.27 -4.93
CA LEU A 95 9.21 -8.27 -5.84
C LEU A 95 9.23 -9.62 -5.14
N THR A 96 10.19 -9.83 -4.29
CA THR A 96 10.23 -11.11 -3.54
C THR A 96 9.01 -11.17 -2.64
N ARG A 97 8.74 -10.11 -1.91
CA ARG A 97 7.55 -10.11 -1.02
C ARG A 97 6.32 -10.39 -1.88
N LEU A 98 6.35 -9.94 -3.10
CA LEU A 98 5.22 -10.19 -4.03
C LEU A 98 5.25 -11.67 -4.43
N LYS A 99 6.42 -12.19 -4.67
CA LYS A 99 6.55 -13.62 -5.11
C LYS A 99 6.09 -14.58 -4.01
N GLN A 100 6.62 -14.46 -2.81
CA GLN A 100 6.22 -15.42 -1.73
C GLN A 100 4.69 -15.53 -1.65
N ILE A 101 3.96 -14.47 -1.91
CA ILE A 101 2.48 -14.58 -1.84
C ILE A 101 1.92 -14.75 -3.26
N GLY A 102 2.72 -14.43 -4.25
CA GLY A 102 2.26 -14.59 -5.66
C GLY A 102 1.42 -13.39 -6.08
N ALA A 103 1.83 -12.21 -5.72
CA ALA A 103 1.06 -10.99 -6.10
C ALA A 103 1.46 -10.55 -7.52
N LEU A 104 2.53 -11.10 -8.04
CA LEU A 104 2.97 -10.72 -9.41
C LEU A 104 2.41 -11.74 -10.41
N GLN A 105 2.62 -11.51 -11.67
CA GLN A 105 2.10 -12.45 -12.71
C GLN A 105 3.04 -13.65 -12.81
N ALA A 1 -12.95 2.51 11.91
CA ALA A 1 -12.33 2.01 10.65
C ALA A 1 -12.13 0.50 10.74
N GLN A 2 -11.17 0.07 11.50
CA GLN A 2 -10.91 -1.40 11.65
C GLN A 2 -11.29 -2.16 10.36
N GLU A 3 -12.53 -2.56 10.23
CA GLU A 3 -12.95 -3.33 9.02
C GLU A 3 -12.62 -2.53 7.75
N PHE A 4 -12.29 -1.29 7.88
CA PHE A 4 -11.97 -0.47 6.68
C PHE A 4 -10.73 -1.01 5.96
N VAL A 5 -9.58 -0.85 6.54
CA VAL A 5 -8.34 -1.33 5.86
C VAL A 5 -8.24 -2.85 5.94
N ASN A 6 -8.57 -3.41 7.07
CA ASN A 6 -8.47 -4.90 7.21
C ASN A 6 -9.28 -5.56 6.09
N SER A 7 -10.39 -4.98 5.71
CA SER A 7 -11.22 -5.59 4.63
C SER A 7 -10.55 -5.33 3.28
N LYS A 8 -9.58 -4.46 3.24
CA LYS A 8 -8.90 -4.15 1.96
C LYS A 8 -7.60 -4.96 1.82
N ILE A 9 -6.76 -4.95 2.82
CA ILE A 9 -5.49 -5.73 2.73
C ILE A 9 -5.76 -7.20 2.98
N GLN A 10 -5.34 -8.04 2.08
CA GLN A 10 -5.55 -9.50 2.23
C GLN A 10 -4.36 -10.24 1.57
N PRO A 11 -4.12 -11.46 1.99
CA PRO A 11 -3.01 -12.25 1.45
C PRO A 11 -3.09 -12.37 -0.07
N GLY A 12 -2.01 -12.09 -0.75
CA GLY A 12 -2.00 -12.20 -2.23
C GLY A 12 -2.65 -10.97 -2.88
N LYS A 13 -2.67 -9.86 -2.21
CA LYS A 13 -3.30 -8.65 -2.82
C LYS A 13 -2.50 -7.40 -2.43
N VAL A 14 -2.23 -6.52 -3.37
CA VAL A 14 -1.48 -5.28 -3.04
C VAL A 14 -2.45 -4.11 -2.95
N VAL A 15 -2.29 -3.26 -1.98
CA VAL A 15 -3.21 -2.09 -1.84
C VAL A 15 -2.39 -0.90 -1.34
N VAL A 16 -2.71 0.29 -1.80
CA VAL A 16 -1.94 1.49 -1.37
C VAL A 16 -2.90 2.56 -0.80
N PHE A 17 -2.69 2.94 0.44
CA PHE A 17 -3.54 3.99 1.05
C PHE A 17 -2.89 5.33 0.76
N ILE A 18 -3.59 6.25 0.13
CA ILE A 18 -2.97 7.55 -0.20
C ILE A 18 -3.88 8.72 0.15
N LYS A 19 -3.47 9.88 -0.26
CA LYS A 19 -4.25 11.12 -0.02
C LYS A 19 -4.05 12.01 -1.25
N PRO A 20 -4.98 11.95 -2.18
CA PRO A 20 -4.87 12.73 -3.43
C PRO A 20 -4.57 14.19 -3.14
N THR A 21 -3.35 14.47 -2.76
CA THR A 21 -2.95 15.86 -2.45
C THR A 21 -1.42 15.90 -2.28
N CYS A 22 -0.84 14.84 -1.78
CA CYS A 22 0.64 14.83 -1.58
C CYS A 22 1.32 14.11 -2.77
N PRO A 23 2.28 14.77 -3.39
CA PRO A 23 3.01 14.20 -4.56
C PRO A 23 3.72 12.88 -4.21
N TYR A 24 3.84 12.53 -2.97
CA TYR A 24 4.55 11.26 -2.63
C TYR A 24 3.69 10.07 -3.00
N SER A 25 2.43 10.11 -2.69
CA SER A 25 1.54 8.97 -3.06
C SER A 25 1.49 8.88 -4.59
N ARG A 26 1.49 10.00 -5.25
CA ARG A 26 1.49 9.96 -6.74
C ARG A 26 2.72 9.16 -7.15
N ARG A 27 3.76 9.30 -6.39
CA ARG A 27 5.03 8.57 -6.67
C ARG A 27 4.77 7.06 -6.68
N ALA A 28 4.30 6.53 -5.57
CA ALA A 28 4.02 5.07 -5.50
C ALA A 28 3.05 4.67 -6.61
N GLN A 29 2.18 5.57 -6.99
CA GLN A 29 1.22 5.25 -8.07
C GLN A 29 1.98 5.12 -9.40
N GLU A 30 3.02 5.88 -9.55
CA GLU A 30 3.83 5.83 -10.81
C GLU A 30 4.63 4.52 -10.90
N ILE A 31 5.19 4.07 -9.82
CA ILE A 31 6.01 2.81 -9.87
C ILE A 31 5.11 1.58 -9.91
N LEU A 32 4.29 1.37 -8.91
CA LEU A 32 3.43 0.17 -8.90
C LEU A 32 2.56 0.13 -10.17
N SER A 33 2.35 1.25 -10.79
CA SER A 33 1.53 1.24 -12.04
C SER A 33 2.28 0.48 -13.13
N GLN A 34 3.58 0.56 -13.13
CA GLN A 34 4.38 -0.15 -14.18
C GLN A 34 4.85 -1.52 -13.67
N LEU A 35 4.37 -1.98 -12.55
CA LEU A 35 4.81 -3.32 -12.05
C LEU A 35 3.86 -4.40 -12.61
N PRO A 36 4.42 -5.49 -13.11
CA PRO A 36 3.61 -6.59 -13.67
C PRO A 36 2.77 -7.24 -12.58
N ILE A 37 1.86 -6.50 -12.01
CA ILE A 37 0.98 -7.07 -10.95
C ILE A 37 -0.20 -7.78 -11.60
N LYS A 38 -0.64 -8.86 -11.03
CA LYS A 38 -1.78 -9.60 -11.63
C LYS A 38 -2.98 -8.67 -11.80
N GLN A 39 -3.82 -8.96 -12.75
CA GLN A 39 -5.01 -8.11 -13.01
C GLN A 39 -5.88 -7.95 -11.76
N GLY A 40 -6.37 -6.76 -11.52
CA GLY A 40 -7.26 -6.53 -10.35
C GLY A 40 -6.56 -6.79 -9.02
N LEU A 41 -5.26 -6.90 -9.02
CA LEU A 41 -4.55 -7.16 -7.73
C LEU A 41 -3.92 -5.86 -7.21
N LEU A 42 -3.70 -4.92 -8.08
CA LEU A 42 -3.09 -3.63 -7.64
C LEU A 42 -4.18 -2.56 -7.54
N GLU A 43 -4.27 -1.89 -6.42
CA GLU A 43 -5.31 -0.84 -6.27
C GLU A 43 -4.75 0.33 -5.47
N PHE A 44 -5.42 1.46 -5.51
CA PHE A 44 -4.98 2.65 -4.75
C PHE A 44 -6.16 3.11 -3.90
N VAL A 45 -6.04 3.03 -2.60
CA VAL A 45 -7.17 3.40 -1.70
C VAL A 45 -7.06 4.85 -1.22
N ASP A 46 -7.81 5.74 -1.80
CA ASP A 46 -7.78 7.15 -1.35
C ASP A 46 -8.65 7.26 -0.10
N ILE A 47 -8.05 7.33 1.06
CA ILE A 47 -8.84 7.38 2.32
C ILE A 47 -9.73 8.64 2.37
N THR A 48 -9.68 9.47 1.38
CA THR A 48 -10.54 10.69 1.40
C THR A 48 -11.85 10.38 0.68
N ALA A 49 -11.90 9.30 -0.06
CA ALA A 49 -13.15 8.95 -0.78
C ALA A 49 -14.16 8.35 0.19
N THR A 50 -13.87 8.38 1.47
CA THR A 50 -14.82 7.82 2.47
C THR A 50 -14.80 8.65 3.74
N ASN A 51 -14.00 9.68 3.79
CA ASN A 51 -13.95 10.52 5.01
C ASN A 51 -13.31 9.71 6.13
N HIS A 52 -13.52 10.08 7.37
CA HIS A 52 -12.92 9.30 8.49
C HIS A 52 -11.40 9.24 8.26
N THR A 53 -10.89 10.09 7.43
CA THR A 53 -9.42 10.09 7.14
C THR A 53 -8.63 9.89 8.44
N ASN A 54 -8.79 10.77 9.39
CA ASN A 54 -8.02 10.63 10.66
C ASN A 54 -8.20 9.24 11.27
N GLU A 55 -9.37 8.67 11.17
CA GLU A 55 -9.59 7.31 11.75
C GLU A 55 -8.72 6.28 11.03
N ILE A 56 -8.68 6.30 9.73
CA ILE A 56 -7.86 5.30 9.00
C ILE A 56 -6.38 5.54 9.31
N GLN A 57 -5.86 6.71 9.08
CA GLN A 57 -4.42 6.95 9.37
C GLN A 57 -4.20 6.61 10.83
N ASP A 58 -5.08 7.03 11.67
CA ASP A 58 -4.93 6.70 13.11
C ASP A 58 -4.83 5.18 13.22
N TYR A 59 -5.53 4.49 12.36
CA TYR A 59 -5.46 3.01 12.38
C TYR A 59 -4.16 2.57 11.71
N LEU A 60 -3.82 3.14 10.58
CA LEU A 60 -2.54 2.75 9.92
C LEU A 60 -1.42 2.91 10.93
N GLN A 61 -1.52 3.91 11.76
CA GLN A 61 -0.50 4.14 12.80
C GLN A 61 -0.45 2.93 13.72
N GLN A 62 -1.55 2.59 14.33
CA GLN A 62 -1.57 1.42 15.26
C GLN A 62 -1.32 0.12 14.48
N LEU A 63 -1.78 0.05 13.26
CA LEU A 63 -1.56 -1.19 12.46
C LEU A 63 -0.07 -1.38 12.18
N THR A 64 0.56 -0.38 11.65
CA THR A 64 2.02 -0.48 11.34
C THR A 64 2.81 0.41 12.29
N GLY A 65 2.57 1.70 12.26
CA GLY A 65 3.32 2.62 13.18
C GLY A 65 3.43 3.99 12.53
N ALA A 66 3.63 4.05 11.23
CA ALA A 66 3.76 5.37 10.55
C ALA A 66 2.46 5.74 9.84
N ARG A 67 1.98 6.94 10.06
CA ARG A 67 0.74 7.41 9.41
C ARG A 67 1.12 8.26 8.20
N THR A 68 2.17 7.86 7.51
CA THR A 68 2.66 8.65 6.34
C THR A 68 1.88 8.29 5.07
N VAL A 69 2.07 9.09 4.04
CA VAL A 69 1.41 8.85 2.72
C VAL A 69 2.53 8.67 1.67
N PRO A 70 2.49 7.62 0.88
CA PRO A 70 1.43 6.59 0.89
C PRO A 70 1.59 5.63 2.08
N ARG A 71 0.87 4.54 2.00
CA ARG A 71 0.92 3.49 3.05
C ARG A 71 0.66 2.17 2.31
N VAL A 72 1.70 1.54 1.84
CA VAL A 72 1.53 0.29 1.04
C VAL A 72 1.42 -0.94 1.93
N PHE A 73 0.78 -1.98 1.41
CA PHE A 73 0.61 -3.23 2.20
C PHE A 73 0.67 -4.45 1.28
N ILE A 74 1.82 -5.04 1.06
CA ILE A 74 1.84 -6.26 0.20
C ILE A 74 1.21 -7.36 1.04
N GLY A 75 0.06 -7.84 0.68
CA GLY A 75 -0.59 -8.87 1.54
C GLY A 75 -0.87 -8.19 2.88
N LYS A 76 -0.91 -8.93 3.95
CA LYS A 76 -1.16 -8.27 5.27
C LYS A 76 0.17 -7.74 5.82
N ASP A 77 1.25 -7.94 5.10
CA ASP A 77 2.58 -7.45 5.58
C ASP A 77 2.84 -6.02 5.11
N SER A 78 2.95 -5.09 6.02
CA SER A 78 3.22 -3.68 5.63
C SER A 78 4.68 -3.55 5.19
N ILE A 79 4.97 -2.62 4.31
CA ILE A 79 6.39 -2.44 3.85
C ILE A 79 6.88 -1.04 4.24
N GLY A 80 5.98 -0.10 4.36
CA GLY A 80 6.39 1.29 4.74
C GLY A 80 5.63 2.31 3.89
N GLY A 81 6.26 3.41 3.56
CA GLY A 81 5.58 4.46 2.74
C GLY A 81 6.16 4.48 1.33
N SER A 82 6.27 5.64 0.75
CA SER A 82 6.81 5.73 -0.63
C SER A 82 8.31 5.44 -0.63
N SER A 83 9.08 6.25 0.05
CA SER A 83 10.55 6.03 0.09
C SER A 83 10.84 4.60 0.54
N ASP A 84 9.94 4.00 1.27
CA ASP A 84 10.16 2.60 1.71
C ASP A 84 9.96 1.65 0.53
N LEU A 85 8.90 1.83 -0.20
CA LEU A 85 8.63 0.96 -1.38
C LEU A 85 9.84 0.94 -2.31
N VAL A 86 10.21 2.10 -2.81
CA VAL A 86 11.36 2.16 -3.77
C VAL A 86 12.59 1.44 -3.18
N SER A 87 12.94 1.72 -1.96
CA SER A 87 14.12 1.04 -1.38
C SER A 87 14.00 -0.47 -1.60
N LEU A 88 12.84 -1.02 -1.39
CA LEU A 88 12.63 -2.49 -1.57
C LEU A 88 12.60 -2.87 -3.05
N GLN A 89 12.03 -2.03 -3.89
CA GLN A 89 11.95 -2.38 -5.34
C GLN A 89 13.34 -2.60 -5.92
N GLN A 90 14.18 -1.60 -5.90
CA GLN A 90 15.53 -1.75 -6.47
C GLN A 90 16.31 -2.82 -5.70
N SER A 91 15.89 -3.12 -4.51
CA SER A 91 16.60 -4.15 -3.71
C SER A 91 16.13 -5.55 -4.13
N GLY A 92 14.95 -5.63 -4.69
CA GLY A 92 14.43 -6.96 -5.13
C GLY A 92 13.64 -7.63 -4.01
N GLU A 93 13.74 -7.13 -2.82
CA GLU A 93 12.98 -7.74 -1.69
C GLU A 93 11.49 -7.48 -1.91
N LEU A 94 11.16 -6.42 -2.58
CA LEU A 94 9.74 -6.09 -2.85
C LEU A 94 9.08 -7.22 -3.63
N LEU A 95 9.52 -7.44 -4.84
CA LEU A 95 8.91 -8.50 -5.67
C LEU A 95 8.92 -9.81 -4.88
N THR A 96 9.89 -9.96 -4.04
CA THR A 96 9.96 -11.21 -3.22
C THR A 96 8.72 -11.26 -2.32
N ARG A 97 8.41 -10.18 -1.66
CA ARG A 97 7.22 -10.17 -0.79
C ARG A 97 5.99 -10.49 -1.65
N LEU A 98 5.97 -10.00 -2.84
CA LEU A 98 4.84 -10.28 -3.76
C LEU A 98 4.94 -11.74 -4.22
N LYS A 99 6.15 -12.21 -4.38
CA LYS A 99 6.37 -13.62 -4.85
C LYS A 99 5.86 -14.64 -3.83
N GLN A 100 6.34 -14.61 -2.61
CA GLN A 100 5.90 -15.61 -1.59
C GLN A 100 4.37 -15.75 -1.60
N ILE A 101 3.65 -14.68 -1.83
CA ILE A 101 2.16 -14.78 -1.85
C ILE A 101 1.67 -14.86 -3.29
N GLY A 102 2.53 -14.59 -4.23
CA GLY A 102 2.12 -14.67 -5.66
C GLY A 102 1.30 -13.44 -6.04
N ALA A 103 1.71 -12.28 -5.59
CA ALA A 103 0.94 -11.05 -5.93
C ALA A 103 1.40 -10.54 -7.30
N LEU A 104 2.50 -11.06 -7.78
CA LEU A 104 3.00 -10.62 -9.13
C LEU A 104 2.55 -11.64 -10.17
N GLN A 105 3.00 -11.51 -11.40
CA GLN A 105 2.58 -12.48 -12.45
C GLN A 105 3.38 -13.77 -12.30
N ALA A 1 -12.19 2.69 12.32
CA ALA A 1 -11.70 2.27 10.96
C ALA A 1 -11.07 0.88 11.07
N GLN A 2 -11.77 -0.06 11.63
CA GLN A 2 -11.20 -1.44 11.75
C GLN A 2 -11.45 -2.19 10.45
N GLU A 3 -12.67 -2.59 10.20
CA GLU A 3 -12.98 -3.33 8.94
C GLU A 3 -12.63 -2.44 7.73
N PHE A 4 -12.28 -1.22 7.97
CA PHE A 4 -11.96 -0.30 6.84
C PHE A 4 -10.77 -0.84 6.03
N VAL A 5 -9.59 -0.75 6.55
CA VAL A 5 -8.40 -1.23 5.80
C VAL A 5 -8.37 -2.75 5.78
N ASN A 6 -8.74 -3.38 6.87
CA ASN A 6 -8.72 -4.86 6.91
C ASN A 6 -9.58 -5.41 5.77
N SER A 7 -10.65 -4.74 5.44
CA SER A 7 -11.52 -5.24 4.34
C SER A 7 -10.85 -4.96 2.99
N LYS A 8 -9.83 -4.15 2.96
CA LYS A 8 -9.17 -3.84 1.66
C LYS A 8 -7.92 -4.70 1.47
N ILE A 9 -7.14 -4.92 2.50
CA ILE A 9 -5.92 -5.76 2.33
C ILE A 9 -6.29 -7.24 2.34
N GLN A 10 -5.65 -8.00 1.50
CA GLN A 10 -5.92 -9.45 1.41
C GLN A 10 -4.62 -10.16 0.97
N PRO A 11 -4.30 -11.28 1.57
CA PRO A 11 -3.08 -12.01 1.21
C PRO A 11 -3.05 -12.26 -0.30
N GLY A 12 -1.95 -12.00 -0.94
CA GLY A 12 -1.86 -12.21 -2.41
C GLY A 12 -2.52 -11.02 -3.11
N LYS A 13 -2.68 -9.93 -2.42
CA LYS A 13 -3.31 -8.73 -3.05
C LYS A 13 -2.55 -7.47 -2.64
N VAL A 14 -2.27 -6.59 -3.56
CA VAL A 14 -1.54 -5.35 -3.22
C VAL A 14 -2.51 -4.18 -3.13
N VAL A 15 -2.38 -3.39 -2.10
CA VAL A 15 -3.30 -2.21 -1.94
C VAL A 15 -2.48 -1.05 -1.37
N VAL A 16 -2.74 0.15 -1.84
CA VAL A 16 -1.97 1.32 -1.36
C VAL A 16 -2.88 2.41 -0.80
N PHE A 17 -2.62 2.86 0.39
CA PHE A 17 -3.44 3.95 1.00
C PHE A 17 -2.77 5.28 0.69
N ILE A 18 -3.44 6.18 0.03
CA ILE A 18 -2.81 7.48 -0.34
C ILE A 18 -3.72 8.65 0.02
N LYS A 19 -3.29 9.81 -0.37
CA LYS A 19 -4.06 11.06 -0.12
C LYS A 19 -3.79 11.96 -1.33
N PRO A 20 -4.64 11.86 -2.33
CA PRO A 20 -4.45 12.64 -3.57
C PRO A 20 -4.14 14.10 -3.24
N THR A 21 -2.90 14.38 -2.96
CA THR A 21 -2.49 15.77 -2.63
C THR A 21 -0.97 15.79 -2.42
N CYS A 22 -0.44 14.74 -1.87
CA CYS A 22 1.03 14.68 -1.63
C CYS A 22 1.71 13.87 -2.76
N PRO A 23 2.71 14.47 -3.40
CA PRO A 23 3.44 13.80 -4.51
C PRO A 23 4.09 12.48 -4.08
N TYR A 24 4.29 12.26 -2.80
CA TYR A 24 4.93 10.97 -2.36
C TYR A 24 3.97 9.81 -2.61
N SER A 25 2.72 9.99 -2.30
CA SER A 25 1.74 8.89 -2.53
C SER A 25 1.64 8.67 -4.04
N ARG A 26 1.74 9.73 -4.78
CA ARG A 26 1.68 9.61 -6.26
C ARG A 26 2.84 8.73 -6.74
N ARG A 27 4.00 8.93 -6.19
CA ARG A 27 5.17 8.10 -6.62
C ARG A 27 4.79 6.63 -6.46
N ALA A 28 4.18 6.27 -5.36
CA ALA A 28 3.79 4.86 -5.17
C ALA A 28 2.82 4.45 -6.28
N GLN A 29 1.96 5.35 -6.68
CA GLN A 29 0.99 5.05 -7.76
C GLN A 29 1.73 4.93 -9.09
N GLU A 30 2.64 5.83 -9.33
CA GLU A 30 3.40 5.82 -10.61
C GLU A 30 4.39 4.66 -10.65
N ILE A 31 5.00 4.33 -9.54
CA ILE A 31 6.00 3.21 -9.55
C ILE A 31 5.28 1.86 -9.63
N LEU A 32 4.39 1.57 -8.72
CA LEU A 32 3.68 0.26 -8.78
C LEU A 32 2.93 0.16 -10.10
N SER A 33 2.66 1.28 -10.72
CA SER A 33 1.94 1.25 -12.02
C SER A 33 2.83 0.56 -13.05
N GLN A 34 4.11 0.58 -12.83
CA GLN A 34 5.05 -0.06 -13.79
C GLN A 34 5.34 -1.50 -13.37
N LEU A 35 4.75 -1.97 -12.29
CA LEU A 35 5.01 -3.36 -11.86
C LEU A 35 3.99 -4.28 -12.55
N PRO A 36 4.47 -5.34 -13.18
CA PRO A 36 3.59 -6.29 -13.88
C PRO A 36 2.75 -7.05 -12.86
N ILE A 37 1.83 -6.36 -12.24
CA ILE A 37 0.96 -7.02 -11.22
C ILE A 37 -0.16 -7.78 -11.94
N LYS A 38 -0.67 -8.81 -11.31
CA LYS A 38 -1.75 -9.61 -11.96
C LYS A 38 -2.92 -8.68 -12.35
N GLN A 39 -4.04 -9.26 -12.63
CA GLN A 39 -5.23 -8.45 -13.03
C GLN A 39 -5.53 -7.36 -12.00
N GLY A 40 -6.77 -7.23 -11.60
CA GLY A 40 -7.14 -6.18 -10.62
C GLY A 40 -6.56 -6.51 -9.24
N LEU A 41 -5.28 -6.72 -9.18
CA LEU A 41 -4.63 -7.04 -7.88
C LEU A 41 -4.01 -5.78 -7.29
N LEU A 42 -3.65 -4.85 -8.14
CA LEU A 42 -3.04 -3.60 -7.65
C LEU A 42 -4.12 -2.52 -7.56
N GLU A 43 -4.19 -1.83 -6.46
CA GLU A 43 -5.23 -0.79 -6.31
C GLU A 43 -4.65 0.43 -5.58
N PHE A 44 -5.42 1.48 -5.51
CA PHE A 44 -4.97 2.71 -4.81
C PHE A 44 -6.12 3.20 -3.93
N VAL A 45 -5.97 3.12 -2.64
CA VAL A 45 -7.07 3.52 -1.72
C VAL A 45 -6.92 4.95 -1.22
N ASP A 46 -7.70 5.86 -1.73
CA ASP A 46 -7.65 7.27 -1.27
C ASP A 46 -8.48 7.40 0.01
N ILE A 47 -7.85 7.43 1.15
CA ILE A 47 -8.60 7.53 2.44
C ILE A 47 -9.42 8.82 2.51
N THR A 48 -9.35 9.66 1.51
CA THR A 48 -10.13 10.93 1.55
C THR A 48 -11.47 10.72 0.85
N ALA A 49 -11.58 9.69 0.06
CA ALA A 49 -12.86 9.42 -0.65
C ALA A 49 -13.88 8.81 0.33
N THR A 50 -13.59 8.88 1.60
CA THR A 50 -14.54 8.30 2.61
C THR A 50 -14.60 9.20 3.84
N ASN A 51 -13.64 10.08 3.99
CA ASN A 51 -13.64 11.00 5.16
C ASN A 51 -13.06 10.27 6.37
N HIS A 52 -13.07 10.89 7.52
CA HIS A 52 -12.51 10.22 8.72
C HIS A 52 -11.06 9.84 8.46
N THR A 53 -10.42 10.52 7.56
CA THR A 53 -9.00 10.21 7.24
C THR A 53 -8.20 9.96 8.52
N ASN A 54 -8.27 10.86 9.46
CA ASN A 54 -7.50 10.68 10.73
C ASN A 54 -7.83 9.33 11.36
N GLU A 55 -9.06 8.89 11.24
CA GLU A 55 -9.42 7.57 11.84
C GLU A 55 -8.65 6.45 11.13
N ILE A 56 -8.59 6.48 9.82
CA ILE A 56 -7.86 5.41 9.09
C ILE A 56 -6.36 5.50 9.40
N GLN A 57 -5.76 6.65 9.21
CA GLN A 57 -4.31 6.75 9.52
C GLN A 57 -4.12 6.38 10.98
N ASP A 58 -5.00 6.85 11.82
CA ASP A 58 -4.89 6.49 13.25
C ASP A 58 -4.88 4.97 13.34
N TYR A 59 -5.58 4.33 12.45
CA TYR A 59 -5.61 2.84 12.43
C TYR A 59 -4.31 2.34 11.80
N LEU A 60 -3.90 2.91 10.70
CA LEU A 60 -2.63 2.48 10.05
C LEU A 60 -1.52 2.58 11.10
N GLN A 61 -1.57 3.60 11.89
CA GLN A 61 -0.54 3.78 12.94
C GLN A 61 -0.54 2.57 13.88
N GLN A 62 -1.68 2.17 14.35
CA GLN A 62 -1.75 1.03 15.28
C GLN A 62 -1.34 -0.27 14.56
N LEU A 63 -1.98 -0.59 13.47
CA LEU A 63 -1.63 -1.85 12.74
C LEU A 63 -0.23 -1.81 12.16
N THR A 64 0.21 -0.67 11.70
CA THR A 64 1.58 -0.59 11.10
C THR A 64 2.53 0.12 12.08
N GLY A 65 2.32 1.39 12.28
CA GLY A 65 3.20 2.16 13.20
C GLY A 65 3.37 3.58 12.64
N ALA A 66 3.53 3.69 11.35
CA ALA A 66 3.70 5.04 10.73
C ALA A 66 2.37 5.53 10.18
N ARG A 67 2.12 6.79 10.29
CA ARG A 67 0.85 7.38 9.77
C ARG A 67 1.20 8.25 8.56
N THR A 68 2.28 7.92 7.90
CA THR A 68 2.74 8.72 6.72
C THR A 68 2.03 8.27 5.44
N VAL A 69 2.16 9.06 4.40
CA VAL A 69 1.56 8.71 3.10
C VAL A 69 2.71 8.43 2.12
N PRO A 70 2.64 7.35 1.39
CA PRO A 70 1.54 6.35 1.41
C PRO A 70 1.71 5.35 2.55
N ARG A 71 0.93 4.31 2.48
CA ARG A 71 0.98 3.18 3.45
C ARG A 71 0.70 1.93 2.61
N VAL A 72 1.72 1.31 2.11
CA VAL A 72 1.55 0.14 1.19
C VAL A 72 1.35 -1.17 1.97
N PHE A 73 0.77 -2.15 1.32
CA PHE A 73 0.51 -3.46 1.99
C PHE A 73 0.63 -4.63 1.00
N ILE A 74 1.80 -5.15 0.74
CA ILE A 74 1.86 -6.34 -0.15
C ILE A 74 1.26 -7.47 0.66
N GLY A 75 0.13 -8.00 0.27
CA GLY A 75 -0.48 -9.05 1.12
C GLY A 75 -0.77 -8.37 2.46
N LYS A 76 -0.90 -9.10 3.53
CA LYS A 76 -1.16 -8.43 4.84
C LYS A 76 0.16 -7.93 5.41
N ASP A 77 1.25 -8.13 4.71
CA ASP A 77 2.56 -7.68 5.24
C ASP A 77 2.83 -6.23 4.82
N SER A 78 2.91 -5.33 5.77
CA SER A 78 3.18 -3.90 5.44
C SER A 78 4.65 -3.75 5.03
N ILE A 79 4.92 -3.02 3.98
CA ILE A 79 6.34 -2.82 3.55
C ILE A 79 6.80 -1.42 3.93
N GLY A 80 5.91 -0.59 4.41
CA GLY A 80 6.29 0.79 4.82
C GLY A 80 5.59 1.82 3.92
N GLY A 81 6.16 2.99 3.79
CA GLY A 81 5.55 4.05 2.94
C GLY A 81 6.24 4.12 1.59
N SER A 82 6.41 5.31 1.08
CA SER A 82 7.05 5.46 -0.25
C SER A 82 8.54 5.14 -0.16
N SER A 83 9.28 5.94 0.55
CA SER A 83 10.74 5.70 0.67
C SER A 83 10.98 4.24 1.04
N ASP A 84 10.06 3.64 1.74
CA ASP A 84 10.23 2.21 2.12
C ASP A 84 9.98 1.34 0.89
N LEU A 85 8.92 1.59 0.18
CA LEU A 85 8.62 0.78 -1.05
C LEU A 85 9.81 0.79 -1.99
N VAL A 86 10.24 1.94 -2.41
CA VAL A 86 11.38 2.03 -3.36
C VAL A 86 12.61 1.31 -2.78
N SER A 87 12.96 1.55 -1.56
CA SER A 87 14.15 0.87 -0.99
C SER A 87 14.09 -0.62 -1.34
N LEU A 88 12.92 -1.18 -1.33
CA LEU A 88 12.77 -2.63 -1.66
C LEU A 88 12.81 -2.88 -3.18
N GLN A 89 12.22 -2.02 -3.96
CA GLN A 89 12.19 -2.24 -5.44
C GLN A 89 13.60 -2.30 -6.01
N GLN A 90 14.36 -1.24 -5.87
CA GLN A 90 15.74 -1.25 -6.43
C GLN A 90 16.55 -2.40 -5.83
N SER A 91 16.18 -2.85 -4.67
CA SER A 91 16.92 -3.99 -4.06
C SER A 91 16.44 -5.30 -4.67
N GLY A 92 15.16 -5.57 -4.60
CA GLY A 92 14.61 -6.83 -5.19
C GLY A 92 13.79 -7.57 -4.14
N GLU A 93 13.83 -7.12 -2.92
CA GLU A 93 13.04 -7.79 -1.86
C GLU A 93 11.55 -7.53 -2.10
N LEU A 94 11.25 -6.44 -2.76
CA LEU A 94 9.83 -6.11 -3.06
C LEU A 94 9.18 -7.19 -3.90
N LEU A 95 9.65 -7.38 -5.10
CA LEU A 95 9.04 -8.41 -5.99
C LEU A 95 9.05 -9.74 -5.26
N THR A 96 9.98 -9.91 -4.38
CA THR A 96 10.02 -11.19 -3.61
C THR A 96 8.76 -11.27 -2.74
N ARG A 97 8.44 -10.21 -2.03
CA ARG A 97 7.22 -10.24 -1.19
C ARG A 97 6.02 -10.54 -2.09
N LEU A 98 6.07 -10.06 -3.30
CA LEU A 98 4.96 -10.33 -4.25
C LEU A 98 5.02 -11.79 -4.70
N LYS A 99 6.20 -12.29 -4.94
CA LYS A 99 6.37 -13.69 -5.42
C LYS A 99 5.91 -14.71 -4.36
N GLN A 100 6.40 -14.60 -3.14
CA GLN A 100 6.01 -15.60 -2.11
C GLN A 100 4.48 -15.75 -2.03
N ILE A 101 3.74 -14.70 -2.26
CA ILE A 101 2.25 -14.83 -2.18
C ILE A 101 1.67 -14.96 -3.59
N GLY A 102 2.45 -14.65 -4.59
CA GLY A 102 1.96 -14.75 -6.00
C GLY A 102 1.16 -13.50 -6.38
N ALA A 103 1.65 -12.35 -6.03
CA ALA A 103 0.91 -11.09 -6.39
C ALA A 103 1.32 -10.63 -7.79
N LEU A 104 2.42 -11.12 -8.28
CA LEU A 104 2.88 -10.70 -9.64
C LEU A 104 2.37 -11.69 -10.69
N GLN A 105 2.69 -11.45 -11.93
CA GLN A 105 2.22 -12.36 -13.01
C GLN A 105 3.11 -13.62 -13.05
N ALA A 1 -11.73 2.01 12.42
CA ALA A 1 -11.59 1.75 10.95
C ALA A 1 -10.94 0.38 10.74
N GLN A 2 -11.34 -0.60 11.49
CA GLN A 2 -10.73 -1.95 11.33
C GLN A 2 -11.32 -2.62 10.08
N GLU A 3 -12.62 -2.70 9.97
CA GLU A 3 -13.23 -3.33 8.77
C GLU A 3 -12.88 -2.50 7.53
N PHE A 4 -12.50 -1.27 7.73
CA PHE A 4 -12.15 -0.38 6.58
C PHE A 4 -10.96 -0.95 5.80
N VAL A 5 -9.79 -0.89 6.36
CA VAL A 5 -8.59 -1.40 5.65
C VAL A 5 -8.60 -2.93 5.61
N ASN A 6 -9.04 -3.55 6.66
CA ASN A 6 -9.07 -5.04 6.66
C ASN A 6 -9.88 -5.54 5.47
N SER A 7 -10.95 -4.87 5.13
CA SER A 7 -11.76 -5.31 3.96
C SER A 7 -11.02 -4.97 2.67
N LYS A 8 -9.99 -4.17 2.76
CA LYS A 8 -9.23 -3.78 1.54
C LYS A 8 -7.99 -4.66 1.37
N ILE A 9 -7.24 -4.88 2.42
CA ILE A 9 -6.02 -5.74 2.29
C ILE A 9 -6.43 -7.21 2.26
N GLN A 10 -5.79 -7.96 1.41
CA GLN A 10 -6.12 -9.41 1.29
C GLN A 10 -4.84 -10.16 0.87
N PRO A 11 -4.55 -11.28 1.48
CA PRO A 11 -3.34 -12.05 1.12
C PRO A 11 -3.31 -12.27 -0.40
N GLY A 12 -2.25 -11.88 -1.03
CA GLY A 12 -2.14 -12.05 -2.50
C GLY A 12 -2.75 -10.84 -3.20
N LYS A 13 -2.90 -9.74 -2.51
CA LYS A 13 -3.47 -8.52 -3.13
C LYS A 13 -2.68 -7.30 -2.69
N VAL A 14 -2.37 -6.41 -3.61
CA VAL A 14 -1.60 -5.20 -3.25
C VAL A 14 -2.54 -4.01 -3.13
N VAL A 15 -2.42 -3.24 -2.08
CA VAL A 15 -3.31 -2.06 -1.89
C VAL A 15 -2.48 -0.91 -1.32
N VAL A 16 -2.73 0.29 -1.79
CA VAL A 16 -1.94 1.47 -1.32
C VAL A 16 -2.87 2.52 -0.71
N PHE A 17 -2.59 2.94 0.50
CA PHE A 17 -3.40 4.00 1.14
C PHE A 17 -2.72 5.34 0.87
N ILE A 18 -3.40 6.26 0.22
CA ILE A 18 -2.75 7.56 -0.12
C ILE A 18 -3.64 8.75 0.23
N LYS A 19 -3.17 9.90 -0.15
CA LYS A 19 -3.92 11.17 0.07
C LYS A 19 -3.69 12.01 -1.20
N PRO A 20 -4.59 11.94 -2.15
CA PRO A 20 -4.42 12.67 -3.41
C PRO A 20 -4.06 14.13 -3.16
N THR A 21 -2.82 14.37 -2.80
CA THR A 21 -2.37 15.77 -2.53
C THR A 21 -0.85 15.77 -2.33
N CYS A 22 -0.32 14.73 -1.74
CA CYS A 22 1.16 14.69 -1.49
C CYS A 22 1.87 13.87 -2.61
N PRO A 23 2.86 14.47 -3.27
CA PRO A 23 3.61 13.80 -4.36
C PRO A 23 4.25 12.47 -3.90
N TYR A 24 4.43 12.25 -2.63
CA TYR A 24 5.05 10.96 -2.20
C TYR A 24 4.09 9.82 -2.51
N SER A 25 2.85 9.97 -2.16
CA SER A 25 1.87 8.90 -2.47
C SER A 25 1.79 8.77 -3.98
N ARG A 26 1.89 9.87 -4.67
CA ARG A 26 1.85 9.83 -6.15
C ARG A 26 3.02 8.98 -6.64
N ARG A 27 4.16 9.13 -6.02
CA ARG A 27 5.34 8.31 -6.43
C ARG A 27 4.97 6.84 -6.35
N ALA A 28 4.37 6.42 -5.26
CA ALA A 28 3.99 5.00 -5.13
C ALA A 28 3.04 4.63 -6.26
N GLN A 29 2.18 5.54 -6.64
CA GLN A 29 1.22 5.26 -7.75
C GLN A 29 1.97 5.18 -9.07
N GLU A 30 2.92 6.04 -9.27
CA GLU A 30 3.68 6.06 -10.55
C GLU A 30 4.59 4.84 -10.66
N ILE A 31 5.22 4.42 -9.59
CA ILE A 31 6.14 3.25 -9.68
C ILE A 31 5.35 1.93 -9.74
N LEU A 32 4.50 1.67 -8.78
CA LEU A 32 3.72 0.39 -8.81
C LEU A 32 2.95 0.31 -10.13
N SER A 33 2.62 1.43 -10.72
CA SER A 33 1.87 1.38 -12.00
C SER A 33 2.74 0.72 -13.07
N GLN A 34 4.04 0.81 -12.92
CA GLN A 34 4.94 0.19 -13.93
C GLN A 34 5.29 -1.25 -13.50
N LEU A 35 4.79 -1.71 -12.39
CA LEU A 35 5.11 -3.10 -11.96
C LEU A 35 4.09 -4.06 -12.61
N PRO A 36 4.56 -5.15 -13.18
CA PRO A 36 3.67 -6.12 -13.84
C PRO A 36 2.78 -6.81 -12.80
N ILE A 37 1.95 -6.05 -12.14
CA ILE A 37 1.05 -6.65 -11.12
C ILE A 37 -0.14 -7.28 -11.84
N LYS A 38 -0.60 -8.41 -11.36
CA LYS A 38 -1.75 -9.08 -12.04
C LYS A 38 -2.93 -8.12 -12.12
N GLN A 39 -3.76 -8.31 -13.09
CA GLN A 39 -4.95 -7.43 -13.29
C GLN A 39 -5.85 -7.42 -12.04
N GLY A 40 -6.39 -6.28 -11.71
CA GLY A 40 -7.31 -6.18 -10.54
C GLY A 40 -6.60 -6.47 -9.22
N LEU A 41 -5.30 -6.59 -9.22
CA LEU A 41 -4.58 -6.89 -7.94
C LEU A 41 -4.00 -5.59 -7.37
N LEU A 42 -3.65 -4.67 -8.21
CA LEU A 42 -3.07 -3.40 -7.73
C LEU A 42 -4.15 -2.33 -7.63
N GLU A 43 -4.23 -1.64 -6.53
CA GLU A 43 -5.27 -0.59 -6.36
C GLU A 43 -4.67 0.60 -5.61
N PHE A 44 -5.41 1.68 -5.53
CA PHE A 44 -4.94 2.89 -4.81
C PHE A 44 -6.09 3.36 -3.92
N VAL A 45 -5.94 3.22 -2.63
CA VAL A 45 -7.04 3.59 -1.70
C VAL A 45 -6.87 5.01 -1.19
N ASP A 46 -7.64 5.93 -1.72
CA ASP A 46 -7.57 7.34 -1.26
C ASP A 46 -8.42 7.47 0.02
N ILE A 47 -7.79 7.47 1.16
CA ILE A 47 -8.57 7.58 2.43
C ILE A 47 -9.34 8.89 2.50
N THR A 48 -9.26 9.70 1.48
CA THR A 48 -10.00 10.99 1.49
C THR A 48 -11.34 10.82 0.77
N ALA A 49 -11.42 9.84 -0.09
CA ALA A 49 -12.69 9.60 -0.83
C ALA A 49 -13.69 8.90 0.10
N THR A 50 -13.36 8.81 1.37
CA THR A 50 -14.27 8.12 2.33
C THR A 50 -14.35 8.95 3.61
N ASN A 51 -13.53 9.96 3.73
CA ASN A 51 -13.56 10.80 4.96
C ASN A 51 -13.00 9.98 6.13
N HIS A 52 -13.22 10.40 7.33
CA HIS A 52 -12.69 9.63 8.50
C HIS A 52 -11.18 9.45 8.30
N THR A 53 -10.58 10.29 7.51
CA THR A 53 -9.12 10.17 7.26
C THR A 53 -8.36 9.83 8.54
N ASN A 54 -8.46 10.65 9.54
CA ASN A 54 -7.72 10.37 10.81
C ASN A 54 -8.05 8.98 11.35
N GLU A 55 -9.25 8.51 11.18
CA GLU A 55 -9.60 7.16 11.72
C GLU A 55 -8.77 6.10 11.00
N ILE A 56 -8.66 6.16 9.71
CA ILE A 56 -7.86 5.14 8.98
C ILE A 56 -6.38 5.29 9.37
N GLN A 57 -5.82 6.46 9.24
CA GLN A 57 -4.38 6.62 9.62
C GLN A 57 -4.25 6.18 11.07
N ASP A 58 -5.15 6.60 11.89
CA ASP A 58 -5.11 6.18 13.31
C ASP A 58 -5.04 4.67 13.33
N TYR A 59 -5.67 4.05 12.37
CA TYR A 59 -5.64 2.56 12.29
C TYR A 59 -4.30 2.13 11.69
N LEU A 60 -3.91 2.72 10.59
CA LEU A 60 -2.59 2.33 9.98
C LEU A 60 -1.54 2.42 11.08
N GLN A 61 -1.68 3.40 11.93
CA GLN A 61 -0.72 3.57 13.04
C GLN A 61 -0.78 2.33 13.94
N GLN A 62 -1.94 1.98 14.41
CA GLN A 62 -2.07 0.78 15.29
C GLN A 62 -1.77 -0.49 14.48
N LEU A 63 -2.22 -0.54 13.25
CA LEU A 63 -1.96 -1.74 12.43
C LEU A 63 -0.46 -1.91 12.19
N THR A 64 0.20 -0.83 11.85
CA THR A 64 1.67 -0.90 11.59
C THR A 64 2.41 -0.02 12.60
N GLY A 65 2.31 1.27 12.47
CA GLY A 65 3.01 2.19 13.42
C GLY A 65 3.18 3.56 12.78
N ALA A 66 3.39 3.60 11.49
CA ALA A 66 3.57 4.90 10.79
C ALA A 66 2.24 5.36 10.19
N ARG A 67 1.94 6.63 10.34
CA ARG A 67 0.68 7.19 9.79
C ARG A 67 1.04 8.11 8.61
N THR A 68 2.12 7.82 7.94
CA THR A 68 2.59 8.67 6.81
C THR A 68 1.92 8.28 5.49
N VAL A 69 2.12 9.08 4.48
CA VAL A 69 1.54 8.79 3.14
C VAL A 69 2.71 8.54 2.17
N PRO A 70 2.67 7.49 1.39
CA PRO A 70 1.58 6.50 1.33
C PRO A 70 1.71 5.48 2.45
N ARG A 71 0.98 4.40 2.32
CA ARG A 71 1.04 3.29 3.30
C ARG A 71 0.71 2.03 2.50
N VAL A 72 1.74 1.37 2.03
CA VAL A 72 1.56 0.17 1.15
C VAL A 72 1.37 -1.11 1.95
N PHE A 73 0.75 -2.09 1.34
CA PHE A 73 0.52 -3.40 2.02
C PHE A 73 0.61 -4.56 1.02
N ILE A 74 1.75 -5.16 0.86
CA ILE A 74 1.81 -6.33 -0.07
C ILE A 74 1.09 -7.47 0.65
N GLY A 75 -0.03 -7.90 0.15
CA GLY A 75 -0.76 -8.96 0.90
C GLY A 75 -1.08 -8.40 2.28
N LYS A 76 -1.07 -9.20 3.30
CA LYS A 76 -1.34 -8.66 4.67
C LYS A 76 -0.03 -8.19 5.29
N ASP A 77 1.08 -8.38 4.62
CA ASP A 77 2.39 -7.94 5.18
C ASP A 77 2.68 -6.48 4.82
N SER A 78 2.78 -5.63 5.81
CA SER A 78 3.07 -4.19 5.54
C SER A 78 4.56 -4.02 5.20
N ILE A 79 4.88 -3.13 4.30
CA ILE A 79 6.31 -2.90 3.94
C ILE A 79 6.74 -1.50 4.39
N GLY A 80 5.78 -0.62 4.62
CA GLY A 80 6.13 0.76 5.08
C GLY A 80 5.48 1.79 4.15
N GLY A 81 5.99 2.99 4.14
CA GLY A 81 5.41 4.06 3.27
C GLY A 81 6.12 4.10 1.91
N SER A 82 6.30 5.27 1.37
CA SER A 82 6.96 5.40 0.04
C SER A 82 8.45 5.09 0.16
N SER A 83 9.16 5.88 0.91
CA SER A 83 10.62 5.64 1.07
C SER A 83 10.86 4.18 1.44
N ASP A 84 9.89 3.56 2.04
CA ASP A 84 10.04 2.13 2.42
C ASP A 84 9.90 1.26 1.17
N LEU A 85 8.91 1.53 0.36
CA LEU A 85 8.70 0.72 -0.88
C LEU A 85 9.98 0.73 -1.71
N VAL A 86 10.44 1.89 -2.10
CA VAL A 86 11.67 1.97 -2.95
C VAL A 86 12.82 1.18 -2.33
N SER A 87 13.13 1.42 -1.09
CA SER A 87 14.27 0.68 -0.46
C SER A 87 14.16 -0.80 -0.84
N LEU A 88 12.97 -1.32 -0.85
CA LEU A 88 12.78 -2.75 -1.20
C LEU A 88 12.80 -2.99 -2.72
N GLN A 89 12.19 -2.12 -3.48
CA GLN A 89 12.14 -2.33 -4.97
C GLN A 89 13.56 -2.38 -5.54
N GLN A 90 14.35 -1.36 -5.31
CA GLN A 90 15.74 -1.36 -5.87
C GLN A 90 16.52 -2.53 -5.27
N SER A 91 16.14 -2.97 -4.11
CA SER A 91 16.85 -4.13 -3.49
C SER A 91 16.38 -5.42 -4.16
N GLY A 92 15.13 -5.73 -4.05
CA GLY A 92 14.59 -6.98 -4.68
C GLY A 92 13.74 -7.76 -3.67
N GLU A 93 13.76 -7.37 -2.43
CA GLU A 93 12.95 -8.07 -1.42
C GLU A 93 11.47 -7.80 -1.71
N LEU A 94 11.20 -6.70 -2.36
CA LEU A 94 9.80 -6.34 -2.70
C LEU A 94 9.18 -7.39 -3.60
N LEU A 95 9.67 -7.50 -4.81
CA LEU A 95 9.09 -8.50 -5.75
C LEU A 95 9.04 -9.86 -5.07
N THR A 96 9.95 -10.07 -4.17
CA THR A 96 9.94 -11.36 -3.43
C THR A 96 8.65 -11.42 -2.59
N ARG A 97 8.37 -10.38 -1.86
CA ARG A 97 7.14 -10.36 -1.03
C ARG A 97 5.95 -10.59 -1.96
N LEU A 98 6.03 -10.10 -3.16
CA LEU A 98 4.94 -10.31 -4.14
C LEU A 98 4.99 -11.76 -4.61
N LYS A 99 6.17 -12.28 -4.79
CA LYS A 99 6.34 -13.68 -5.27
C LYS A 99 5.80 -14.70 -4.26
N GLN A 100 6.23 -14.64 -3.02
CA GLN A 100 5.74 -15.64 -2.03
C GLN A 100 4.22 -15.73 -2.06
N ILE A 101 3.52 -14.64 -2.29
CA ILE A 101 2.03 -14.72 -2.32
C ILE A 101 1.57 -14.77 -3.78
N GLY A 102 2.44 -14.45 -4.70
CA GLY A 102 2.08 -14.50 -6.14
C GLY A 102 1.29 -13.25 -6.54
N ALA A 103 1.72 -12.10 -6.12
CA ALA A 103 0.99 -10.86 -6.49
C ALA A 103 1.49 -10.34 -7.85
N LEU A 104 2.56 -10.90 -8.34
CA LEU A 104 3.09 -10.45 -9.66
C LEU A 104 2.55 -11.36 -10.78
N GLN A 105 2.98 -11.13 -11.99
CA GLN A 105 2.49 -11.98 -13.12
C GLN A 105 3.27 -13.30 -13.13
N ALA A 1 -12.11 2.71 12.18
CA ALA A 1 -11.72 2.32 10.80
C ALA A 1 -11.10 0.92 10.82
N GLN A 2 -11.73 0.00 11.49
CA GLN A 2 -11.18 -1.39 11.56
C GLN A 2 -11.49 -2.13 10.25
N GLU A 3 -12.73 -2.46 10.04
CA GLU A 3 -13.11 -3.19 8.80
C GLU A 3 -12.75 -2.34 7.58
N PHE A 4 -12.40 -1.09 7.78
CA PHE A 4 -12.04 -0.21 6.64
C PHE A 4 -10.81 -0.75 5.91
N VAL A 5 -9.65 -0.63 6.50
CA VAL A 5 -8.41 -1.11 5.82
C VAL A 5 -8.39 -2.64 5.84
N ASN A 6 -8.83 -3.24 6.90
CA ASN A 6 -8.81 -4.73 6.97
C ASN A 6 -9.59 -5.30 5.78
N SER A 7 -10.66 -4.67 5.40
CA SER A 7 -11.45 -5.17 4.24
C SER A 7 -10.70 -4.85 2.95
N LYS A 8 -9.67 -4.05 3.03
CA LYS A 8 -8.89 -3.68 1.81
C LYS A 8 -7.68 -4.60 1.68
N ILE A 9 -6.89 -4.70 2.71
CA ILE A 9 -5.68 -5.57 2.64
C ILE A 9 -6.07 -7.04 2.87
N GLN A 10 -5.67 -7.90 1.98
CA GLN A 10 -5.99 -9.34 2.13
C GLN A 10 -4.84 -10.15 1.49
N PRO A 11 -4.67 -11.37 1.92
CA PRO A 11 -3.59 -12.24 1.42
C PRO A 11 -3.65 -12.36 -0.12
N GLY A 12 -2.53 -12.15 -0.76
CA GLY A 12 -2.47 -12.26 -2.25
C GLY A 12 -3.07 -11.02 -2.91
N LYS A 13 -3.07 -9.89 -2.23
CA LYS A 13 -3.64 -8.67 -2.86
C LYS A 13 -2.81 -7.45 -2.44
N VAL A 14 -2.46 -6.61 -3.38
CA VAL A 14 -1.67 -5.39 -3.04
C VAL A 14 -2.60 -4.18 -2.96
N VAL A 15 -2.44 -3.35 -1.97
CA VAL A 15 -3.31 -2.15 -1.84
C VAL A 15 -2.47 -0.97 -1.35
N VAL A 16 -2.76 0.21 -1.80
CA VAL A 16 -1.95 1.39 -1.38
C VAL A 16 -2.86 2.51 -0.87
N PHE A 17 -2.59 3.00 0.31
CA PHE A 17 -3.40 4.12 0.86
C PHE A 17 -2.69 5.42 0.50
N ILE A 18 -3.36 6.32 -0.16
CA ILE A 18 -2.70 7.59 -0.58
C ILE A 18 -3.55 8.80 -0.24
N LYS A 19 -3.07 9.95 -0.64
CA LYS A 19 -3.80 11.22 -0.42
C LYS A 19 -3.55 12.08 -1.65
N PRO A 20 -4.44 12.00 -2.62
CA PRO A 20 -4.28 12.75 -3.88
C PRO A 20 -3.92 14.20 -3.59
N THR A 21 -2.66 14.46 -3.35
CA THR A 21 -2.21 15.84 -3.06
C THR A 21 -0.70 15.83 -2.79
N CYS A 22 -0.20 14.79 -2.16
CA CYS A 22 1.26 14.73 -1.86
C CYS A 22 1.99 13.89 -2.93
N PRO A 23 3.07 14.42 -3.47
CA PRO A 23 3.86 13.73 -4.51
C PRO A 23 4.42 12.39 -4.03
N TYR A 24 4.53 12.17 -2.74
CA TYR A 24 5.09 10.86 -2.27
C TYR A 24 4.09 9.75 -2.55
N SER A 25 2.83 9.97 -2.29
CA SER A 25 1.84 8.91 -2.57
C SER A 25 1.79 8.67 -4.08
N ARG A 26 2.02 9.71 -4.84
CA ARG A 26 2.03 9.57 -6.32
C ARG A 26 3.18 8.64 -6.72
N ARG A 27 4.33 8.82 -6.12
CA ARG A 27 5.48 7.96 -6.45
C ARG A 27 5.04 6.49 -6.32
N ALA A 28 4.35 6.17 -5.26
CA ALA A 28 3.87 4.78 -5.08
C ALA A 28 2.95 4.42 -6.25
N GLN A 29 2.14 5.36 -6.68
CA GLN A 29 1.23 5.08 -7.81
C GLN A 29 2.04 4.94 -9.10
N GLU A 30 3.00 5.79 -9.28
CA GLU A 30 3.84 5.75 -10.51
C GLU A 30 4.74 4.51 -10.53
N ILE A 31 5.27 4.12 -9.40
CA ILE A 31 6.18 2.93 -9.39
C ILE A 31 5.37 1.63 -9.47
N LEU A 32 4.48 1.39 -8.56
CA LEU A 32 3.69 0.13 -8.62
C LEU A 32 2.96 0.06 -9.96
N SER A 33 2.75 1.17 -10.60
CA SER A 33 2.06 1.16 -11.92
C SER A 33 2.95 0.42 -12.92
N GLN A 34 4.23 0.40 -12.69
CA GLN A 34 5.16 -0.29 -13.63
C GLN A 34 5.38 -1.75 -13.19
N LEU A 35 4.72 -2.18 -12.15
CA LEU A 35 4.89 -3.59 -11.69
C LEU A 35 3.83 -4.47 -12.38
N PRO A 36 4.28 -5.53 -13.03
CA PRO A 36 3.36 -6.45 -13.72
C PRO A 36 2.49 -7.19 -12.70
N ILE A 37 1.63 -6.48 -12.05
CA ILE A 37 0.74 -7.12 -11.04
C ILE A 37 -0.41 -7.80 -11.77
N LYS A 38 -0.94 -8.85 -11.20
CA LYS A 38 -2.07 -9.58 -11.86
C LYS A 38 -3.20 -8.60 -12.19
N GLN A 39 -4.33 -9.12 -12.57
CA GLN A 39 -5.49 -8.25 -12.94
C GLN A 39 -5.79 -7.23 -11.83
N GLY A 40 -7.02 -7.19 -11.39
CA GLY A 40 -7.39 -6.20 -10.33
C GLY A 40 -6.75 -6.56 -9.01
N LEU A 41 -5.46 -6.75 -9.00
CA LEU A 41 -4.77 -7.10 -7.72
C LEU A 41 -4.11 -5.85 -7.16
N LEU A 42 -3.82 -4.90 -8.01
CA LEU A 42 -3.18 -3.64 -7.54
C LEU A 42 -4.24 -2.55 -7.47
N GLU A 43 -4.29 -1.82 -6.38
CA GLU A 43 -5.32 -0.76 -6.26
C GLU A 43 -4.72 0.46 -5.55
N PHE A 44 -5.47 1.52 -5.48
CA PHE A 44 -4.99 2.76 -4.80
C PHE A 44 -6.13 3.28 -3.93
N VAL A 45 -5.99 3.18 -2.63
CA VAL A 45 -7.08 3.60 -1.72
C VAL A 45 -6.89 5.07 -1.27
N ASP A 46 -7.64 5.97 -1.84
CA ASP A 46 -7.53 7.40 -1.43
C ASP A 46 -8.33 7.61 -0.14
N ILE A 47 -7.67 7.66 0.98
CA ILE A 47 -8.40 7.85 2.27
C ILE A 47 -9.13 9.21 2.27
N THR A 48 -8.98 9.99 1.23
CA THR A 48 -9.65 11.32 1.19
C THR A 48 -10.96 11.20 0.43
N ALA A 49 -11.02 10.30 -0.52
CA ALA A 49 -12.28 10.13 -1.30
C ALA A 49 -13.30 9.34 -0.47
N THR A 50 -13.10 9.28 0.82
CA THR A 50 -14.04 8.52 1.69
C THR A 50 -14.27 9.28 3.00
N ASN A 51 -13.45 10.25 3.29
CA ASN A 51 -13.60 11.03 4.55
C ASN A 51 -13.01 10.19 5.69
N HIS A 52 -13.33 10.48 6.92
CA HIS A 52 -12.77 9.68 8.04
C HIS A 52 -11.24 9.66 7.89
N THR A 53 -10.72 10.51 7.04
CA THR A 53 -9.25 10.57 6.80
C THR A 53 -8.47 10.30 8.11
N ASN A 54 -8.54 11.19 9.05
CA ASN A 54 -7.78 11.01 10.33
C ASN A 54 -8.11 9.65 10.96
N GLU A 55 -9.30 9.15 10.79
CA GLU A 55 -9.64 7.84 11.41
C GLU A 55 -8.80 6.72 10.78
N ILE A 56 -8.69 6.68 9.48
CA ILE A 56 -7.88 5.62 8.84
C ILE A 56 -6.41 5.79 9.22
N GLN A 57 -5.84 6.95 9.03
CA GLN A 57 -4.42 7.14 9.41
C GLN A 57 -4.28 6.82 10.88
N ASP A 58 -5.21 7.29 11.68
CA ASP A 58 -5.16 6.99 13.12
C ASP A 58 -5.10 5.48 13.27
N TYR A 59 -5.74 4.78 12.38
CA TYR A 59 -5.70 3.29 12.44
C TYR A 59 -4.38 2.80 11.86
N LEU A 60 -4.00 3.28 10.70
CA LEU A 60 -2.71 2.83 10.10
C LEU A 60 -1.60 3.05 11.13
N GLN A 61 -1.73 4.06 11.93
CA GLN A 61 -0.71 4.33 12.98
C GLN A 61 -0.61 3.12 13.91
N GLN A 62 -1.69 2.69 14.47
CA GLN A 62 -1.65 1.53 15.41
C GLN A 62 -1.27 0.24 14.67
N LEU A 63 -1.90 -0.05 13.57
CA LEU A 63 -1.59 -1.31 12.83
C LEU A 63 -0.15 -1.27 12.32
N THR A 64 0.31 -0.15 11.86
CA THR A 64 1.70 -0.06 11.32
C THR A 64 2.58 0.70 12.31
N GLY A 65 2.33 1.96 12.48
CA GLY A 65 3.15 2.78 13.42
C GLY A 65 3.30 4.18 12.83
N ALA A 66 3.53 4.27 11.55
CA ALA A 66 3.68 5.60 10.91
C ALA A 66 2.37 6.02 10.25
N ARG A 67 2.00 7.26 10.43
CA ARG A 67 0.74 7.76 9.81
C ARG A 67 1.11 8.59 8.58
N THR A 68 2.23 8.30 8.00
CA THR A 68 2.68 9.07 6.80
C THR A 68 2.02 8.50 5.53
N VAL A 69 2.16 9.20 4.43
CA VAL A 69 1.58 8.73 3.13
C VAL A 69 2.74 8.42 2.18
N PRO A 70 2.65 7.33 1.44
CA PRO A 70 1.53 6.38 1.46
C PRO A 70 1.70 5.33 2.57
N ARG A 71 0.92 4.30 2.49
CA ARG A 71 0.98 3.18 3.45
C ARG A 71 0.72 1.92 2.62
N VAL A 72 1.75 1.29 2.13
CA VAL A 72 1.57 0.10 1.25
C VAL A 72 1.36 -1.16 2.05
N PHE A 73 0.73 -2.15 1.45
CA PHE A 73 0.47 -3.43 2.17
C PHE A 73 0.52 -4.62 1.22
N ILE A 74 1.66 -5.24 1.07
CA ILE A 74 1.69 -6.45 0.19
C ILE A 74 0.98 -7.55 0.98
N GLY A 75 -0.22 -7.90 0.61
CA GLY A 75 -0.94 -8.90 1.42
C GLY A 75 -1.13 -8.27 2.80
N LYS A 76 -1.23 -9.03 3.84
CA LYS A 76 -1.39 -8.39 5.18
C LYS A 76 0.00 -7.96 5.67
N ASP A 77 1.01 -8.14 4.86
CA ASP A 77 2.40 -7.76 5.27
C ASP A 77 2.70 -6.31 4.89
N SER A 78 2.79 -5.43 5.86
CA SER A 78 3.10 -4.01 5.55
C SER A 78 4.58 -3.88 5.19
N ILE A 79 4.91 -3.04 4.24
CA ILE A 79 6.35 -2.87 3.86
C ILE A 79 6.83 -1.48 4.28
N GLY A 80 5.92 -0.60 4.62
CA GLY A 80 6.32 0.77 5.06
C GLY A 80 5.67 1.83 4.17
N GLY A 81 6.17 3.03 4.21
CA GLY A 81 5.58 4.12 3.37
C GLY A 81 6.22 4.12 1.99
N SER A 82 6.37 5.28 1.40
CA SER A 82 6.96 5.37 0.04
C SER A 82 8.47 5.08 0.10
N SER A 83 9.18 5.87 0.84
CA SER A 83 10.65 5.65 0.94
C SER A 83 10.91 4.18 1.27
N ASP A 84 9.98 3.55 1.91
CA ASP A 84 10.15 2.12 2.26
C ASP A 84 9.96 1.27 0.99
N LEU A 85 8.92 1.53 0.25
CA LEU A 85 8.66 0.74 -0.98
C LEU A 85 9.89 0.79 -1.90
N VAL A 86 10.30 1.95 -2.28
CA VAL A 86 11.47 2.08 -3.20
C VAL A 86 12.67 1.31 -2.62
N SER A 87 13.03 1.52 -1.40
CA SER A 87 14.20 0.80 -0.83
C SER A 87 14.11 -0.69 -1.19
N LEU A 88 12.94 -1.25 -1.11
CA LEU A 88 12.79 -2.70 -1.43
C LEU A 88 12.82 -2.99 -2.93
N GLN A 89 12.21 -2.15 -3.74
CA GLN A 89 12.20 -2.42 -5.21
C GLN A 89 13.62 -2.50 -5.77
N GLN A 90 14.39 -1.45 -5.63
CA GLN A 90 15.77 -1.48 -6.18
C GLN A 90 16.54 -2.62 -5.53
N SER A 91 16.10 -3.06 -4.39
CA SER A 91 16.79 -4.19 -3.72
C SER A 91 16.34 -5.51 -4.35
N GLY A 92 15.06 -5.78 -4.30
CA GLY A 92 14.53 -7.04 -4.90
C GLY A 92 13.68 -7.79 -3.87
N GLU A 93 13.74 -7.37 -2.65
CA GLU A 93 12.93 -8.04 -1.59
C GLU A 93 11.45 -7.74 -1.84
N LEU A 94 11.16 -6.65 -2.47
CA LEU A 94 9.74 -6.28 -2.74
C LEU A 94 9.06 -7.37 -3.55
N LEU A 95 9.52 -7.59 -4.75
CA LEU A 95 8.88 -8.62 -5.61
C LEU A 95 8.82 -9.93 -4.84
N THR A 96 9.73 -10.11 -3.93
CA THR A 96 9.71 -11.36 -3.13
C THR A 96 8.42 -11.40 -2.31
N ARG A 97 8.07 -10.33 -1.63
CA ARG A 97 6.81 -10.33 -0.83
C ARG A 97 5.65 -10.61 -1.78
N LEU A 98 5.75 -10.14 -2.99
CA LEU A 98 4.68 -10.38 -3.98
C LEU A 98 4.71 -11.86 -4.39
N LYS A 99 5.89 -12.40 -4.53
CA LYS A 99 6.06 -13.82 -4.96
C LYS A 99 5.53 -14.80 -3.89
N GLN A 100 5.98 -14.69 -2.67
CA GLN A 100 5.53 -15.65 -1.63
C GLN A 100 4.00 -15.76 -1.63
N ILE A 101 3.29 -14.70 -1.93
CA ILE A 101 1.80 -14.79 -1.94
C ILE A 101 1.31 -14.91 -3.39
N GLY A 102 2.17 -14.65 -4.33
CA GLY A 102 1.77 -14.77 -5.76
C GLY A 102 0.97 -13.54 -6.20
N ALA A 103 1.43 -12.37 -5.87
CA ALA A 103 0.68 -11.14 -6.27
C ALA A 103 1.14 -10.71 -7.67
N LEU A 104 2.23 -11.25 -8.14
CA LEU A 104 2.73 -10.87 -9.50
C LEU A 104 2.24 -11.88 -10.53
N GLN A 105 2.51 -11.63 -11.78
CA GLN A 105 2.06 -12.57 -12.85
C GLN A 105 3.03 -13.75 -12.92
N ALA A 1 -12.16 2.25 12.30
CA ALA A 1 -11.83 1.88 10.91
C ALA A 1 -11.18 0.49 10.88
N GLN A 2 -11.92 -0.52 11.26
CA GLN A 2 -11.35 -1.90 11.25
C GLN A 2 -11.63 -2.55 9.89
N GLU A 3 -12.87 -2.90 9.65
CA GLU A 3 -13.21 -3.53 8.34
C GLU A 3 -12.83 -2.57 7.20
N PHE A 4 -12.47 -1.36 7.55
CA PHE A 4 -12.09 -0.37 6.50
C PHE A 4 -10.87 -0.87 5.72
N VAL A 5 -9.72 -0.84 6.33
CA VAL A 5 -8.48 -1.29 5.62
C VAL A 5 -8.48 -2.82 5.49
N ASN A 6 -8.89 -3.51 6.51
CA ASN A 6 -8.90 -4.99 6.46
C ASN A 6 -9.73 -5.48 5.27
N SER A 7 -10.68 -4.71 4.84
CA SER A 7 -11.53 -5.15 3.69
C SER A 7 -10.76 -5.03 2.37
N LYS A 8 -9.74 -4.21 2.33
CA LYS A 8 -8.97 -4.03 1.07
C LYS A 8 -7.71 -4.90 1.06
N ILE A 9 -6.98 -4.91 2.13
CA ILE A 9 -5.72 -5.72 2.14
C ILE A 9 -6.05 -7.19 2.31
N GLN A 10 -5.49 -8.02 1.46
CA GLN A 10 -5.75 -9.48 1.54
C GLN A 10 -4.48 -10.22 1.08
N PRO A 11 -4.29 -11.43 1.56
CA PRO A 11 -3.11 -12.22 1.18
C PRO A 11 -3.06 -12.39 -0.35
N GLY A 12 -1.98 -11.97 -0.95
CA GLY A 12 -1.86 -12.09 -2.43
C GLY A 12 -2.54 -10.90 -3.11
N LYS A 13 -2.67 -9.79 -2.41
CA LYS A 13 -3.32 -8.60 -3.01
C LYS A 13 -2.55 -7.34 -2.61
N VAL A 14 -2.29 -6.46 -3.55
CA VAL A 14 -1.54 -5.22 -3.20
C VAL A 14 -2.49 -4.02 -3.16
N VAL A 15 -2.33 -3.17 -2.19
CA VAL A 15 -3.20 -1.96 -2.08
C VAL A 15 -2.37 -0.81 -1.51
N VAL A 16 -2.73 0.40 -1.83
CA VAL A 16 -1.95 1.57 -1.33
C VAL A 16 -2.88 2.62 -0.73
N PHE A 17 -2.69 2.95 0.52
CA PHE A 17 -3.54 4.00 1.15
C PHE A 17 -2.84 5.34 0.90
N ILE A 18 -3.50 6.25 0.25
CA ILE A 18 -2.84 7.56 -0.06
C ILE A 18 -3.73 8.75 0.27
N LYS A 19 -3.33 9.89 -0.20
CA LYS A 19 -4.10 11.13 0.01
C LYS A 19 -3.89 11.99 -1.26
N PRO A 20 -4.83 11.91 -2.19
CA PRO A 20 -4.70 12.65 -3.46
C PRO A 20 -4.39 14.13 -3.20
N THR A 21 -3.17 14.41 -2.83
CA THR A 21 -2.76 15.81 -2.57
C THR A 21 -1.26 15.87 -2.36
N CYS A 22 -0.69 14.82 -1.80
CA CYS A 22 0.79 14.83 -1.55
C CYS A 22 1.51 14.09 -2.70
N PRO A 23 2.51 14.72 -3.29
CA PRO A 23 3.28 14.11 -4.40
C PRO A 23 3.99 12.81 -3.98
N TYR A 24 4.07 12.53 -2.70
CA TYR A 24 4.76 11.27 -2.28
C TYR A 24 3.89 10.06 -2.65
N SER A 25 2.63 10.11 -2.34
CA SER A 25 1.77 8.94 -2.71
C SER A 25 1.74 8.80 -4.23
N ARG A 26 1.91 9.88 -4.94
CA ARG A 26 1.90 9.79 -6.43
C ARG A 26 3.05 8.88 -6.86
N ARG A 27 4.19 9.04 -6.25
CA ARG A 27 5.36 8.18 -6.60
C ARG A 27 4.95 6.71 -6.49
N ALA A 28 4.35 6.35 -5.38
CA ALA A 28 3.94 4.94 -5.20
C ALA A 28 2.99 4.55 -6.34
N GLN A 29 2.14 5.45 -6.75
CA GLN A 29 1.20 5.14 -7.86
C GLN A 29 1.97 5.05 -9.18
N GLU A 30 2.90 5.93 -9.39
CA GLU A 30 3.68 5.92 -10.67
C GLU A 30 4.62 4.71 -10.72
N ILE A 31 5.20 4.33 -9.60
CA ILE A 31 6.15 3.17 -9.62
C ILE A 31 5.36 1.85 -9.67
N LEU A 32 4.50 1.60 -8.73
CA LEU A 32 3.72 0.32 -8.76
C LEU A 32 3.00 0.21 -10.10
N SER A 33 2.73 1.31 -10.74
CA SER A 33 2.04 1.24 -12.05
C SER A 33 2.96 0.54 -13.06
N GLN A 34 4.25 0.65 -12.85
CA GLN A 34 5.22 0.00 -13.77
C GLN A 34 5.54 -1.42 -13.29
N LEU A 35 4.91 -1.88 -12.25
CA LEU A 35 5.21 -3.25 -11.74
C LEU A 35 4.24 -4.26 -12.39
N PRO A 36 4.76 -5.35 -12.92
CA PRO A 36 3.93 -6.38 -13.58
C PRO A 36 3.01 -7.04 -12.56
N ILE A 37 2.10 -6.30 -11.99
CA ILE A 37 1.17 -6.89 -11.00
C ILE A 37 0.02 -7.57 -11.75
N LYS A 38 -0.53 -8.61 -11.18
CA LYS A 38 -1.64 -9.33 -11.86
C LYS A 38 -2.75 -8.34 -12.24
N GLN A 39 -3.85 -8.85 -12.75
CA GLN A 39 -4.98 -7.96 -13.17
C GLN A 39 -5.38 -7.00 -12.03
N GLY A 40 -6.62 -7.06 -11.62
CA GLY A 40 -7.10 -6.15 -10.55
C GLY A 40 -6.44 -6.49 -9.20
N LEU A 41 -5.15 -6.66 -9.19
CA LEU A 41 -4.47 -6.99 -7.89
C LEU A 41 -3.82 -5.72 -7.33
N LEU A 42 -3.63 -4.72 -8.16
CA LEU A 42 -3.01 -3.46 -7.68
C LEU A 42 -4.10 -2.39 -7.56
N GLU A 43 -4.22 -1.77 -6.42
CA GLU A 43 -5.27 -0.72 -6.26
C GLU A 43 -4.71 0.45 -5.44
N PHE A 44 -5.38 1.56 -5.47
CA PHE A 44 -4.94 2.76 -4.69
C PHE A 44 -6.10 3.21 -3.81
N VAL A 45 -5.95 3.12 -2.53
CA VAL A 45 -7.07 3.49 -1.62
C VAL A 45 -6.94 4.95 -1.15
N ASP A 46 -7.69 5.84 -1.73
CA ASP A 46 -7.64 7.25 -1.29
C ASP A 46 -8.51 7.37 -0.03
N ILE A 47 -7.90 7.38 1.13
CA ILE A 47 -8.69 7.45 2.39
C ILE A 47 -9.51 8.74 2.45
N THR A 48 -9.45 9.55 1.42
CA THR A 48 -10.25 10.81 1.43
C THR A 48 -11.59 10.57 0.72
N ALA A 49 -11.66 9.55 -0.09
CA ALA A 49 -12.93 9.25 -0.82
C ALA A 49 -13.91 8.59 0.16
N THR A 50 -13.63 8.65 1.43
CA THR A 50 -14.55 8.02 2.43
C THR A 50 -14.66 8.91 3.67
N ASN A 51 -13.78 9.86 3.82
CA ASN A 51 -13.83 10.77 5.01
C ASN A 51 -13.22 10.05 6.22
N HIS A 52 -13.25 10.68 7.36
CA HIS A 52 -12.67 10.03 8.57
C HIS A 52 -11.20 9.70 8.32
N THR A 53 -10.54 10.47 7.50
CA THR A 53 -9.11 10.20 7.20
C THR A 53 -8.36 9.88 8.49
N ASN A 54 -8.44 10.74 9.46
CA ASN A 54 -7.71 10.49 10.74
C ASN A 54 -8.07 9.12 11.32
N GLU A 55 -9.31 8.71 11.20
CA GLU A 55 -9.69 7.38 11.76
C GLU A 55 -8.90 6.28 11.07
N ILE A 56 -8.82 6.30 9.76
CA ILE A 56 -8.06 5.24 9.05
C ILE A 56 -6.57 5.34 9.40
N GLN A 57 -5.96 6.49 9.19
CA GLN A 57 -4.52 6.60 9.54
C GLN A 57 -4.35 6.25 11.01
N ASP A 58 -5.27 6.70 11.82
CA ASP A 58 -5.19 6.36 13.26
C ASP A 58 -5.11 4.84 13.36
N TYR A 59 -5.76 4.18 12.45
CA TYR A 59 -5.73 2.68 12.44
C TYR A 59 -4.40 2.23 11.84
N LEU A 60 -4.02 2.78 10.72
CA LEU A 60 -2.73 2.38 10.09
C LEU A 60 -1.62 2.55 11.12
N GLN A 61 -1.76 3.55 11.96
CA GLN A 61 -0.73 3.81 13.00
C GLN A 61 -0.58 2.58 13.90
N GLN A 62 -1.66 2.12 14.49
CA GLN A 62 -1.56 0.94 15.40
C GLN A 62 -1.19 -0.32 14.62
N LEU A 63 -1.88 -0.62 13.55
CA LEU A 63 -1.57 -1.87 12.79
C LEU A 63 -0.15 -1.80 12.21
N THR A 64 0.29 -0.64 11.82
CA THR A 64 1.67 -0.51 11.24
C THR A 64 2.57 0.26 12.21
N GLY A 65 2.33 1.53 12.35
CA GLY A 65 3.18 2.36 13.26
C GLY A 65 3.28 3.77 12.68
N ALA A 66 3.46 3.86 11.38
CA ALA A 66 3.57 5.21 10.74
C ALA A 66 2.22 5.60 10.14
N ARG A 67 1.87 6.85 10.27
CA ARG A 67 0.59 7.36 9.70
C ARG A 67 0.92 8.27 8.51
N THR A 68 2.06 8.07 7.92
CA THR A 68 2.50 8.91 6.77
C THR A 68 1.82 8.45 5.47
N VAL A 69 2.03 9.20 4.41
CA VAL A 69 1.45 8.87 3.09
C VAL A 69 2.60 8.63 2.11
N PRO A 70 2.56 7.58 1.31
CA PRO A 70 1.46 6.60 1.27
C PRO A 70 1.58 5.58 2.40
N ARG A 71 0.87 4.49 2.26
CA ARG A 71 0.91 3.38 3.25
C ARG A 71 0.65 2.12 2.43
N VAL A 72 1.69 1.48 1.97
CA VAL A 72 1.52 0.29 1.09
C VAL A 72 1.33 -1.00 1.90
N PHE A 73 0.74 -1.99 1.28
CA PHE A 73 0.50 -3.29 1.98
C PHE A 73 0.64 -4.46 1.00
N ILE A 74 1.81 -5.00 0.81
CA ILE A 74 1.90 -6.18 -0.09
C ILE A 74 1.25 -7.33 0.67
N GLY A 75 0.10 -7.76 0.23
CA GLY A 75 -0.59 -8.82 1.01
C GLY A 75 -0.99 -8.18 2.34
N LYS A 76 -1.15 -8.94 3.38
CA LYS A 76 -1.49 -8.31 4.68
C LYS A 76 -0.22 -7.83 5.37
N ASP A 77 0.91 -8.04 4.74
CA ASP A 77 2.21 -7.61 5.36
C ASP A 77 2.53 -6.16 4.94
N SER A 78 2.55 -5.26 5.89
CA SER A 78 2.87 -3.84 5.55
C SER A 78 4.36 -3.72 5.22
N ILE A 79 4.72 -2.81 4.36
CA ILE A 79 6.17 -2.64 4.00
C ILE A 79 6.66 -1.27 4.47
N GLY A 80 5.77 -0.34 4.65
CA GLY A 80 6.19 1.01 5.11
C GLY A 80 5.48 2.10 4.30
N GLY A 81 6.17 3.17 4.01
CA GLY A 81 5.54 4.27 3.22
C GLY A 81 6.18 4.35 1.84
N SER A 82 6.33 5.54 1.31
CA SER A 82 6.94 5.70 -0.04
C SER A 82 8.43 5.38 0.03
N SER A 83 9.17 6.12 0.80
CA SER A 83 10.63 5.86 0.91
C SER A 83 10.86 4.39 1.26
N ASP A 84 9.91 3.78 1.89
CA ASP A 84 10.06 2.34 2.26
C ASP A 84 9.91 1.48 1.00
N LEU A 85 8.89 1.73 0.24
CA LEU A 85 8.67 0.94 -1.01
C LEU A 85 9.92 0.99 -1.89
N VAL A 86 10.30 2.17 -2.31
CA VAL A 86 11.49 2.29 -3.19
C VAL A 86 12.68 1.54 -2.58
N SER A 87 12.97 1.75 -1.33
CA SER A 87 14.12 1.03 -0.72
C SER A 87 14.01 -0.47 -1.02
N LEU A 88 12.82 -1.00 -0.95
CA LEU A 88 12.64 -2.47 -1.22
C LEU A 88 12.71 -2.76 -2.73
N GLN A 89 12.19 -1.88 -3.55
CA GLN A 89 12.21 -2.14 -5.02
C GLN A 89 13.64 -2.30 -5.53
N GLN A 90 14.44 -1.27 -5.42
CA GLN A 90 15.84 -1.37 -5.92
C GLN A 90 16.58 -2.47 -5.19
N SER A 91 16.07 -2.90 -4.06
CA SER A 91 16.76 -3.97 -3.30
C SER A 91 16.32 -5.34 -3.84
N GLY A 92 15.23 -5.38 -4.55
CA GLY A 92 14.75 -6.68 -5.12
C GLY A 92 13.93 -7.42 -4.07
N GLU A 93 13.98 -7.01 -2.84
CA GLU A 93 13.19 -7.70 -1.79
C GLU A 93 11.70 -7.44 -2.03
N LEU A 94 11.39 -6.33 -2.65
CA LEU A 94 9.96 -6.02 -2.93
C LEU A 94 9.33 -7.12 -3.78
N LEU A 95 9.80 -7.29 -4.97
CA LEU A 95 9.22 -8.33 -5.86
C LEU A 95 9.21 -9.66 -5.12
N THR A 96 10.16 -9.85 -4.26
CA THR A 96 10.20 -11.12 -3.49
C THR A 96 8.95 -11.16 -2.61
N ARG A 97 8.62 -10.06 -1.99
CA ARG A 97 7.40 -10.03 -1.13
C ARG A 97 6.19 -10.35 -2.00
N LEU A 98 6.20 -9.91 -3.22
CA LEU A 98 5.08 -10.19 -4.15
C LEU A 98 5.10 -11.68 -4.54
N LYS A 99 6.28 -12.21 -4.76
CA LYS A 99 6.41 -13.63 -5.18
C LYS A 99 5.94 -14.61 -4.09
N GLN A 100 6.44 -14.50 -2.89
CA GLN A 100 6.04 -15.46 -1.82
C GLN A 100 4.52 -15.61 -1.79
N ILE A 101 3.78 -14.58 -2.12
CA ILE A 101 2.29 -14.70 -2.10
C ILE A 101 1.76 -14.82 -3.53
N GLY A 102 2.58 -14.52 -4.50
CA GLY A 102 2.14 -14.64 -5.91
C GLY A 102 1.31 -13.42 -6.32
N ALA A 103 1.73 -12.26 -5.92
CA ALA A 103 0.97 -11.02 -6.29
C ALA A 103 1.41 -10.54 -7.66
N LEU A 104 2.49 -11.08 -8.18
CA LEU A 104 2.98 -10.65 -9.51
C LEU A 104 2.49 -11.63 -10.59
N GLN A 105 2.92 -11.44 -11.80
CA GLN A 105 2.50 -12.35 -12.90
C GLN A 105 3.29 -13.66 -12.82
N ALA A 1 -12.27 3.51 12.32
CA ALA A 1 -12.08 2.72 11.07
C ALA A 1 -11.40 1.39 11.42
N GLN A 2 -12.02 0.30 11.04
CA GLN A 2 -11.42 -1.04 11.34
C GLN A 2 -11.62 -1.94 10.12
N GLU A 3 -12.81 -2.45 9.93
CA GLU A 3 -13.07 -3.33 8.76
C GLU A 3 -12.74 -2.56 7.48
N PHE A 4 -12.42 -1.31 7.60
CA PHE A 4 -12.10 -0.48 6.40
C PHE A 4 -10.86 -1.04 5.70
N VAL A 5 -9.71 -0.89 6.30
CA VAL A 5 -8.46 -1.38 5.64
C VAL A 5 -8.41 -2.91 5.72
N ASN A 6 -8.80 -3.49 6.81
CA ASN A 6 -8.76 -4.97 6.92
C ASN A 6 -9.54 -5.59 5.76
N SER A 7 -10.64 -4.98 5.39
CA SER A 7 -11.43 -5.54 4.26
C SER A 7 -10.73 -5.25 2.93
N LYS A 8 -9.74 -4.38 2.95
CA LYS A 8 -9.03 -4.04 1.68
C LYS A 8 -7.75 -4.86 1.54
N ILE A 9 -6.95 -4.95 2.58
CA ILE A 9 -5.69 -5.75 2.47
C ILE A 9 -6.02 -7.24 2.61
N GLN A 10 -5.45 -8.04 1.76
CA GLN A 10 -5.71 -9.50 1.82
C GLN A 10 -4.44 -10.25 1.38
N PRO A 11 -4.24 -11.43 1.92
CA PRO A 11 -3.06 -12.23 1.56
C PRO A 11 -2.96 -12.40 0.05
N GLY A 12 -1.85 -12.02 -0.52
CA GLY A 12 -1.68 -12.14 -1.99
C GLY A 12 -2.36 -10.97 -2.70
N LYS A 13 -2.45 -9.84 -2.04
CA LYS A 13 -3.11 -8.65 -2.68
C LYS A 13 -2.35 -7.38 -2.32
N VAL A 14 -2.14 -6.50 -3.28
CA VAL A 14 -1.41 -5.24 -2.99
C VAL A 14 -2.40 -4.07 -2.93
N VAL A 15 -2.27 -3.23 -1.95
CA VAL A 15 -3.18 -2.06 -1.82
C VAL A 15 -2.38 -0.87 -1.30
N VAL A 16 -2.65 0.31 -1.81
CA VAL A 16 -1.87 1.50 -1.37
C VAL A 16 -2.80 2.59 -0.83
N PHE A 17 -2.53 3.06 0.36
CA PHE A 17 -3.34 4.16 0.95
C PHE A 17 -2.64 5.47 0.62
N ILE A 18 -3.29 6.37 -0.07
CA ILE A 18 -2.64 7.64 -0.47
C ILE A 18 -3.50 8.84 -0.12
N LYS A 19 -3.04 10.00 -0.51
CA LYS A 19 -3.78 11.26 -0.27
C LYS A 19 -3.51 12.15 -1.49
N PRO A 20 -4.36 12.05 -2.50
CA PRO A 20 -4.18 12.81 -3.75
C PRO A 20 -3.84 14.27 -3.47
N THR A 21 -2.61 14.53 -3.11
CA THR A 21 -2.17 15.92 -2.83
C THR A 21 -0.66 15.92 -2.59
N CYS A 22 -0.14 14.88 -2.00
CA CYS A 22 1.32 14.83 -1.73
C CYS A 22 2.03 14.01 -2.85
N PRO A 23 3.09 14.57 -3.42
CA PRO A 23 3.85 13.89 -4.50
C PRO A 23 4.40 12.53 -4.05
N TYR A 24 4.53 12.29 -2.78
CA TYR A 24 5.08 10.97 -2.34
C TYR A 24 4.02 9.91 -2.61
N SER A 25 2.78 10.23 -2.40
CA SER A 25 1.70 9.24 -2.67
C SER A 25 1.64 8.99 -4.17
N ARG A 26 1.88 10.01 -4.95
CA ARG A 26 1.86 9.84 -6.44
C ARG A 26 3.00 8.91 -6.83
N ARG A 27 4.14 9.04 -6.22
CA ARG A 27 5.29 8.16 -6.55
C ARG A 27 4.86 6.70 -6.44
N ALA A 28 4.22 6.34 -5.36
CA ALA A 28 3.78 4.93 -5.19
C ALA A 28 2.84 4.56 -6.34
N GLN A 29 2.04 5.50 -6.78
CA GLN A 29 1.11 5.22 -7.90
C GLN A 29 1.90 5.06 -9.20
N GLU A 30 2.86 5.91 -9.41
CA GLU A 30 3.66 5.85 -10.66
C GLU A 30 4.60 4.64 -10.66
N ILE A 31 5.14 4.27 -9.53
CA ILE A 31 6.08 3.11 -9.50
C ILE A 31 5.31 1.78 -9.59
N LEU A 32 4.41 1.52 -8.67
CA LEU A 32 3.66 0.24 -8.74
C LEU A 32 2.90 0.16 -10.06
N SER A 33 2.72 1.27 -10.72
CA SER A 33 2.00 1.24 -12.02
C SER A 33 2.83 0.45 -13.04
N GLN A 34 4.13 0.48 -12.90
CA GLN A 34 5.00 -0.25 -13.85
C GLN A 34 5.29 -1.67 -13.34
N LEU A 35 4.66 -2.08 -12.27
CA LEU A 35 4.91 -3.45 -11.76
C LEU A 35 3.91 -4.44 -12.39
N PRO A 36 4.40 -5.52 -12.97
CA PRO A 36 3.53 -6.53 -13.61
C PRO A 36 2.68 -7.24 -12.54
N ILE A 37 1.76 -6.53 -11.96
CA ILE A 37 0.90 -7.15 -10.93
C ILE A 37 -0.24 -7.92 -11.60
N LYS A 38 -0.72 -8.95 -10.97
CA LYS A 38 -1.82 -9.76 -11.57
C LYS A 38 -3.01 -8.86 -11.92
N GLN A 39 -4.15 -9.46 -12.16
CA GLN A 39 -5.37 -8.68 -12.53
C GLN A 39 -5.63 -7.57 -11.51
N GLY A 40 -6.87 -7.38 -11.14
CA GLY A 40 -7.21 -6.32 -10.16
C GLY A 40 -6.57 -6.61 -8.82
N LEU A 41 -5.30 -6.84 -8.80
CA LEU A 41 -4.59 -7.13 -7.51
C LEU A 41 -3.93 -5.86 -7.00
N LEU A 42 -3.70 -4.91 -7.87
CA LEU A 42 -3.07 -3.64 -7.45
C LEU A 42 -4.15 -2.55 -7.37
N GLU A 43 -4.21 -1.84 -6.28
CA GLU A 43 -5.25 -0.79 -6.15
C GLU A 43 -4.67 0.43 -5.42
N PHE A 44 -5.35 1.54 -5.50
CA PHE A 44 -4.89 2.78 -4.81
C PHE A 44 -6.04 3.27 -3.94
N VAL A 45 -5.88 3.19 -2.65
CA VAL A 45 -6.98 3.60 -1.73
C VAL A 45 -6.83 5.06 -1.29
N ASP A 46 -7.58 5.95 -1.89
CA ASP A 46 -7.52 7.38 -1.48
C ASP A 46 -8.36 7.58 -0.23
N ILE A 47 -7.75 7.67 0.92
CA ILE A 47 -8.54 7.85 2.16
C ILE A 47 -9.27 9.18 2.10
N THR A 48 -9.00 9.97 1.08
CA THR A 48 -9.70 11.28 0.96
C THR A 48 -10.87 11.11 0.01
N ALA A 49 -11.58 10.04 0.17
CA ALA A 49 -12.75 9.76 -0.69
C ALA A 49 -13.71 8.87 0.09
N THR A 50 -13.49 8.77 1.37
CA THR A 50 -14.37 7.94 2.23
C THR A 50 -14.60 8.70 3.54
N ASN A 51 -13.98 9.85 3.69
CA ASN A 51 -14.17 10.67 4.92
C ASN A 51 -13.50 9.97 6.11
N HIS A 52 -13.63 10.52 7.29
CA HIS A 52 -13.00 9.89 8.48
C HIS A 52 -11.51 9.68 8.19
N THR A 53 -11.01 10.38 7.21
CA THR A 53 -9.58 10.27 6.82
C THR A 53 -8.70 9.98 8.04
N ASN A 54 -8.78 10.81 9.04
CA ASN A 54 -7.93 10.61 10.26
C ASN A 54 -8.19 9.23 10.89
N GLU A 55 -9.39 8.72 10.81
CA GLU A 55 -9.67 7.40 11.44
C GLU A 55 -8.85 6.32 10.74
N ILE A 56 -8.78 6.34 9.44
CA ILE A 56 -7.98 5.30 8.72
C ILE A 56 -6.50 5.46 9.06
N GLN A 57 -5.92 6.61 8.82
CA GLN A 57 -4.47 6.79 9.16
C GLN A 57 -4.30 6.43 10.62
N ASP A 58 -5.19 6.88 11.44
CA ASP A 58 -5.11 6.55 12.88
C ASP A 58 -5.09 5.04 13.00
N TYR A 59 -5.77 4.36 12.12
CA TYR A 59 -5.77 2.88 12.15
C TYR A 59 -4.45 2.38 11.58
N LEU A 60 -4.03 2.90 10.45
CA LEU A 60 -2.73 2.44 9.86
C LEU A 60 -1.66 2.63 10.92
N GLN A 61 -1.77 3.68 11.69
CA GLN A 61 -0.77 3.96 12.75
C GLN A 61 -0.73 2.79 13.74
N GLN A 62 -1.86 2.41 14.26
CA GLN A 62 -1.87 1.30 15.26
C GLN A 62 -1.41 -0.02 14.64
N LEU A 63 -1.97 -0.39 13.52
CA LEU A 63 -1.55 -1.68 12.88
C LEU A 63 -0.12 -1.61 12.39
N THR A 64 0.33 -0.46 11.97
CA THR A 64 1.73 -0.33 11.46
C THR A 64 2.55 0.49 12.45
N GLY A 65 2.33 1.78 12.49
CA GLY A 65 3.11 2.64 13.43
C GLY A 65 3.29 4.02 12.79
N ALA A 66 3.51 4.06 11.50
CA ALA A 66 3.69 5.37 10.81
C ALA A 66 2.41 5.76 10.08
N ARG A 67 2.02 6.99 10.20
CA ARG A 67 0.79 7.46 9.52
C ARG A 67 1.21 8.34 8.34
N THR A 68 2.32 8.03 7.74
CA THR A 68 2.82 8.85 6.59
C THR A 68 2.10 8.43 5.29
N VAL A 69 2.25 9.21 4.25
CA VAL A 69 1.62 8.88 2.94
C VAL A 69 2.73 8.58 1.93
N PRO A 70 2.59 7.52 1.17
CA PRO A 70 1.45 6.60 1.22
C PRO A 70 1.68 5.53 2.28
N ARG A 71 0.84 4.53 2.29
CA ARG A 71 1.01 3.40 3.24
C ARG A 71 0.71 2.14 2.42
N VAL A 72 1.74 1.43 2.03
CA VAL A 72 1.55 0.24 1.16
C VAL A 72 1.36 -1.03 1.98
N PHE A 73 0.78 -2.04 1.38
CA PHE A 73 0.55 -3.32 2.11
C PHE A 73 0.68 -4.53 1.15
N ILE A 74 1.84 -5.10 1.01
CA ILE A 74 1.94 -6.30 0.14
C ILE A 74 1.27 -7.43 0.90
N GLY A 75 0.16 -7.92 0.43
CA GLY A 75 -0.54 -8.96 1.21
C GLY A 75 -0.90 -8.34 2.56
N LYS A 76 -1.00 -9.11 3.59
CA LYS A 76 -1.32 -8.50 4.92
C LYS A 76 -0.01 -7.99 5.55
N ASP A 77 1.08 -8.17 4.86
CA ASP A 77 2.40 -7.72 5.41
C ASP A 77 2.69 -6.28 4.98
N SER A 78 2.75 -5.37 5.91
CA SER A 78 3.05 -3.95 5.57
C SER A 78 4.52 -3.81 5.21
N ILE A 79 4.86 -2.87 4.36
CA ILE A 79 6.30 -2.69 4.00
C ILE A 79 6.78 -1.31 4.48
N GLY A 80 5.87 -0.40 4.69
CA GLY A 80 6.26 0.95 5.17
C GLY A 80 5.57 2.02 4.32
N GLY A 81 6.22 3.14 4.11
CA GLY A 81 5.61 4.22 3.29
C GLY A 81 6.23 4.22 1.89
N SER A 82 6.32 5.36 1.26
CA SER A 82 6.91 5.40 -0.10
C SER A 82 8.41 5.16 -0.02
N SER A 83 9.11 6.00 0.69
CA SER A 83 10.58 5.82 0.82
C SER A 83 10.88 4.38 1.20
N ASP A 84 9.97 3.74 1.87
CA ASP A 84 10.19 2.33 2.26
C ASP A 84 10.02 1.43 1.02
N LEU A 85 8.97 1.66 0.28
CA LEU A 85 8.72 0.84 -0.95
C LEU A 85 9.93 0.89 -1.88
N VAL A 86 10.29 2.06 -2.32
CA VAL A 86 11.44 2.19 -3.27
C VAL A 86 12.65 1.42 -2.74
N SER A 87 13.02 1.61 -1.51
CA SER A 87 14.21 0.89 -0.97
C SER A 87 14.08 -0.61 -1.31
N LEU A 88 12.91 -1.16 -1.18
CA LEU A 88 12.72 -2.61 -1.47
C LEU A 88 12.74 -2.90 -2.98
N GLN A 89 12.17 -2.05 -3.79
CA GLN A 89 12.15 -2.34 -5.25
C GLN A 89 13.57 -2.47 -5.80
N GLN A 90 14.38 -1.45 -5.67
CA GLN A 90 15.77 -1.53 -6.20
C GLN A 90 16.51 -2.67 -5.51
N SER A 91 16.09 -3.03 -4.33
CA SER A 91 16.77 -4.14 -3.60
C SER A 91 16.27 -5.48 -4.14
N GLY A 92 15.08 -5.50 -4.69
CA GLY A 92 14.53 -6.77 -5.25
C GLY A 92 13.76 -7.53 -4.17
N GLU A 93 13.85 -7.10 -2.94
CA GLU A 93 13.12 -7.81 -1.86
C GLU A 93 11.61 -7.58 -2.05
N LEU A 94 11.27 -6.49 -2.67
CA LEU A 94 9.83 -6.18 -2.91
C LEU A 94 9.16 -7.28 -3.72
N LEU A 95 9.59 -7.44 -4.94
CA LEU A 95 8.97 -8.49 -5.81
C LEU A 95 9.00 -9.82 -5.07
N THR A 96 10.00 -10.01 -4.26
CA THR A 96 10.08 -11.26 -3.49
C THR A 96 8.87 -11.32 -2.55
N ARG A 97 8.59 -10.26 -1.87
CA ARG A 97 7.42 -10.24 -0.94
C ARG A 97 6.16 -10.55 -1.77
N LEU A 98 6.10 -10.03 -2.96
CA LEU A 98 4.92 -10.30 -3.83
C LEU A 98 5.00 -11.75 -4.30
N LYS A 99 6.19 -12.24 -4.54
CA LYS A 99 6.37 -13.64 -5.04
C LYS A 99 5.94 -14.67 -3.99
N GLN A 100 6.47 -14.62 -2.79
CA GLN A 100 6.12 -15.63 -1.77
C GLN A 100 4.60 -15.79 -1.66
N ILE A 101 3.84 -14.73 -1.85
CA ILE A 101 2.36 -14.85 -1.74
C ILE A 101 1.75 -14.95 -3.14
N GLY A 102 2.54 -14.69 -4.16
CA GLY A 102 2.02 -14.78 -5.55
C GLY A 102 1.21 -13.54 -5.90
N ALA A 103 1.65 -12.38 -5.50
CA ALA A 103 0.90 -11.14 -5.82
C ALA A 103 1.32 -10.65 -7.21
N LEU A 104 2.47 -11.07 -7.68
CA LEU A 104 2.94 -10.64 -9.02
C LEU A 104 2.56 -11.71 -10.05
N GLN A 105 2.97 -11.55 -11.27
CA GLN A 105 2.63 -12.57 -12.31
C GLN A 105 3.59 -13.75 -12.19
N ALA A 1 -11.91 3.42 12.95
CA ALA A 1 -11.81 2.58 11.72
C ALA A 1 -11.20 1.22 12.08
N GLN A 2 -11.48 0.21 11.30
CA GLN A 2 -10.92 -1.14 11.60
C GLN A 2 -11.23 -2.09 10.44
N GLU A 3 -12.41 -2.65 10.41
CA GLU A 3 -12.76 -3.57 9.29
C GLU A 3 -12.60 -2.82 7.97
N PHE A 4 -12.39 -1.54 8.04
CA PHE A 4 -12.22 -0.73 6.79
C PHE A 4 -10.99 -1.21 6.02
N VAL A 5 -9.82 -0.99 6.56
CA VAL A 5 -8.59 -1.39 5.85
C VAL A 5 -8.41 -2.91 5.91
N ASN A 6 -8.71 -3.51 7.02
CA ASN A 6 -8.56 -4.98 7.12
C ASN A 6 -9.37 -5.64 6.01
N SER A 7 -10.50 -5.07 5.66
CA SER A 7 -11.32 -5.66 4.57
C SER A 7 -10.66 -5.37 3.22
N LYS A 8 -9.70 -4.49 3.19
CA LYS A 8 -9.03 -4.15 1.91
C LYS A 8 -7.73 -4.96 1.76
N ILE A 9 -6.91 -5.00 2.78
CA ILE A 9 -5.65 -5.79 2.68
C ILE A 9 -5.94 -7.27 2.92
N GLN A 10 -5.45 -8.11 2.06
CA GLN A 10 -5.67 -9.56 2.23
C GLN A 10 -4.47 -10.31 1.60
N PRO A 11 -4.24 -11.53 2.03
CA PRO A 11 -3.12 -12.33 1.52
C PRO A 11 -3.11 -12.38 -0.01
N GLY A 12 -1.99 -12.10 -0.60
CA GLY A 12 -1.88 -12.15 -2.08
C GLY A 12 -2.60 -10.95 -2.72
N LYS A 13 -2.67 -9.85 -2.04
CA LYS A 13 -3.34 -8.65 -2.63
C LYS A 13 -2.57 -7.39 -2.26
N VAL A 14 -2.31 -6.54 -3.22
CA VAL A 14 -1.57 -5.29 -2.94
C VAL A 14 -2.55 -4.12 -2.85
N VAL A 15 -2.39 -3.27 -1.89
CA VAL A 15 -3.30 -2.10 -1.75
C VAL A 15 -2.49 -0.91 -1.25
N VAL A 16 -2.81 0.27 -1.72
CA VAL A 16 -2.03 1.47 -1.31
C VAL A 16 -2.96 2.56 -0.76
N PHE A 17 -2.69 3.03 0.43
CA PHE A 17 -3.51 4.12 1.02
C PHE A 17 -2.85 5.45 0.69
N ILE A 18 -3.55 6.34 0.03
CA ILE A 18 -2.91 7.64 -0.36
C ILE A 18 -3.79 8.83 0.01
N LYS A 19 -3.35 9.99 -0.37
CA LYS A 19 -4.08 11.25 -0.14
C LYS A 19 -3.89 12.08 -1.42
N PRO A 20 -4.85 12.04 -2.31
CA PRO A 20 -4.72 12.75 -3.60
C PRO A 20 -4.32 14.21 -3.38
N THR A 21 -3.09 14.45 -2.99
CA THR A 21 -2.63 15.85 -2.77
C THR A 21 -1.11 15.87 -2.56
N CYS A 22 -0.55 14.85 -1.96
CA CYS A 22 0.92 14.84 -1.72
C CYS A 22 1.64 14.04 -2.85
N PRO A 23 2.71 14.60 -3.38
CA PRO A 23 3.48 13.95 -4.48
C PRO A 23 4.07 12.59 -4.08
N TYR A 24 4.28 12.34 -2.81
CA TYR A 24 4.88 11.03 -2.42
C TYR A 24 3.89 9.90 -2.71
N SER A 25 2.67 10.05 -2.31
CA SER A 25 1.69 8.98 -2.60
C SER A 25 1.61 8.80 -4.11
N ARG A 26 1.78 9.87 -4.83
CA ARG A 26 1.74 9.78 -6.31
C ARG A 26 2.89 8.87 -6.76
N ARG A 27 4.05 9.02 -6.18
CA ARG A 27 5.19 8.16 -6.58
C ARG A 27 4.80 6.69 -6.43
N ALA A 28 4.17 6.34 -5.34
CA ALA A 28 3.76 4.92 -5.15
C ALA A 28 2.79 4.53 -6.26
N GLN A 29 1.97 5.45 -6.67
CA GLN A 29 0.99 5.15 -7.76
C GLN A 29 1.74 4.99 -9.08
N GLU A 30 2.70 5.82 -9.32
CA GLU A 30 3.46 5.77 -10.59
C GLU A 30 4.40 4.56 -10.64
N ILE A 31 5.03 4.22 -9.54
CA ILE A 31 5.98 3.07 -9.55
C ILE A 31 5.19 1.76 -9.64
N LEU A 32 4.31 1.50 -8.72
CA LEU A 32 3.53 0.24 -8.79
C LEU A 32 2.74 0.20 -10.09
N SER A 33 2.53 1.31 -10.71
CA SER A 33 1.78 1.31 -12.00
C SER A 33 2.60 0.57 -13.05
N GLN A 34 3.90 0.58 -12.91
CA GLN A 34 4.79 -0.10 -13.90
C GLN A 34 5.06 -1.55 -13.46
N LEU A 35 4.51 -1.96 -12.35
CA LEU A 35 4.74 -3.37 -11.90
C LEU A 35 3.67 -4.28 -12.53
N PRO A 36 4.08 -5.36 -13.15
CA PRO A 36 3.12 -6.29 -13.78
C PRO A 36 2.33 -7.02 -12.71
N ILE A 37 1.50 -6.30 -11.99
CA ILE A 37 0.71 -6.96 -10.93
C ILE A 37 -0.46 -7.71 -11.58
N LYS A 38 -0.91 -8.77 -10.98
CA LYS A 38 -2.01 -9.56 -11.57
C LYS A 38 -3.21 -8.66 -11.90
N GLN A 39 -4.32 -9.25 -12.22
CA GLN A 39 -5.53 -8.46 -12.60
C GLN A 39 -5.87 -7.41 -11.55
N GLY A 40 -7.08 -7.45 -11.03
CA GLY A 40 -7.51 -6.44 -10.03
C GLY A 40 -6.82 -6.69 -8.69
N LEU A 41 -5.53 -6.87 -8.71
CA LEU A 41 -4.80 -7.11 -7.42
C LEU A 41 -4.24 -5.80 -6.90
N LEU A 42 -3.85 -4.94 -7.80
CA LEU A 42 -3.27 -3.64 -7.39
C LEU A 42 -4.37 -2.58 -7.33
N GLU A 43 -4.39 -1.83 -6.27
CA GLU A 43 -5.43 -0.77 -6.14
C GLU A 43 -4.82 0.45 -5.46
N PHE A 44 -5.57 1.51 -5.37
CA PHE A 44 -5.07 2.75 -4.70
C PHE A 44 -6.21 3.27 -3.83
N VAL A 45 -6.06 3.18 -2.53
CA VAL A 45 -7.16 3.60 -1.61
C VAL A 45 -6.96 5.04 -1.12
N ASP A 46 -7.76 5.95 -1.63
CA ASP A 46 -7.67 7.37 -1.20
C ASP A 46 -8.46 7.53 0.11
N ILE A 47 -7.77 7.55 1.23
CA ILE A 47 -8.49 7.68 2.53
C ILE A 47 -9.19 9.04 2.66
N THR A 48 -9.12 9.85 1.64
CA THR A 48 -9.80 11.18 1.73
C THR A 48 -11.19 11.05 1.10
N ALA A 49 -11.32 10.19 0.11
CA ALA A 49 -12.64 9.99 -0.54
C ALA A 49 -13.50 9.05 0.29
N THR A 50 -13.22 8.94 1.57
CA THR A 50 -14.03 8.02 2.43
C THR A 50 -14.25 8.66 3.81
N ASN A 51 -13.70 9.83 4.03
CA ASN A 51 -13.88 10.52 5.34
C ASN A 51 -13.22 9.71 6.47
N HIS A 52 -13.48 10.06 7.69
CA HIS A 52 -12.84 9.34 8.83
C HIS A 52 -11.34 9.31 8.58
N THR A 53 -10.86 10.18 7.74
CA THR A 53 -9.41 10.22 7.41
C THR A 53 -8.56 9.89 8.64
N ASN A 54 -8.65 10.70 9.66
CA ASN A 54 -7.83 10.45 10.89
C ASN A 54 -8.08 9.04 11.43
N GLU A 55 -9.29 8.56 11.37
CA GLU A 55 -9.57 7.20 11.92
C GLU A 55 -8.75 6.15 11.15
N ILE A 56 -8.70 6.23 9.85
CA ILE A 56 -7.91 5.21 9.09
C ILE A 56 -6.42 5.37 9.42
N GLN A 57 -5.87 6.55 9.26
CA GLN A 57 -4.42 6.71 9.58
C GLN A 57 -4.22 6.29 11.02
N ASP A 58 -5.10 6.74 11.88
CA ASP A 58 -4.98 6.37 13.30
C ASP A 58 -4.91 4.85 13.36
N TYR A 59 -5.60 4.19 12.48
CA TYR A 59 -5.56 2.70 12.45
C TYR A 59 -4.26 2.25 11.78
N LEU A 60 -3.92 2.83 10.65
CA LEU A 60 -2.66 2.41 9.97
C LEU A 60 -1.52 2.50 10.99
N GLN A 61 -1.56 3.50 11.81
CA GLN A 61 -0.50 3.66 12.84
C GLN A 61 -0.46 2.39 13.69
N GLN A 62 -1.57 2.03 14.26
CA GLN A 62 -1.61 0.80 15.11
C GLN A 62 -1.40 -0.44 14.23
N LEU A 63 -1.80 -0.37 12.99
CA LEU A 63 -1.62 -1.54 12.07
C LEU A 63 -0.13 -1.81 11.87
N THR A 64 0.54 -0.93 11.21
CA THR A 64 2.00 -1.12 10.95
C THR A 64 2.82 -0.23 11.89
N GLY A 65 2.55 1.05 11.93
CA GLY A 65 3.33 1.92 12.85
C GLY A 65 3.37 3.36 12.34
N ALA A 66 3.58 3.55 11.06
CA ALA A 66 3.67 4.94 10.53
C ALA A 66 2.32 5.39 9.96
N ARG A 67 2.00 6.65 10.11
CA ARG A 67 0.72 7.18 9.58
C ARG A 67 1.04 8.15 8.42
N THR A 68 2.17 7.96 7.81
CA THR A 68 2.60 8.85 6.69
C THR A 68 1.95 8.40 5.37
N VAL A 69 2.07 9.21 4.35
CA VAL A 69 1.50 8.85 3.01
C VAL A 69 2.68 8.58 2.05
N PRO A 70 2.65 7.49 1.31
CA PRO A 70 1.58 6.47 1.32
C PRO A 70 1.78 5.44 2.44
N ARG A 71 1.02 4.38 2.35
CA ARG A 71 1.11 3.25 3.32
C ARG A 71 0.80 1.99 2.51
N VAL A 72 1.80 1.37 1.95
CA VAL A 72 1.59 0.18 1.07
C VAL A 72 1.46 -1.11 1.90
N PHE A 73 0.79 -2.10 1.34
CA PHE A 73 0.60 -3.38 2.07
C PHE A 73 0.68 -4.58 1.14
N ILE A 74 1.83 -5.15 0.96
CA ILE A 74 1.90 -6.37 0.10
C ILE A 74 1.25 -7.47 0.92
N GLY A 75 0.13 -8.00 0.50
CA GLY A 75 -0.54 -9.01 1.35
C GLY A 75 -0.78 -8.34 2.70
N LYS A 76 -0.98 -9.07 3.76
CA LYS A 76 -1.18 -8.38 5.06
C LYS A 76 0.17 -7.92 5.60
N ASP A 77 1.22 -8.15 4.85
CA ASP A 77 2.59 -7.73 5.29
C ASP A 77 2.87 -6.30 4.84
N SER A 78 2.96 -5.37 5.75
CA SER A 78 3.24 -3.95 5.37
C SER A 78 4.73 -3.77 5.03
N ILE A 79 5.04 -2.93 4.06
CA ILE A 79 6.47 -2.70 3.70
C ILE A 79 6.88 -1.31 4.18
N GLY A 80 5.92 -0.43 4.40
CA GLY A 80 6.26 0.95 4.87
C GLY A 80 5.54 1.98 4.02
N GLY A 81 6.16 3.12 3.82
CA GLY A 81 5.53 4.20 3.01
C GLY A 81 6.15 4.24 1.61
N SER A 82 6.30 5.42 1.06
CA SER A 82 6.89 5.55 -0.29
C SER A 82 8.38 5.26 -0.25
N SER A 83 9.11 6.06 0.49
CA SER A 83 10.58 5.84 0.58
C SER A 83 10.87 4.40 0.96
N ASP A 84 9.93 3.75 1.60
CA ASP A 84 10.13 2.33 1.99
C ASP A 84 10.01 1.43 0.76
N LEU A 85 8.93 1.58 0.03
CA LEU A 85 8.73 0.75 -1.18
C LEU A 85 9.97 0.80 -2.08
N VAL A 86 10.33 1.97 -2.52
CA VAL A 86 11.51 2.09 -3.43
C VAL A 86 12.71 1.36 -2.82
N SER A 87 13.03 1.63 -1.59
CA SER A 87 14.19 0.95 -0.97
C SER A 87 14.13 -0.55 -1.31
N LEU A 88 12.95 -1.10 -1.34
CA LEU A 88 12.79 -2.54 -1.66
C LEU A 88 12.81 -2.78 -3.18
N GLN A 89 12.17 -1.94 -3.94
CA GLN A 89 12.12 -2.15 -5.42
C GLN A 89 13.54 -2.20 -6.01
N GLN A 90 14.30 -1.16 -5.84
CA GLN A 90 15.68 -1.16 -6.41
C GLN A 90 16.49 -2.30 -5.79
N SER A 91 16.11 -2.72 -4.62
CA SER A 91 16.85 -3.83 -3.97
C SER A 91 16.39 -5.17 -4.56
N GLY A 92 15.10 -5.34 -4.70
CA GLY A 92 14.57 -6.60 -5.28
C GLY A 92 13.80 -7.40 -4.22
N GLU A 93 13.88 -7.01 -2.99
CA GLU A 93 13.15 -7.74 -1.92
C GLU A 93 11.65 -7.50 -2.11
N LEU A 94 11.31 -6.42 -2.72
CA LEU A 94 9.87 -6.08 -2.97
C LEU A 94 9.20 -7.16 -3.81
N LEU A 95 9.65 -7.32 -5.02
CA LEU A 95 9.02 -8.33 -5.91
C LEU A 95 9.02 -9.69 -5.19
N THR A 96 9.97 -9.88 -4.33
CA THR A 96 10.03 -11.16 -3.59
C THR A 96 8.81 -11.25 -2.67
N ARG A 97 8.54 -10.22 -1.90
CA ARG A 97 7.35 -10.27 -1.00
C ARG A 97 6.12 -10.48 -1.87
N LEU A 98 6.13 -9.99 -3.08
CA LEU A 98 5.00 -10.20 -3.99
C LEU A 98 5.03 -11.67 -4.44
N LYS A 99 6.21 -12.16 -4.71
CA LYS A 99 6.36 -13.57 -5.19
C LYS A 99 5.92 -14.59 -4.12
N GLN A 100 6.44 -14.50 -2.92
CA GLN A 100 6.05 -15.50 -1.88
C GLN A 100 4.53 -15.63 -1.80
N ILE A 101 3.78 -14.58 -2.02
CA ILE A 101 2.30 -14.69 -1.95
C ILE A 101 1.76 -14.82 -3.37
N GLY A 102 2.55 -14.46 -4.34
CA GLY A 102 2.10 -14.57 -5.77
C GLY A 102 1.25 -13.36 -6.14
N ALA A 103 1.67 -12.19 -5.77
CA ALA A 103 0.88 -10.97 -6.11
C ALA A 103 1.27 -10.48 -7.51
N LEU A 104 2.35 -10.97 -8.03
CA LEU A 104 2.80 -10.54 -9.38
C LEU A 104 2.29 -11.52 -10.44
N GLN A 105 2.68 -11.32 -11.68
CA GLN A 105 2.22 -12.24 -12.76
C GLN A 105 3.02 -13.53 -12.71
N ALA A 1 -11.83 3.54 12.90
CA ALA A 1 -11.61 2.75 11.66
C ALA A 1 -11.10 1.36 12.02
N GLN A 2 -11.60 0.34 11.37
CA GLN A 2 -11.13 -1.04 11.67
C GLN A 2 -11.47 -1.95 10.49
N GLU A 3 -12.70 -2.39 10.38
CA GLU A 3 -13.09 -3.26 9.24
C GLU A 3 -12.82 -2.53 7.92
N PHE A 4 -12.51 -1.27 7.99
CA PHE A 4 -12.26 -0.48 6.76
C PHE A 4 -11.04 -1.02 5.99
N VAL A 5 -9.87 -0.84 6.54
CA VAL A 5 -8.65 -1.30 5.83
C VAL A 5 -8.55 -2.83 5.88
N ASN A 6 -8.89 -3.43 6.98
CA ASN A 6 -8.80 -4.91 7.07
C ASN A 6 -9.60 -5.54 5.93
N SER A 7 -10.69 -4.93 5.54
CA SER A 7 -11.50 -5.51 4.43
C SER A 7 -10.80 -5.28 3.09
N LYS A 8 -9.81 -4.42 3.06
CA LYS A 8 -9.12 -4.14 1.76
C LYS A 8 -7.83 -4.97 1.65
N ILE A 9 -7.04 -5.02 2.68
CA ILE A 9 -5.77 -5.81 2.60
C ILE A 9 -6.06 -7.30 2.81
N GLN A 10 -5.58 -8.10 1.91
CA GLN A 10 -5.78 -9.56 2.02
C GLN A 10 -4.58 -10.26 1.36
N PRO A 11 -4.34 -11.50 1.72
CA PRO A 11 -3.20 -12.26 1.16
C PRO A 11 -3.25 -12.33 -0.36
N GLY A 12 -2.13 -12.12 -1.00
CA GLY A 12 -2.08 -12.18 -2.49
C GLY A 12 -2.76 -10.96 -3.11
N LYS A 13 -2.78 -9.86 -2.42
CA LYS A 13 -3.42 -8.64 -2.99
C LYS A 13 -2.61 -7.39 -2.60
N VAL A 14 -2.31 -6.54 -3.55
CA VAL A 14 -1.54 -5.31 -3.24
C VAL A 14 -2.51 -4.14 -3.14
N VAL A 15 -2.45 -3.40 -2.06
CA VAL A 15 -3.36 -2.24 -1.88
C VAL A 15 -2.55 -1.05 -1.35
N VAL A 16 -2.84 0.13 -1.80
CA VAL A 16 -2.06 1.32 -1.35
C VAL A 16 -2.99 2.40 -0.78
N PHE A 17 -2.74 2.84 0.43
CA PHE A 17 -3.56 3.92 1.04
C PHE A 17 -2.87 5.26 0.73
N ILE A 18 -3.53 6.13 0.03
CA ILE A 18 -2.89 7.43 -0.36
C ILE A 18 -3.78 8.61 0.01
N LYS A 19 -3.36 9.77 -0.41
CA LYS A 19 -4.11 11.02 -0.17
C LYS A 19 -3.87 11.91 -1.38
N PRO A 20 -4.67 11.74 -2.40
CA PRO A 20 -4.50 12.49 -3.66
C PRO A 20 -4.23 13.97 -3.38
N THR A 21 -3.02 14.28 -3.01
CA THR A 21 -2.64 15.69 -2.71
C THR A 21 -1.14 15.72 -2.45
N CYS A 22 -0.62 14.66 -1.88
CA CYS A 22 0.84 14.60 -1.57
C CYS A 22 1.56 13.83 -2.71
N PRO A 23 2.57 14.44 -3.29
CA PRO A 23 3.33 13.80 -4.40
C PRO A 23 3.93 12.44 -3.99
N TYR A 24 4.15 12.20 -2.73
CA TYR A 24 4.72 10.88 -2.30
C TYR A 24 3.66 9.80 -2.51
N SER A 25 2.43 10.12 -2.23
CA SER A 25 1.36 9.12 -2.43
C SER A 25 1.28 8.83 -3.92
N ARG A 26 1.48 9.85 -4.72
CA ARG A 26 1.45 9.66 -6.20
C ARG A 26 2.62 8.76 -6.61
N ARG A 27 3.77 8.97 -6.04
CA ARG A 27 4.94 8.12 -6.41
C ARG A 27 4.54 6.66 -6.30
N ALA A 28 3.87 6.29 -5.24
CA ALA A 28 3.43 4.88 -5.09
C ALA A 28 2.52 4.52 -6.27
N GLN A 29 1.69 5.44 -6.68
CA GLN A 29 0.76 5.18 -7.81
C GLN A 29 1.56 5.13 -9.11
N GLU A 30 2.44 6.07 -9.31
CA GLU A 30 3.24 6.10 -10.57
C GLU A 30 4.25 4.95 -10.60
N ILE A 31 4.79 4.56 -9.47
CA ILE A 31 5.79 3.46 -9.47
C ILE A 31 5.11 2.10 -9.60
N LEU A 32 4.23 1.74 -8.72
CA LEU A 32 3.56 0.42 -8.83
C LEU A 32 2.84 0.32 -10.17
N SER A 33 2.53 1.44 -10.77
CA SER A 33 1.84 1.40 -12.08
C SER A 33 2.77 0.74 -13.10
N GLN A 34 4.05 0.76 -12.83
CA GLN A 34 5.04 0.14 -13.77
C GLN A 34 5.31 -1.30 -13.37
N LEU A 35 4.72 -1.77 -12.29
CA LEU A 35 4.96 -3.17 -11.86
C LEU A 35 3.93 -4.09 -12.55
N PRO A 36 4.39 -5.16 -13.17
CA PRO A 36 3.50 -6.10 -13.86
C PRO A 36 2.63 -6.84 -12.85
N ILE A 37 1.75 -6.14 -12.20
CA ILE A 37 0.87 -6.80 -11.20
C ILE A 37 -0.28 -7.49 -11.94
N LYS A 38 -0.78 -8.57 -11.40
CA LYS A 38 -1.88 -9.30 -12.08
C LYS A 38 -3.03 -8.34 -12.39
N GLN A 39 -4.15 -8.87 -12.80
CA GLN A 39 -5.32 -8.02 -13.14
C GLN A 39 -5.67 -7.02 -12.03
N GLY A 40 -6.88 -7.06 -11.54
CA GLY A 40 -7.29 -6.11 -10.49
C GLY A 40 -6.65 -6.47 -9.15
N LEU A 41 -5.37 -6.66 -9.12
CA LEU A 41 -4.68 -7.00 -7.84
C LEU A 41 -4.06 -5.72 -7.26
N LEU A 42 -3.74 -4.80 -8.11
CA LEU A 42 -3.13 -3.54 -7.65
C LEU A 42 -4.23 -2.48 -7.53
N GLU A 43 -4.29 -1.79 -6.42
CA GLU A 43 -5.35 -0.77 -6.25
C GLU A 43 -4.78 0.45 -5.53
N PHE A 44 -5.56 1.49 -5.43
CA PHE A 44 -5.11 2.72 -4.74
C PHE A 44 -6.26 3.20 -3.85
N VAL A 45 -6.10 3.09 -2.56
CA VAL A 45 -7.21 3.46 -1.64
C VAL A 45 -7.06 4.90 -1.13
N ASP A 46 -7.84 5.80 -1.67
CA ASP A 46 -7.78 7.22 -1.22
C ASP A 46 -8.62 7.36 0.06
N ILE A 47 -7.98 7.39 1.20
CA ILE A 47 -8.74 7.50 2.49
C ILE A 47 -9.50 8.81 2.57
N THR A 48 -9.39 9.66 1.57
CA THR A 48 -10.13 10.96 1.63
C THR A 48 -11.50 10.79 0.96
N ALA A 49 -11.66 9.72 0.23
CA ALA A 49 -12.97 9.49 -0.45
C ALA A 49 -13.99 8.97 0.58
N THR A 50 -13.64 8.98 1.83
CA THR A 50 -14.59 8.48 2.87
C THR A 50 -14.47 9.33 4.13
N ASN A 51 -13.59 10.30 4.13
CA ASN A 51 -13.43 11.15 5.33
C ASN A 51 -12.83 10.28 6.45
N HIS A 52 -13.02 10.65 7.69
CA HIS A 52 -12.46 9.80 8.78
C HIS A 52 -10.96 9.65 8.54
N THR A 53 -10.40 10.42 7.66
CA THR A 53 -8.95 10.32 7.34
C THR A 53 -8.13 10.04 8.61
N ASN A 54 -8.15 10.94 9.55
CA ASN A 54 -7.35 10.74 10.80
C ASN A 54 -7.69 9.39 11.43
N GLU A 55 -8.91 8.94 11.31
CA GLU A 55 -9.28 7.64 11.93
C GLU A 55 -8.51 6.51 11.23
N ILE A 56 -8.45 6.51 9.92
CA ILE A 56 -7.72 5.42 9.22
C ILE A 56 -6.22 5.54 9.51
N GLN A 57 -5.65 6.70 9.35
CA GLN A 57 -4.20 6.83 9.66
C GLN A 57 -4.00 6.43 11.11
N ASP A 58 -4.89 6.87 11.95
CA ASP A 58 -4.79 6.49 13.38
C ASP A 58 -4.78 4.96 13.44
N TYR A 59 -5.48 4.34 12.53
CA TYR A 59 -5.50 2.86 12.49
C TYR A 59 -4.22 2.36 11.83
N LEU A 60 -3.88 2.86 10.67
CA LEU A 60 -2.62 2.41 10.00
C LEU A 60 -1.47 2.59 10.98
N GLN A 61 -1.57 3.59 11.81
CA GLN A 61 -0.50 3.85 12.80
C GLN A 61 -0.34 2.62 13.72
N GLN A 62 -1.40 2.18 14.33
CA GLN A 62 -1.28 1.01 15.26
C GLN A 62 -0.94 -0.27 14.48
N LEU A 63 -1.66 -0.56 13.43
CA LEU A 63 -1.38 -1.81 12.66
C LEU A 63 0.01 -1.75 12.01
N THR A 64 0.44 -0.59 11.61
CA THR A 64 1.78 -0.48 10.96
C THR A 64 2.76 0.20 11.90
N GLY A 65 2.53 1.45 12.19
CA GLY A 65 3.44 2.19 13.10
C GLY A 65 3.60 3.62 12.58
N ALA A 66 3.73 3.77 11.28
CA ALA A 66 3.88 5.13 10.70
C ALA A 66 2.53 5.61 10.17
N ARG A 67 2.23 6.86 10.34
CA ARG A 67 0.96 7.43 9.84
C ARG A 67 1.24 8.29 8.61
N THR A 68 2.32 7.99 7.93
CA THR A 68 2.73 8.78 6.74
C THR A 68 1.99 8.31 5.48
N VAL A 69 2.09 9.09 4.42
CA VAL A 69 1.45 8.71 3.14
C VAL A 69 2.57 8.42 2.13
N PRO A 70 2.45 7.36 1.38
CA PRO A 70 1.35 6.38 1.45
C PRO A 70 1.57 5.32 2.52
N ARG A 71 0.83 4.26 2.40
CA ARG A 71 0.95 3.09 3.32
C ARG A 71 0.67 1.86 2.44
N VAL A 72 1.71 1.22 1.98
CA VAL A 72 1.54 0.05 1.05
C VAL A 72 1.36 -1.25 1.83
N PHE A 73 0.75 -2.23 1.21
CA PHE A 73 0.52 -3.54 1.90
C PHE A 73 0.63 -4.72 0.93
N ILE A 74 1.78 -5.29 0.76
CA ILE A 74 1.86 -6.49 -0.13
C ILE A 74 1.18 -7.62 0.65
N GLY A 75 0.06 -8.08 0.21
CA GLY A 75 -0.65 -9.11 1.01
C GLY A 75 -0.93 -8.45 2.36
N LYS A 76 -1.05 -9.19 3.41
CA LYS A 76 -1.30 -8.52 4.73
C LYS A 76 0.04 -8.06 5.30
N ASP A 77 1.11 -8.27 4.58
CA ASP A 77 2.46 -7.85 5.06
C ASP A 77 2.75 -6.40 4.65
N SER A 78 2.85 -5.52 5.60
CA SER A 78 3.14 -4.09 5.29
C SER A 78 4.64 -3.94 4.92
N ILE A 79 4.95 -3.05 4.01
CA ILE A 79 6.39 -2.84 3.64
C ILE A 79 6.83 -1.46 4.11
N GLY A 80 5.91 -0.58 4.42
CA GLY A 80 6.29 0.79 4.89
C GLY A 80 5.56 1.85 4.07
N GLY A 81 6.17 3.00 3.90
CA GLY A 81 5.53 4.09 3.11
C GLY A 81 6.11 4.14 1.70
N SER A 82 6.19 5.31 1.14
CA SER A 82 6.73 5.44 -0.25
C SER A 82 8.24 5.20 -0.24
N SER A 83 8.98 6.02 0.43
CA SER A 83 10.46 5.85 0.46
C SER A 83 10.78 4.42 0.87
N ASP A 84 9.89 3.78 1.57
CA ASP A 84 10.13 2.38 1.99
C ASP A 84 9.96 1.45 0.78
N LEU A 85 8.90 1.63 0.04
CA LEU A 85 8.66 0.77 -1.15
C LEU A 85 9.87 0.82 -2.09
N VAL A 86 10.21 1.98 -2.56
CA VAL A 86 11.36 2.10 -3.50
C VAL A 86 12.60 1.41 -2.94
N SER A 87 12.95 1.70 -1.71
CA SER A 87 14.15 1.04 -1.13
C SER A 87 14.09 -0.46 -1.42
N LEU A 88 12.92 -1.03 -1.37
CA LEU A 88 12.78 -2.50 -1.62
C LEU A 88 12.74 -2.82 -3.12
N GLN A 89 12.09 -2.00 -3.91
CA GLN A 89 11.97 -2.31 -5.37
C GLN A 89 13.35 -2.43 -6.01
N GLN A 90 14.13 -1.38 -5.97
CA GLN A 90 15.48 -1.44 -6.61
C GLN A 90 16.31 -2.52 -5.92
N SER A 91 15.91 -2.93 -4.75
CA SER A 91 16.68 -4.00 -4.05
C SER A 91 16.28 -5.36 -4.61
N GLY A 92 15.03 -5.73 -4.46
CA GLY A 92 14.56 -7.03 -5.00
C GLY A 92 13.71 -7.75 -3.95
N GLU A 93 13.74 -7.30 -2.72
CA GLU A 93 12.93 -7.96 -1.68
C GLU A 93 11.45 -7.70 -1.96
N LEU A 94 11.16 -6.58 -2.57
CA LEU A 94 9.75 -6.23 -2.89
C LEU A 94 9.11 -7.28 -3.79
N LEU A 95 9.62 -7.43 -4.99
CA LEU A 95 9.02 -8.41 -5.92
C LEU A 95 8.99 -9.78 -5.23
N THR A 96 9.92 -10.00 -4.35
CA THR A 96 9.94 -11.30 -3.63
C THR A 96 8.68 -11.42 -2.78
N ARG A 97 8.36 -10.41 -2.02
CA ARG A 97 7.13 -10.48 -1.17
C ARG A 97 5.94 -10.67 -2.10
N LEU A 98 6.01 -10.13 -3.28
CA LEU A 98 4.91 -10.31 -4.25
C LEU A 98 4.93 -11.76 -4.75
N LYS A 99 6.12 -12.27 -4.95
CA LYS A 99 6.28 -13.67 -5.46
C LYS A 99 5.78 -14.71 -4.45
N GLN A 100 6.27 -14.68 -3.24
CA GLN A 100 5.83 -15.71 -2.24
C GLN A 100 4.31 -15.83 -2.20
N ILE A 101 3.58 -14.76 -2.42
CA ILE A 101 2.09 -14.86 -2.40
C ILE A 101 1.58 -14.94 -3.83
N GLY A 102 2.40 -14.61 -4.78
CA GLY A 102 1.97 -14.67 -6.20
C GLY A 102 1.16 -13.42 -6.57
N ALA A 103 1.60 -12.27 -6.16
CA ALA A 103 0.84 -11.03 -6.49
C ALA A 103 1.27 -10.52 -7.87
N LEU A 104 2.38 -10.99 -8.36
CA LEU A 104 2.86 -10.53 -9.70
C LEU A 104 2.40 -11.52 -10.77
N GLN A 105 2.74 -11.26 -12.00
CA GLN A 105 2.34 -12.18 -13.10
C GLN A 105 3.24 -13.41 -13.12
N ALA A 1 -11.82 2.57 12.57
CA ALA A 1 -11.71 2.17 11.14
C ALA A 1 -11.09 0.77 11.06
N GLN A 2 -11.68 -0.20 11.72
CA GLN A 2 -11.11 -1.58 11.67
C GLN A 2 -11.46 -2.24 10.34
N GLU A 3 -12.70 -2.58 10.14
CA GLU A 3 -13.10 -3.25 8.87
C GLU A 3 -12.74 -2.35 7.68
N PHE A 4 -12.36 -1.14 7.93
CA PHE A 4 -12.01 -0.20 6.82
C PHE A 4 -10.82 -0.75 6.03
N VAL A 5 -9.64 -0.65 6.56
CA VAL A 5 -8.45 -1.13 5.80
C VAL A 5 -8.41 -2.66 5.82
N ASN A 6 -8.82 -3.27 6.89
CA ASN A 6 -8.81 -4.76 6.94
C ASN A 6 -9.63 -5.32 5.77
N SER A 7 -10.69 -4.64 5.40
CA SER A 7 -11.53 -5.15 4.27
C SER A 7 -10.82 -4.88 2.94
N LYS A 8 -9.79 -4.06 2.95
CA LYS A 8 -9.08 -3.75 1.67
C LYS A 8 -7.84 -4.63 1.52
N ILE A 9 -7.04 -4.73 2.55
CA ILE A 9 -5.81 -5.59 2.44
C ILE A 9 -6.16 -7.06 2.62
N GLN A 10 -5.64 -7.89 1.76
CA GLN A 10 -5.90 -9.35 1.86
C GLN A 10 -4.68 -10.08 1.26
N PRO A 11 -4.52 -11.34 1.60
CA PRO A 11 -3.37 -12.13 1.11
C PRO A 11 -3.37 -12.22 -0.41
N GLY A 12 -2.25 -11.93 -1.01
CA GLY A 12 -2.15 -12.02 -2.50
C GLY A 12 -2.75 -10.79 -3.17
N LYS A 13 -2.85 -9.68 -2.47
CA LYS A 13 -3.42 -8.46 -3.09
C LYS A 13 -2.64 -7.23 -2.64
N VAL A 14 -2.29 -6.37 -3.56
CA VAL A 14 -1.53 -5.15 -3.19
C VAL A 14 -2.49 -3.95 -3.12
N VAL A 15 -2.39 -3.17 -2.08
CA VAL A 15 -3.27 -1.98 -1.94
C VAL A 15 -2.45 -0.82 -1.37
N VAL A 16 -2.70 0.37 -1.84
CA VAL A 16 -1.91 1.54 -1.36
C VAL A 16 -2.81 2.62 -0.77
N PHE A 17 -2.56 3.00 0.45
CA PHE A 17 -3.37 4.09 1.09
C PHE A 17 -2.66 5.41 0.82
N ILE A 18 -3.31 6.33 0.17
CA ILE A 18 -2.63 7.63 -0.17
C ILE A 18 -3.51 8.84 0.16
N LYS A 19 -3.05 9.97 -0.29
CA LYS A 19 -3.77 11.25 -0.09
C LYS A 19 -3.49 12.09 -1.35
N PRO A 20 -4.39 12.06 -2.30
CA PRO A 20 -4.17 12.78 -3.56
C PRO A 20 -3.77 14.24 -3.29
N THR A 21 -2.52 14.47 -3.02
CA THR A 21 -2.06 15.86 -2.75
C THR A 21 -0.55 15.86 -2.48
N CYS A 22 -0.03 14.80 -1.89
CA CYS A 22 1.44 14.76 -1.61
C CYS A 22 2.15 13.97 -2.73
N PRO A 23 3.10 14.60 -3.39
CA PRO A 23 3.85 13.96 -4.50
C PRO A 23 4.49 12.61 -4.09
N TYR A 24 4.51 12.28 -2.83
CA TYR A 24 5.14 10.98 -2.44
C TYR A 24 4.22 9.82 -2.83
N SER A 25 2.96 9.88 -2.48
CA SER A 25 2.08 8.76 -2.86
C SER A 25 2.05 8.66 -4.38
N ARG A 26 2.29 9.76 -5.04
CA ARG A 26 2.31 9.72 -6.52
C ARG A 26 3.45 8.80 -6.96
N ARG A 27 4.55 8.84 -6.25
CA ARG A 27 5.70 7.96 -6.61
C ARG A 27 5.25 6.50 -6.54
N ALA A 28 4.63 6.12 -5.45
CA ALA A 28 4.18 4.71 -5.32
C ALA A 28 3.21 4.40 -6.46
N GLN A 29 2.41 5.36 -6.85
CA GLN A 29 1.45 5.12 -7.95
C GLN A 29 2.20 4.99 -9.28
N GLU A 30 3.17 5.82 -9.49
CA GLU A 30 3.95 5.77 -10.76
C GLU A 30 4.86 4.55 -10.79
N ILE A 31 5.45 4.19 -9.68
CA ILE A 31 6.38 3.02 -9.69
C ILE A 31 5.58 1.71 -9.73
N LEU A 32 4.67 1.49 -8.82
CA LEU A 32 3.90 0.22 -8.88
C LEU A 32 3.18 0.14 -10.21
N SER A 33 2.97 1.25 -10.85
CA SER A 33 2.29 1.23 -12.17
C SER A 33 3.19 0.51 -13.17
N GLN A 34 4.49 0.58 -12.98
CA GLN A 34 5.43 -0.10 -13.91
C GLN A 34 5.68 -1.53 -13.43
N LEU A 35 5.06 -1.92 -12.34
CA LEU A 35 5.27 -3.31 -11.83
C LEU A 35 4.22 -4.23 -12.48
N PRO A 36 4.66 -5.36 -13.00
CA PRO A 36 3.75 -6.32 -13.67
C PRO A 36 2.82 -6.97 -12.64
N ILE A 37 1.95 -6.21 -12.06
CA ILE A 37 1.02 -6.79 -11.06
C ILE A 37 -0.14 -7.46 -11.82
N LYS A 38 -0.67 -8.53 -11.29
CA LYS A 38 -1.77 -9.25 -11.99
C LYS A 38 -2.92 -8.28 -12.31
N GLN A 39 -4.05 -8.84 -12.66
CA GLN A 39 -5.24 -8.00 -13.03
C GLN A 39 -5.56 -6.97 -11.94
N GLY A 40 -6.82 -6.86 -11.59
CA GLY A 40 -7.24 -5.87 -10.55
C GLY A 40 -6.63 -6.22 -9.20
N LEU A 41 -5.35 -6.45 -9.15
CA LEU A 41 -4.69 -6.79 -7.87
C LEU A 41 -4.07 -5.53 -7.28
N LEU A 42 -3.68 -4.64 -8.14
CA LEU A 42 -3.06 -3.37 -7.67
C LEU A 42 -4.13 -2.29 -7.58
N GLU A 43 -4.17 -1.58 -6.50
CA GLU A 43 -5.20 -0.52 -6.33
C GLU A 43 -4.59 0.67 -5.59
N PHE A 44 -5.29 1.77 -5.55
CA PHE A 44 -4.79 2.97 -4.82
C PHE A 44 -5.95 3.47 -3.95
N VAL A 45 -5.83 3.32 -2.66
CA VAL A 45 -6.95 3.73 -1.76
C VAL A 45 -6.77 5.16 -1.23
N ASP A 46 -7.52 6.09 -1.79
CA ASP A 46 -7.45 7.51 -1.32
C ASP A 46 -8.32 7.64 -0.07
N ILE A 47 -7.71 7.67 1.08
CA ILE A 47 -8.49 7.75 2.35
C ILE A 47 -9.30 9.05 2.43
N THR A 48 -9.24 9.91 1.44
CA THR A 48 -10.02 11.18 1.51
C THR A 48 -11.35 11.00 0.76
N ALA A 49 -11.39 10.10 -0.19
CA ALA A 49 -12.65 9.87 -0.95
C ALA A 49 -13.61 9.02 -0.12
N THR A 50 -13.41 8.98 1.18
CA THR A 50 -14.31 8.16 2.05
C THR A 50 -14.53 8.89 3.37
N ASN A 51 -13.98 10.06 3.53
CA ASN A 51 -14.16 10.79 4.82
C ASN A 51 -13.47 9.99 5.92
N HIS A 52 -13.55 10.40 7.16
CA HIS A 52 -12.87 9.62 8.24
C HIS A 52 -11.37 9.59 7.94
N THR A 53 -10.90 10.50 7.14
CA THR A 53 -9.45 10.51 6.78
C THR A 53 -8.58 10.25 8.01
N ASN A 54 -8.65 11.10 9.01
CA ASN A 54 -7.81 10.92 10.21
C ASN A 54 -8.08 9.56 10.88
N GLU A 55 -9.28 9.07 10.82
CA GLU A 55 -9.58 7.76 11.46
C GLU A 55 -8.73 6.66 10.82
N ILE A 56 -8.64 6.62 9.52
CA ILE A 56 -7.84 5.55 8.87
C ILE A 56 -6.36 5.73 9.24
N GLN A 57 -5.80 6.89 9.03
CA GLN A 57 -4.38 7.07 9.39
C GLN A 57 -4.23 6.72 10.86
N ASP A 58 -5.14 7.21 11.66
CA ASP A 58 -5.09 6.89 13.10
C ASP A 58 -5.08 5.37 13.22
N TYR A 59 -5.76 4.71 12.31
CA TYR A 59 -5.79 3.23 12.35
C TYR A 59 -4.47 2.69 11.77
N LEU A 60 -4.06 3.20 10.63
CA LEU A 60 -2.77 2.72 10.04
C LEU A 60 -1.69 2.85 11.11
N GLN A 61 -1.80 3.86 11.91
CA GLN A 61 -0.80 4.08 12.99
C GLN A 61 -0.79 2.88 13.94
N GLN A 62 -1.92 2.53 14.49
CA GLN A 62 -1.97 1.40 15.45
C GLN A 62 -1.63 0.08 14.75
N LEU A 63 -2.20 -0.15 13.59
CA LEU A 63 -1.92 -1.44 12.88
C LEU A 63 -0.47 -1.51 12.44
N THR A 64 0.06 -0.42 11.97
CA THR A 64 1.49 -0.42 11.49
C THR A 64 2.35 0.35 12.48
N GLY A 65 2.11 1.62 12.60
CA GLY A 65 2.93 2.46 13.51
C GLY A 65 3.16 3.81 12.82
N ALA A 66 3.38 3.77 11.53
CA ALA A 66 3.61 5.03 10.77
C ALA A 66 2.31 5.48 10.10
N ARG A 67 2.03 6.75 10.13
CA ARG A 67 0.79 7.28 9.49
C ARG A 67 1.21 8.14 8.30
N THR A 68 2.21 7.71 7.59
CA THR A 68 2.74 8.52 6.44
C THR A 68 2.03 8.18 5.11
N VAL A 69 2.24 9.02 4.12
CA VAL A 69 1.65 8.82 2.76
C VAL A 69 2.82 8.57 1.80
N PRO A 70 2.79 7.50 1.04
CA PRO A 70 1.69 6.50 1.02
C PRO A 70 1.85 5.49 2.17
N ARG A 71 1.00 4.51 2.15
CA ARG A 71 1.07 3.41 3.14
C ARG A 71 0.73 2.14 2.35
N VAL A 72 1.75 1.41 1.96
CA VAL A 72 1.54 0.20 1.10
C VAL A 72 1.33 -1.07 1.93
N PHE A 73 0.71 -2.07 1.33
CA PHE A 73 0.45 -3.35 2.04
C PHE A 73 0.51 -4.54 1.09
N ILE A 74 1.66 -5.14 0.87
CA ILE A 74 1.66 -6.35 0.01
C ILE A 74 1.02 -7.43 0.87
N GLY A 75 -0.03 -8.06 0.42
CA GLY A 75 -0.68 -9.06 1.30
C GLY A 75 -1.11 -8.30 2.56
N LYS A 76 -1.36 -8.98 3.65
CA LYS A 76 -1.77 -8.22 4.88
C LYS A 76 -0.53 -7.68 5.61
N ASP A 77 0.65 -7.96 5.10
CA ASP A 77 1.88 -7.47 5.79
C ASP A 77 2.27 -6.09 5.24
N SER A 78 2.39 -5.12 6.11
CA SER A 78 2.79 -3.75 5.67
C SER A 78 4.27 -3.70 5.32
N ILE A 79 4.65 -2.90 4.37
CA ILE A 79 6.10 -2.79 4.00
C ILE A 79 6.61 -1.42 4.45
N GLY A 80 5.73 -0.48 4.64
CA GLY A 80 6.14 0.88 5.09
C GLY A 80 5.52 1.95 4.19
N GLY A 81 6.15 3.08 4.07
CA GLY A 81 5.59 4.17 3.21
C GLY A 81 6.25 4.15 1.84
N SER A 82 6.42 5.29 1.23
CA SER A 82 7.06 5.34 -0.11
C SER A 82 8.54 4.99 0.00
N SER A 83 9.28 5.78 0.72
CA SER A 83 10.73 5.50 0.86
C SER A 83 10.94 4.05 1.29
N ASP A 84 9.94 3.47 1.88
CA ASP A 84 10.06 2.04 2.31
C ASP A 84 9.92 1.14 1.08
N LEU A 85 8.93 1.39 0.27
CA LEU A 85 8.71 0.56 -0.95
C LEU A 85 9.99 0.54 -1.79
N VAL A 86 10.44 1.69 -2.22
CA VAL A 86 11.67 1.74 -3.07
C VAL A 86 12.79 0.95 -2.41
N SER A 87 13.09 1.22 -1.17
CA SER A 87 14.18 0.47 -0.51
C SER A 87 14.03 -1.02 -0.81
N LEU A 88 12.82 -1.49 -0.88
CA LEU A 88 12.57 -2.93 -1.17
C LEU A 88 12.65 -3.22 -2.67
N GLN A 89 12.12 -2.36 -3.51
CA GLN A 89 12.14 -2.64 -4.97
C GLN A 89 13.57 -2.81 -5.47
N GLN A 90 14.41 -1.83 -5.31
CA GLN A 90 15.80 -1.96 -5.80
C GLN A 90 16.51 -3.10 -5.06
N SER A 91 15.99 -3.48 -3.93
CA SER A 91 16.63 -4.59 -3.17
C SER A 91 16.13 -5.93 -3.70
N GLY A 92 14.98 -5.95 -4.30
CA GLY A 92 14.43 -7.22 -4.87
C GLY A 92 13.61 -7.95 -3.81
N GLU A 93 13.65 -7.50 -2.59
CA GLU A 93 12.85 -8.16 -1.52
C GLU A 93 11.37 -7.90 -1.81
N LEU A 94 11.08 -6.80 -2.44
CA LEU A 94 9.68 -6.44 -2.76
C LEU A 94 9.04 -7.49 -3.66
N LEU A 95 9.52 -7.62 -4.86
CA LEU A 95 8.91 -8.61 -5.79
C LEU A 95 8.89 -9.97 -5.10
N THR A 96 9.81 -10.19 -4.22
CA THR A 96 9.84 -11.48 -3.49
C THR A 96 8.59 -11.58 -2.62
N ARG A 97 8.28 -10.55 -1.88
CA ARG A 97 7.07 -10.61 -1.02
C ARG A 97 5.87 -10.83 -1.94
N LEU A 98 5.92 -10.27 -3.11
CA LEU A 98 4.81 -10.44 -4.07
C LEU A 98 4.83 -11.90 -4.57
N LYS A 99 6.01 -12.42 -4.75
CA LYS A 99 6.15 -13.82 -5.25
C LYS A 99 5.60 -14.85 -4.24
N GLN A 100 6.11 -14.86 -3.04
CA GLN A 100 5.64 -15.87 -2.05
C GLN A 100 4.11 -15.92 -2.00
N ILE A 101 3.43 -14.84 -2.30
CA ILE A 101 1.93 -14.89 -2.26
C ILE A 101 1.41 -14.95 -3.70
N GLY A 102 2.20 -14.56 -4.64
CA GLY A 102 1.75 -14.62 -6.07
C GLY A 102 0.99 -13.36 -6.43
N ALA A 103 1.46 -12.22 -6.00
CA ALA A 103 0.75 -10.95 -6.34
C ALA A 103 1.21 -10.45 -7.71
N LEU A 104 2.28 -11.01 -8.21
CA LEU A 104 2.79 -10.58 -9.55
C LEU A 104 2.25 -11.53 -10.62
N GLN A 105 2.64 -11.35 -11.85
CA GLN A 105 2.16 -12.24 -12.93
C GLN A 105 2.92 -13.56 -12.91
N ALA A 1 -11.12 1.95 12.38
CA ALA A 1 -11.38 1.69 10.93
C ALA A 1 -10.78 0.34 10.54
N GLN A 2 -10.54 -0.52 11.50
CA GLN A 2 -9.95 -1.84 11.18
C GLN A 2 -10.84 -2.57 10.17
N GLU A 3 -12.14 -2.51 10.35
CA GLU A 3 -13.06 -3.19 9.39
C GLU A 3 -12.89 -2.55 8.02
N PHE A 4 -12.71 -1.26 7.97
CA PHE A 4 -12.54 -0.55 6.67
C PHE A 4 -11.27 -1.07 5.97
N VAL A 5 -10.16 -0.97 6.63
CA VAL A 5 -8.88 -1.42 6.02
C VAL A 5 -8.80 -2.95 5.95
N ASN A 6 -9.24 -3.64 6.96
CA ASN A 6 -9.18 -5.12 6.92
C ASN A 6 -9.91 -5.66 5.69
N SER A 7 -10.96 -5.01 5.28
CA SER A 7 -11.71 -5.49 4.09
C SER A 7 -10.91 -5.16 2.82
N LYS A 8 -9.92 -4.32 2.93
CA LYS A 8 -9.11 -3.95 1.73
C LYS A 8 -7.83 -4.79 1.67
N ILE A 9 -7.07 -4.83 2.74
CA ILE A 9 -5.81 -5.63 2.73
C ILE A 9 -6.13 -7.10 2.96
N GLN A 10 -5.68 -7.96 2.09
CA GLN A 10 -5.91 -9.41 2.26
C GLN A 10 -4.71 -10.16 1.63
N PRO A 11 -4.48 -11.37 2.08
CA PRO A 11 -3.35 -12.18 1.59
C PRO A 11 -3.40 -12.33 0.05
N GLY A 12 -2.29 -12.10 -0.59
CA GLY A 12 -2.24 -12.25 -2.08
C GLY A 12 -2.83 -11.03 -2.76
N LYS A 13 -2.86 -9.90 -2.10
CA LYS A 13 -3.43 -8.68 -2.74
C LYS A 13 -2.64 -7.44 -2.33
N VAL A 14 -2.31 -6.59 -3.27
CA VAL A 14 -1.56 -5.36 -2.93
C VAL A 14 -2.52 -4.17 -2.88
N VAL A 15 -2.40 -3.35 -1.87
CA VAL A 15 -3.31 -2.17 -1.76
C VAL A 15 -2.49 -0.97 -1.28
N VAL A 16 -2.77 0.20 -1.80
CA VAL A 16 -2.00 1.40 -1.37
C VAL A 16 -2.94 2.48 -0.85
N PHE A 17 -2.70 2.94 0.35
CA PHE A 17 -3.54 4.03 0.92
C PHE A 17 -2.88 5.35 0.56
N ILE A 18 -3.56 6.19 -0.18
CA ILE A 18 -2.95 7.48 -0.62
C ILE A 18 -3.87 8.66 -0.33
N LYS A 19 -3.46 9.81 -0.76
CA LYS A 19 -4.26 11.05 -0.58
C LYS A 19 -4.01 11.91 -1.81
N PRO A 20 -4.81 11.72 -2.85
CA PRO A 20 -4.65 12.46 -4.11
C PRO A 20 -4.45 13.96 -3.85
N THR A 21 -3.33 14.29 -3.30
CA THR A 21 -3.01 15.72 -3.00
C THR A 21 -1.50 15.83 -2.78
N CYS A 22 -0.91 14.84 -2.16
CA CYS A 22 0.56 14.88 -1.92
C CYS A 22 1.28 14.07 -3.02
N PRO A 23 2.28 14.66 -3.64
CA PRO A 23 3.05 13.99 -4.71
C PRO A 23 3.70 12.69 -4.21
N TYR A 24 3.86 12.51 -2.93
CA TYR A 24 4.48 11.25 -2.43
C TYR A 24 3.47 10.11 -2.64
N SER A 25 2.23 10.36 -2.39
CA SER A 25 1.21 9.30 -2.61
C SER A 25 1.14 9.03 -4.11
N ARG A 26 1.29 10.06 -4.90
CA ARG A 26 1.28 9.90 -6.37
C ARG A 26 2.48 9.06 -6.80
N ARG A 27 3.59 9.23 -6.13
CA ARG A 27 4.81 8.45 -6.47
C ARG A 27 4.48 6.95 -6.40
N ALA A 28 3.91 6.52 -5.30
CA ALA A 28 3.56 5.08 -5.15
C ALA A 28 2.67 4.66 -6.31
N GLN A 29 1.82 5.54 -6.76
CA GLN A 29 0.93 5.21 -7.90
C GLN A 29 1.77 5.09 -9.17
N GLU A 30 2.76 5.92 -9.29
CA GLU A 30 3.63 5.91 -10.50
C GLU A 30 4.54 4.68 -10.53
N ILE A 31 5.07 4.27 -9.39
CA ILE A 31 5.99 3.09 -9.38
C ILE A 31 5.21 1.78 -9.49
N LEU A 32 4.42 1.46 -8.49
CA LEU A 32 3.66 0.18 -8.54
C LEU A 32 2.86 0.09 -9.85
N SER A 33 2.58 1.19 -10.48
CA SER A 33 1.83 1.11 -11.77
C SER A 33 2.72 0.43 -12.81
N GLN A 34 4.01 0.53 -12.65
CA GLN A 34 4.95 -0.09 -13.63
C GLN A 34 5.34 -1.50 -13.18
N LEU A 35 4.78 -1.99 -12.11
CA LEU A 35 5.15 -3.36 -11.63
C LEU A 35 4.20 -4.39 -12.28
N PRO A 36 4.76 -5.45 -12.84
CA PRO A 36 3.96 -6.50 -13.48
C PRO A 36 3.12 -7.24 -12.45
N ILE A 37 2.18 -6.57 -11.87
CA ILE A 37 1.31 -7.22 -10.86
C ILE A 37 0.21 -8.02 -11.56
N LYS A 38 -0.30 -9.03 -10.93
CA LYS A 38 -1.36 -9.86 -11.56
C LYS A 38 -2.52 -8.96 -12.01
N GLN A 39 -3.63 -9.54 -12.37
CA GLN A 39 -4.81 -8.75 -12.82
C GLN A 39 -5.16 -7.66 -11.80
N GLY A 40 -6.41 -7.52 -11.48
CA GLY A 40 -6.83 -6.48 -10.50
C GLY A 40 -6.26 -6.79 -9.12
N LEU A 41 -4.97 -6.97 -9.04
CA LEU A 41 -4.35 -7.27 -7.71
C LEU A 41 -3.73 -5.99 -7.14
N LEU A 42 -3.51 -5.01 -7.98
CA LEU A 42 -2.93 -3.73 -7.50
C LEU A 42 -4.03 -2.68 -7.46
N GLU A 43 -4.15 -1.97 -6.36
CA GLU A 43 -5.22 -0.94 -6.27
C GLU A 43 -4.68 0.31 -5.57
N PHE A 44 -5.47 1.34 -5.53
CA PHE A 44 -5.07 2.61 -4.87
C PHE A 44 -6.23 3.09 -4.01
N VAL A 45 -6.08 3.04 -2.71
CA VAL A 45 -7.21 3.44 -1.81
C VAL A 45 -7.07 4.89 -1.35
N ASP A 46 -7.86 5.77 -1.90
CA ASP A 46 -7.81 7.19 -1.47
C ASP A 46 -8.64 7.33 -0.20
N ILE A 47 -8.01 7.43 0.94
CA ILE A 47 -8.76 7.52 2.23
C ILE A 47 -9.62 8.79 2.26
N THR A 48 -9.53 9.63 1.25
CA THR A 48 -10.34 10.86 1.25
C THR A 48 -11.64 10.62 0.48
N ALA A 49 -11.70 9.55 -0.28
CA ALA A 49 -12.93 9.25 -1.05
C ALA A 49 -13.98 8.66 -0.11
N THR A 50 -13.75 8.71 1.18
CA THR A 50 -14.74 8.15 2.15
C THR A 50 -14.81 9.02 3.41
N ASN A 51 -13.81 9.85 3.62
CA ASN A 51 -13.80 10.74 4.83
C ASN A 51 -13.25 9.97 6.03
N HIS A 52 -13.35 10.53 7.20
CA HIS A 52 -12.82 9.83 8.41
C HIS A 52 -11.34 9.51 8.18
N THR A 53 -10.69 10.25 7.33
CA THR A 53 -9.25 9.99 7.04
C THR A 53 -8.50 9.70 8.35
N ASN A 54 -8.61 10.57 9.32
CA ASN A 54 -7.87 10.35 10.60
C ASN A 54 -8.17 8.96 11.16
N GLU A 55 -9.36 8.46 10.97
CA GLU A 55 -9.67 7.10 11.51
C GLU A 55 -8.81 6.07 10.78
N ILE A 56 -8.71 6.16 9.48
CA ILE A 56 -7.87 5.17 8.74
C ILE A 56 -6.40 5.41 9.07
N GLN A 57 -5.92 6.63 8.95
CA GLN A 57 -4.49 6.86 9.28
C GLN A 57 -4.27 6.42 10.71
N ASP A 58 -5.21 6.69 11.56
CA ASP A 58 -5.09 6.26 12.97
C ASP A 58 -4.87 4.75 12.95
N TYR A 59 -5.46 4.08 12.00
CA TYR A 59 -5.28 2.60 11.88
C TYR A 59 -3.90 2.31 11.30
N LEU A 60 -3.56 2.92 10.19
CA LEU A 60 -2.22 2.66 9.61
C LEU A 60 -1.17 2.94 10.68
N GLN A 61 -1.45 3.86 11.55
CA GLN A 61 -0.49 4.18 12.64
C GLN A 61 -0.31 2.97 13.56
N GLN A 62 -1.38 2.47 14.11
CA GLN A 62 -1.28 1.32 15.06
C GLN A 62 -0.80 0.04 14.34
N LEU A 63 -1.47 -0.37 13.31
CA LEU A 63 -1.06 -1.63 12.63
C LEU A 63 0.35 -1.51 12.03
N THR A 64 0.72 -0.34 11.60
CA THR A 64 2.08 -0.17 11.00
C THR A 64 2.96 0.64 11.93
N GLY A 65 2.61 1.87 12.18
CA GLY A 65 3.45 2.71 13.08
C GLY A 65 3.50 4.14 12.51
N ALA A 66 3.72 4.25 11.23
CA ALA A 66 3.78 5.61 10.61
C ALA A 66 2.42 5.92 9.97
N ARG A 67 1.96 7.12 10.11
CA ARG A 67 0.66 7.50 9.51
C ARG A 67 0.95 8.42 8.33
N THR A 68 2.10 8.28 7.74
CA THR A 68 2.48 9.16 6.61
C THR A 68 1.84 8.63 5.33
N VAL A 69 1.95 9.36 4.25
CA VAL A 69 1.36 8.91 2.96
C VAL A 69 2.50 8.72 1.94
N PRO A 70 2.44 7.66 1.17
CA PRO A 70 1.38 6.64 1.22
C PRO A 70 1.68 5.60 2.29
N ARG A 71 0.98 4.51 2.22
CA ARG A 71 1.18 3.38 3.16
C ARG A 71 0.85 2.11 2.37
N VAL A 72 1.85 1.45 1.87
CA VAL A 72 1.59 0.24 1.02
C VAL A 72 1.40 -1.01 1.88
N PHE A 73 0.79 -2.01 1.33
CA PHE A 73 0.55 -3.26 2.10
C PHE A 73 0.65 -4.49 1.19
N ILE A 74 1.78 -5.13 1.12
CA ILE A 74 1.86 -6.36 0.28
C ILE A 74 1.11 -7.42 1.06
N GLY A 75 -0.07 -7.78 0.64
CA GLY A 75 -0.85 -8.76 1.44
C GLY A 75 -1.08 -8.10 2.80
N LYS A 76 -1.13 -8.84 3.86
CA LYS A 76 -1.32 -8.17 5.19
C LYS A 76 0.05 -7.71 5.71
N ASP A 77 1.08 -7.89 4.92
CA ASP A 77 2.46 -7.48 5.35
C ASP A 77 2.74 -6.03 4.92
N SER A 78 2.79 -5.13 5.86
CA SER A 78 3.09 -3.71 5.52
C SER A 78 4.58 -3.57 5.18
N ILE A 79 4.92 -2.71 4.26
CA ILE A 79 6.36 -2.52 3.91
C ILE A 79 6.81 -1.12 4.31
N GLY A 80 5.88 -0.21 4.45
CA GLY A 80 6.25 1.17 4.85
C GLY A 80 5.51 2.18 3.97
N GLY A 81 6.05 3.36 3.81
CA GLY A 81 5.39 4.39 2.97
C GLY A 81 6.05 4.46 1.60
N SER A 82 6.17 5.64 1.05
CA SER A 82 6.80 5.78 -0.29
C SER A 82 8.31 5.53 -0.22
N SER A 83 9.02 6.38 0.45
CA SER A 83 10.49 6.20 0.55
C SER A 83 10.81 4.78 1.02
N ASP A 84 9.89 4.16 1.70
CA ASP A 84 10.12 2.77 2.17
C ASP A 84 10.01 1.80 0.99
N LEU A 85 8.97 1.94 0.22
CA LEU A 85 8.78 1.03 -0.96
C LEU A 85 10.01 1.06 -1.87
N VAL A 86 10.35 2.22 -2.37
CA VAL A 86 11.51 2.32 -3.29
C VAL A 86 12.73 1.60 -2.72
N SER A 87 13.06 1.83 -1.48
CA SER A 87 14.26 1.13 -0.91
C SER A 87 14.16 -0.36 -1.21
N LEU A 88 12.99 -0.92 -1.05
CA LEU A 88 12.80 -2.38 -1.29
C LEU A 88 12.82 -2.72 -2.80
N GLN A 89 12.21 -1.92 -3.61
CA GLN A 89 12.17 -2.24 -5.07
C GLN A 89 13.59 -2.33 -5.65
N GLN A 90 14.36 -1.30 -5.52
CA GLN A 90 15.75 -1.33 -6.08
C GLN A 90 16.54 -2.43 -5.39
N SER A 91 16.16 -2.77 -4.19
CA SER A 91 16.88 -3.85 -3.45
C SER A 91 16.37 -5.22 -3.90
N GLY A 92 15.20 -5.27 -4.49
CA GLY A 92 14.66 -6.58 -4.95
C GLY A 92 13.89 -7.26 -3.83
N GLU A 93 14.00 -6.77 -2.62
CA GLU A 93 13.29 -7.40 -1.49
C GLU A 93 11.78 -7.18 -1.67
N LEU A 94 11.41 -6.15 -2.38
CA LEU A 94 9.96 -5.86 -2.60
C LEU A 94 9.31 -7.03 -3.33
N LEU A 95 9.74 -7.27 -4.53
CA LEU A 95 9.12 -8.37 -5.33
C LEU A 95 9.13 -9.65 -4.51
N THR A 96 10.07 -9.76 -3.61
CA THR A 96 10.12 -10.98 -2.77
C THR A 96 8.85 -11.05 -1.93
N ARG A 97 8.47 -9.97 -1.29
CA ARG A 97 7.21 -10.02 -0.46
C ARG A 97 6.04 -10.36 -1.39
N LEU A 98 6.10 -9.92 -2.61
CA LEU A 98 5.02 -10.22 -3.56
C LEU A 98 5.08 -11.70 -3.95
N LYS A 99 6.25 -12.22 -4.13
CA LYS A 99 6.43 -13.65 -4.54
C LYS A 99 5.94 -14.61 -3.45
N GLN A 100 6.39 -14.47 -2.23
CA GLN A 100 5.96 -15.42 -1.17
C GLN A 100 4.44 -15.60 -1.19
N ILE A 101 3.70 -14.59 -1.52
CA ILE A 101 2.21 -14.74 -1.57
C ILE A 101 1.76 -14.88 -3.03
N GLY A 102 2.65 -14.61 -3.95
CA GLY A 102 2.28 -14.75 -5.39
C GLY A 102 1.46 -13.55 -5.86
N ALA A 103 1.85 -12.36 -5.47
CA ALA A 103 1.08 -11.15 -5.89
C ALA A 103 1.59 -10.69 -7.25
N LEU A 104 2.75 -11.12 -7.65
CA LEU A 104 3.30 -10.70 -8.97
C LEU A 104 3.00 -11.79 -10.02
N GLN A 105 3.46 -11.60 -11.23
CA GLN A 105 3.21 -12.60 -12.29
C GLN A 105 4.19 -13.77 -12.13
N ALA A 1 -11.99 2.83 12.32
CA ALA A 1 -11.76 2.35 10.94
C ALA A 1 -11.06 1.00 11.01
N GLN A 2 -11.80 -0.06 11.20
CA GLN A 2 -11.19 -1.42 11.29
C GLN A 2 -11.52 -2.20 10.02
N GLU A 3 -12.73 -2.67 9.90
CA GLU A 3 -13.10 -3.44 8.68
C GLU A 3 -12.81 -2.59 7.44
N PHE A 4 -12.50 -1.33 7.64
CA PHE A 4 -12.20 -0.43 6.50
C PHE A 4 -10.96 -0.96 5.76
N VAL A 5 -9.81 -0.81 6.35
CA VAL A 5 -8.56 -1.28 5.67
C VAL A 5 -8.47 -2.81 5.71
N ASN A 6 -8.90 -3.42 6.77
CA ASN A 6 -8.83 -4.90 6.85
C ASN A 6 -9.61 -5.52 5.68
N SER A 7 -10.71 -4.92 5.30
CA SER A 7 -11.51 -5.48 4.17
C SER A 7 -10.78 -5.19 2.86
N LYS A 8 -9.81 -4.32 2.90
CA LYS A 8 -9.07 -3.97 1.65
C LYS A 8 -7.77 -4.79 1.55
N ILE A 9 -6.99 -4.83 2.60
CA ILE A 9 -5.73 -5.63 2.53
C ILE A 9 -6.06 -7.11 2.73
N GLN A 10 -5.65 -7.93 1.81
CA GLN A 10 -5.94 -9.40 1.91
C GLN A 10 -4.75 -10.16 1.29
N PRO A 11 -4.47 -11.34 1.80
CA PRO A 11 -3.35 -12.16 1.31
C PRO A 11 -3.35 -12.29 -0.21
N GLY A 12 -2.21 -12.16 -0.82
CA GLY A 12 -2.12 -12.29 -2.30
C GLY A 12 -2.72 -11.05 -2.98
N LYS A 13 -2.74 -9.92 -2.32
CA LYS A 13 -3.31 -8.70 -2.94
C LYS A 13 -2.52 -7.46 -2.52
N VAL A 14 -2.28 -6.55 -3.42
CA VAL A 14 -1.53 -5.31 -3.08
C VAL A 14 -2.50 -4.12 -3.00
N VAL A 15 -2.35 -3.29 -2.01
CA VAL A 15 -3.24 -2.10 -1.89
C VAL A 15 -2.42 -0.92 -1.37
N VAL A 16 -2.71 0.27 -1.82
CA VAL A 16 -1.94 1.46 -1.39
C VAL A 16 -2.87 2.53 -0.83
N PHE A 17 -2.64 2.95 0.38
CA PHE A 17 -3.48 4.03 0.97
C PHE A 17 -2.79 5.36 0.66
N ILE A 18 -3.46 6.24 -0.04
CA ILE A 18 -2.80 7.53 -0.42
C ILE A 18 -3.69 8.72 -0.11
N LYS A 19 -3.25 9.87 -0.54
CA LYS A 19 -4.02 11.12 -0.33
C LYS A 19 -3.75 12.02 -1.54
N PRO A 20 -4.58 11.93 -2.56
CA PRO A 20 -4.39 12.72 -3.78
C PRO A 20 -4.09 14.18 -3.44
N THR A 21 -2.89 14.43 -3.00
CA THR A 21 -2.49 15.81 -2.63
C THR A 21 -0.97 15.84 -2.42
N CYS A 22 -0.42 14.81 -1.86
CA CYS A 22 1.07 14.79 -1.61
C CYS A 22 1.78 13.99 -2.74
N PRO A 23 2.83 14.56 -3.30
CA PRO A 23 3.61 13.92 -4.37
C PRO A 23 4.21 12.57 -3.92
N TYR A 24 4.34 12.35 -2.64
CA TYR A 24 4.92 11.06 -2.17
C TYR A 24 3.94 9.93 -2.46
N SER A 25 2.69 10.16 -2.22
CA SER A 25 1.68 9.11 -2.50
C SER A 25 1.66 8.85 -4.00
N ARG A 26 1.88 9.87 -4.79
CA ARG A 26 1.87 9.66 -6.28
C ARG A 26 3.01 8.69 -6.64
N ARG A 27 4.17 8.90 -6.10
CA ARG A 27 5.33 8.00 -6.43
C ARG A 27 4.89 6.53 -6.30
N ALA A 28 4.23 6.20 -5.23
CA ALA A 28 3.78 4.80 -5.07
C ALA A 28 2.86 4.44 -6.24
N GLN A 29 2.04 5.36 -6.66
CA GLN A 29 1.13 5.09 -7.81
C GLN A 29 1.94 4.98 -9.09
N GLU A 30 2.84 5.90 -9.31
CA GLU A 30 3.65 5.89 -10.55
C GLU A 30 4.59 4.68 -10.59
N ILE A 31 5.16 4.30 -9.48
CA ILE A 31 6.10 3.14 -9.49
C ILE A 31 5.34 1.82 -9.57
N LEU A 32 4.43 1.56 -8.67
CA LEU A 32 3.68 0.28 -8.72
C LEU A 32 2.96 0.17 -10.07
N SER A 33 2.77 1.28 -10.73
CA SER A 33 2.10 1.26 -12.05
C SER A 33 2.99 0.54 -13.06
N GLN A 34 4.28 0.59 -12.87
CA GLN A 34 5.22 -0.08 -13.82
C GLN A 34 5.49 -1.53 -13.36
N LEU A 35 4.85 -1.95 -12.30
CA LEU A 35 5.08 -3.34 -11.81
C LEU A 35 4.06 -4.30 -12.45
N PRO A 36 4.53 -5.36 -13.07
CA PRO A 36 3.64 -6.35 -13.72
C PRO A 36 2.77 -7.04 -12.67
N ILE A 37 1.91 -6.29 -12.05
CA ILE A 37 1.00 -6.89 -11.02
C ILE A 37 -0.14 -7.61 -11.73
N LYS A 38 -0.62 -8.68 -11.17
CA LYS A 38 -1.73 -9.41 -11.83
C LYS A 38 -2.87 -8.41 -12.13
N GLN A 39 -3.95 -8.87 -12.70
CA GLN A 39 -5.09 -7.95 -13.04
C GLN A 39 -5.52 -7.09 -11.84
N GLY A 40 -6.77 -7.16 -11.47
CA GLY A 40 -7.30 -6.35 -10.34
C GLY A 40 -6.62 -6.70 -9.02
N LEU A 41 -5.32 -6.75 -9.00
CA LEU A 41 -4.60 -7.08 -7.72
C LEU A 41 -3.98 -5.81 -7.15
N LEU A 42 -3.72 -4.84 -7.98
CA LEU A 42 -3.12 -3.57 -7.50
C LEU A 42 -4.21 -2.50 -7.42
N GLU A 43 -4.29 -1.81 -6.32
CA GLU A 43 -5.33 -0.75 -6.17
C GLU A 43 -4.76 0.44 -5.40
N PHE A 44 -5.41 1.57 -5.50
CA PHE A 44 -4.95 2.80 -4.78
C PHE A 44 -6.11 3.30 -3.94
N VAL A 45 -5.96 3.28 -2.64
CA VAL A 45 -7.08 3.70 -1.75
C VAL A 45 -6.92 5.15 -1.26
N ASP A 46 -7.69 6.04 -1.81
CA ASP A 46 -7.63 7.46 -1.36
C ASP A 46 -8.46 7.59 -0.08
N ILE A 47 -7.81 7.60 1.06
CA ILE A 47 -8.56 7.68 2.35
C ILE A 47 -9.38 8.97 2.46
N THR A 48 -9.29 9.85 1.49
CA THR A 48 -10.09 11.12 1.57
C THR A 48 -11.40 10.93 0.82
N ALA A 49 -11.45 10.00 -0.09
CA ALA A 49 -12.70 9.77 -0.86
C ALA A 49 -13.68 8.96 0.01
N THR A 50 -13.44 8.88 1.29
CA THR A 50 -14.35 8.08 2.17
C THR A 50 -14.52 8.79 3.53
N ASN A 51 -13.93 9.94 3.68
CA ASN A 51 -14.05 10.68 4.97
C ASN A 51 -13.33 9.89 6.07
N HIS A 52 -13.42 10.34 7.30
CA HIS A 52 -12.75 9.62 8.42
C HIS A 52 -11.25 9.54 8.15
N THR A 53 -10.74 10.38 7.29
CA THR A 53 -9.28 10.36 6.97
C THR A 53 -8.47 10.00 8.22
N ASN A 54 -8.49 10.83 9.22
CA ASN A 54 -7.71 10.57 10.45
C ASN A 54 -8.04 9.20 11.04
N GLU A 55 -9.28 8.77 10.98
CA GLU A 55 -9.62 7.44 11.57
C GLU A 55 -8.80 6.35 10.89
N ILE A 56 -8.72 6.36 9.59
CA ILE A 56 -7.93 5.32 8.90
C ILE A 56 -6.44 5.48 9.26
N GLN A 57 -5.90 6.66 9.11
CA GLN A 57 -4.47 6.84 9.47
C GLN A 57 -4.30 6.47 10.93
N ASP A 58 -5.21 6.88 11.75
CA ASP A 58 -5.13 6.50 13.18
C ASP A 58 -5.08 4.98 13.25
N TYR A 59 -5.75 4.33 12.32
CA TYR A 59 -5.73 2.84 12.30
C TYR A 59 -4.41 2.38 11.67
N LEU A 60 -4.07 2.89 10.51
CA LEU A 60 -2.79 2.47 9.87
C LEU A 60 -1.66 2.70 10.87
N GLN A 61 -1.83 3.64 11.74
CA GLN A 61 -0.79 3.93 12.75
C GLN A 61 -0.59 2.71 13.67
N GLN A 62 -1.66 2.26 14.30
CA GLN A 62 -1.57 1.09 15.22
C GLN A 62 -1.30 -0.20 14.43
N LEU A 63 -1.90 -0.35 13.28
CA LEU A 63 -1.70 -1.59 12.48
C LEU A 63 -0.23 -1.69 12.04
N THR A 64 0.37 -0.60 11.64
CA THR A 64 1.79 -0.63 11.19
C THR A 64 2.65 0.15 12.18
N GLY A 65 2.51 1.44 12.19
CA GLY A 65 3.31 2.27 13.13
C GLY A 65 3.45 3.69 12.57
N ALA A 66 3.58 3.80 11.26
CA ALA A 66 3.73 5.16 10.65
C ALA A 66 2.40 5.61 10.03
N ARG A 67 1.96 6.79 10.33
CA ARG A 67 0.71 7.30 9.73
C ARG A 67 1.10 8.18 8.54
N THR A 68 2.25 7.91 7.98
CA THR A 68 2.71 8.73 6.82
C THR A 68 2.03 8.26 5.53
N VAL A 69 2.16 9.03 4.49
CA VAL A 69 1.55 8.66 3.18
C VAL A 69 2.70 8.45 2.18
N PRO A 70 2.64 7.42 1.37
CA PRO A 70 1.53 6.43 1.32
C PRO A 70 1.65 5.41 2.46
N ARG A 71 0.92 4.34 2.32
CA ARG A 71 0.94 3.22 3.29
C ARG A 71 0.71 1.95 2.46
N VAL A 72 1.77 1.35 2.01
CA VAL A 72 1.63 0.15 1.13
C VAL A 72 1.45 -1.13 1.96
N PHE A 73 0.78 -2.10 1.39
CA PHE A 73 0.55 -3.38 2.11
C PHE A 73 0.66 -4.56 1.14
N ILE A 74 1.80 -5.15 0.99
CA ILE A 74 1.89 -6.32 0.09
C ILE A 74 1.17 -7.44 0.83
N GLY A 75 -0.01 -7.81 0.39
CA GLY A 75 -0.75 -8.86 1.14
C GLY A 75 -1.09 -8.24 2.50
N LYS A 76 -1.15 -9.01 3.55
CA LYS A 76 -1.45 -8.41 4.88
C LYS A 76 -0.16 -7.90 5.53
N ASP A 77 0.96 -8.15 4.91
CA ASP A 77 2.26 -7.70 5.49
C ASP A 77 2.61 -6.28 5.03
N SER A 78 2.69 -5.35 5.94
CA SER A 78 3.02 -3.95 5.57
C SER A 78 4.51 -3.84 5.24
N ILE A 79 4.88 -2.91 4.38
CA ILE A 79 6.33 -2.74 4.03
C ILE A 79 6.79 -1.34 4.45
N GLY A 80 5.87 -0.43 4.64
CA GLY A 80 6.25 0.96 5.05
C GLY A 80 5.55 1.98 4.18
N GLY A 81 6.16 3.12 3.97
CA GLY A 81 5.54 4.19 3.14
C GLY A 81 6.20 4.25 1.76
N SER A 82 6.37 5.42 1.23
CA SER A 82 6.99 5.57 -0.12
C SER A 82 8.48 5.24 -0.04
N SER A 83 9.22 6.00 0.72
CA SER A 83 10.68 5.75 0.83
C SER A 83 10.94 4.29 1.19
N ASP A 84 10.01 3.68 1.87
CA ASP A 84 10.19 2.25 2.25
C ASP A 84 10.02 1.38 1.00
N LEU A 85 9.00 1.64 0.23
CA LEU A 85 8.77 0.83 -1.00
C LEU A 85 10.00 0.87 -1.89
N VAL A 86 10.34 2.03 -2.39
CA VAL A 86 11.52 2.16 -3.30
C VAL A 86 12.71 1.38 -2.73
N SER A 87 12.99 1.55 -1.47
CA SER A 87 14.15 0.82 -0.89
C SER A 87 14.04 -0.67 -1.25
N LEU A 88 12.89 -1.26 -1.05
CA LEU A 88 12.71 -2.71 -1.37
C LEU A 88 12.63 -2.95 -2.89
N GLN A 89 12.11 -2.03 -3.65
CA GLN A 89 12.01 -2.26 -5.12
C GLN A 89 13.42 -2.44 -5.69
N GLN A 90 14.26 -1.44 -5.56
CA GLN A 90 15.63 -1.55 -6.12
C GLN A 90 16.40 -2.70 -5.46
N SER A 91 16.04 -3.06 -4.26
CA SER A 91 16.76 -4.16 -3.56
C SER A 91 16.28 -5.53 -4.06
N GLY A 92 15.08 -5.61 -4.58
CA GLY A 92 14.58 -6.93 -5.09
C GLY A 92 13.77 -7.64 -3.99
N GLU A 93 13.83 -7.16 -2.78
CA GLU A 93 13.07 -7.81 -1.68
C GLU A 93 11.57 -7.60 -1.94
N LEU A 94 11.23 -6.50 -2.55
CA LEU A 94 9.80 -6.20 -2.85
C LEU A 94 9.19 -7.30 -3.71
N LEU A 95 9.69 -7.46 -4.91
CA LEU A 95 9.12 -8.49 -5.81
C LEU A 95 9.15 -9.82 -5.09
N THR A 96 10.10 -10.00 -4.24
CA THR A 96 10.18 -11.27 -3.48
C THR A 96 8.94 -11.34 -2.56
N ARG A 97 8.58 -10.25 -1.95
CA ARG A 97 7.37 -10.25 -1.07
C ARG A 97 6.14 -10.54 -1.93
N LEU A 98 6.15 -10.04 -3.14
CA LEU A 98 5.01 -10.28 -4.04
C LEU A 98 5.01 -11.76 -4.48
N LYS A 99 6.17 -12.34 -4.61
CA LYS A 99 6.28 -13.77 -5.06
C LYS A 99 5.78 -14.74 -3.99
N GLN A 100 6.34 -14.71 -2.80
CA GLN A 100 5.92 -15.67 -1.74
C GLN A 100 4.39 -15.77 -1.70
N ILE A 101 3.69 -14.72 -2.02
CA ILE A 101 2.20 -14.78 -2.01
C ILE A 101 1.69 -14.87 -3.45
N GLY A 102 2.53 -14.57 -4.40
CA GLY A 102 2.11 -14.65 -5.83
C GLY A 102 1.29 -13.43 -6.22
N ALA A 103 1.71 -12.27 -5.82
CA ALA A 103 0.94 -11.04 -6.18
C ALA A 103 1.38 -10.55 -7.55
N LEU A 104 2.48 -11.06 -8.05
CA LEU A 104 2.95 -10.62 -9.40
C LEU A 104 2.45 -11.60 -10.46
N GLN A 105 2.85 -11.41 -11.68
CA GLN A 105 2.42 -12.35 -12.75
C GLN A 105 3.25 -13.63 -12.66
#